data_1AIK
# 
_entry.id   1AIK 
# 
_audit_conform.dict_name       mmcif_pdbx.dic 
_audit_conform.dict_version    5.397 
_audit_conform.dict_location   http://mmcif.pdb.org/dictionaries/ascii/mmcif_pdbx.dic 
# 
loop_
_database_2.database_id 
_database_2.database_code 
_database_2.pdbx_database_accession 
_database_2.pdbx_DOI 
PDB   1AIK         pdb_00001aik 10.2210/pdb1aik/pdb 
WWPDB D_1000170860 ?            ?                   
# 
loop_
_pdbx_audit_revision_history.ordinal 
_pdbx_audit_revision_history.data_content_type 
_pdbx_audit_revision_history.major_revision 
_pdbx_audit_revision_history.minor_revision 
_pdbx_audit_revision_history.revision_date 
1 'Structure model' 1 0 1997-06-16 
2 'Structure model' 1 1 2008-03-24 
3 'Structure model' 1 2 2011-07-13 
4 'Structure model' 1 3 2024-06-05 
5 'Structure model' 1 4 2024-10-16 
# 
_pdbx_audit_revision_details.ordinal             1 
_pdbx_audit_revision_details.revision_ordinal    1 
_pdbx_audit_revision_details.data_content_type   'Structure model' 
_pdbx_audit_revision_details.provider            repository 
_pdbx_audit_revision_details.type                'Initial release' 
_pdbx_audit_revision_details.description         ? 
_pdbx_audit_revision_details.details             ? 
# 
loop_
_pdbx_audit_revision_group.ordinal 
_pdbx_audit_revision_group.revision_ordinal 
_pdbx_audit_revision_group.data_content_type 
_pdbx_audit_revision_group.group 
1 2 'Structure model' 'Version format compliance' 
2 3 'Structure model' 'Derived calculations'      
3 3 'Structure model' 'Version format compliance' 
4 4 'Structure model' 'Data collection'           
5 4 'Structure model' 'Database references'       
6 4 'Structure model' 'Derived calculations'      
7 4 'Structure model' Other                       
8 5 'Structure model' 'Structure summary'         
# 
loop_
_pdbx_audit_revision_category.ordinal 
_pdbx_audit_revision_category.revision_ordinal 
_pdbx_audit_revision_category.data_content_type 
_pdbx_audit_revision_category.category 
1 4 'Structure model' chem_comp_atom            
2 4 'Structure model' chem_comp_bond            
3 4 'Structure model' database_2                
4 4 'Structure model' pdbx_database_status      
5 4 'Structure model' struct_conn               
6 5 'Structure model' pdbx_entry_details        
7 5 'Structure model' pdbx_modification_feature 
# 
loop_
_pdbx_audit_revision_item.ordinal 
_pdbx_audit_revision_item.revision_ordinal 
_pdbx_audit_revision_item.data_content_type 
_pdbx_audit_revision_item.item 
1 4 'Structure model' '_database_2.pdbx_DOI'                
2 4 'Structure model' '_database_2.pdbx_database_accession' 
3 4 'Structure model' '_pdbx_database_status.process_site'  
4 4 'Structure model' '_struct_conn.pdbx_leaving_atom_flag' 
# 
_pdbx_database_status.status_code                     REL 
_pdbx_database_status.entry_id                        1AIK 
_pdbx_database_status.recvd_initial_deposition_date   1997-04-20 
_pdbx_database_status.deposit_site                    ? 
_pdbx_database_status.process_site                    BNL 
_pdbx_database_status.SG_entry                        . 
_pdbx_database_status.pdb_format_compatible           Y 
_pdbx_database_status.status_code_mr                  ? 
_pdbx_database_status.status_code_sf                  ? 
_pdbx_database_status.status_code_cs                  ? 
_pdbx_database_status.status_code_nmr_data            ? 
_pdbx_database_status.methods_development_category    ? 
# 
loop_
_audit_author.name 
_audit_author.pdbx_ordinal 
'Chan, D.C.'   1 
'Fass, D.'     2 
'Berger, J.M.' 3 
'Kim, P.S.'    4 
# 
_citation.id                        primary 
_citation.title                     'Core structure of gp41 from the HIV envelope glycoprotein.' 
_citation.journal_abbrev            'Cell(Cambridge,Mass.)' 
_citation.journal_volume            89 
_citation.page_first                263 
_citation.page_last                 273 
_citation.year                      1997 
_citation.journal_id_ASTM           CELLB5 
_citation.country                   US 
_citation.journal_id_ISSN           0092-8674 
_citation.journal_id_CSD            0998 
_citation.book_publisher            ? 
_citation.pdbx_database_id_PubMed   9108481 
_citation.pdbx_database_id_DOI      '10.1016/S0092-8674(00)80205-6' 
# 
loop_
_citation_author.citation_id 
_citation_author.name 
_citation_author.ordinal 
_citation_author.identifier_ORCID 
primary 'Chan, D.C.'   1 ? 
primary 'Fass, D.'     2 ? 
primary 'Berger, J.M.' 3 ? 
primary 'Kim, P.S.'    4 ? 
# 
loop_
_entity.id 
_entity.type 
_entity.src_method 
_entity.pdbx_description 
_entity.formula_weight 
_entity.pdbx_number_of_molecules 
_entity.pdbx_ec 
_entity.pdbx_mutation 
_entity.pdbx_fragment 
_entity.details 
1 polymer man 'HIV-1 GP41 GLYCOPROTEIN' 4152.843 1  ? ? 'PROTEASE-RESISTANT CORE' 'N36 AND C34 ARE SYNTHETIC PEPTIDES' 
2 polymer man 'HIV-1 GP41 GLYCOPROTEIN' 4277.615 1  ? ? 'PROTEASE-RESISTANT CORE' 'N36 AND C34 ARE SYNTHETIC PEPTIDES' 
3 water   nat water                     18.015   43 ? ? ?                         ?                                    
# 
loop_
_entity_poly.entity_id 
_entity_poly.type 
_entity_poly.nstd_linkage 
_entity_poly.nstd_monomer 
_entity_poly.pdbx_seq_one_letter_code 
_entity_poly.pdbx_seq_one_letter_code_can 
_entity_poly.pdbx_strand_id 
_entity_poly.pdbx_target_identifier 
1 'polypeptide(L)' no yes '(ACE)SGIVQQQNNLLRAIEAQQHLLQLTVWGIKQLQARIL' XSGIVQQQNNLLRAIEAQQHLLQLTVWGIKQLQARIL N ? 
2 'polypeptide(L)' no yes '(ACE)WMEWDREINNYTSLIHSLIEESQNQQEKNEQELL'   XWMEWDREINNYTSLIHSLIEESQNQQEKNEQELL   C ? 
# 
_pdbx_entity_nonpoly.entity_id   3 
_pdbx_entity_nonpoly.name        water 
_pdbx_entity_nonpoly.comp_id     HOH 
# 
loop_
_entity_poly_seq.entity_id 
_entity_poly_seq.num 
_entity_poly_seq.mon_id 
_entity_poly_seq.hetero 
1 1  ACE n 
1 2  SER n 
1 3  GLY n 
1 4  ILE n 
1 5  VAL n 
1 6  GLN n 
1 7  GLN n 
1 8  GLN n 
1 9  ASN n 
1 10 ASN n 
1 11 LEU n 
1 12 LEU n 
1 13 ARG n 
1 14 ALA n 
1 15 ILE n 
1 16 GLU n 
1 17 ALA n 
1 18 GLN n 
1 19 GLN n 
1 20 HIS n 
1 21 LEU n 
1 22 LEU n 
1 23 GLN n 
1 24 LEU n 
1 25 THR n 
1 26 VAL n 
1 27 TRP n 
1 28 GLY n 
1 29 ILE n 
1 30 LYS n 
1 31 GLN n 
1 32 LEU n 
1 33 GLN n 
1 34 ALA n 
1 35 ARG n 
1 36 ILE n 
1 37 LEU n 
2 1  ACE n 
2 2  TRP n 
2 3  MET n 
2 4  GLU n 
2 5  TRP n 
2 6  ASP n 
2 7  ARG n 
2 8  GLU n 
2 9  ILE n 
2 10 ASN n 
2 11 ASN n 
2 12 TYR n 
2 13 THR n 
2 14 SER n 
2 15 LEU n 
2 16 ILE n 
2 17 HIS n 
2 18 SER n 
2 19 LEU n 
2 20 ILE n 
2 21 GLU n 
2 22 GLU n 
2 23 SER n 
2 24 GLN n 
2 25 ASN n 
2 26 GLN n 
2 27 GLN n 
2 28 GLU n 
2 29 LYS n 
2 30 ASN n 
2 31 GLU n 
2 32 GLN n 
2 33 GLU n 
2 34 LEU n 
2 35 LEU n 
# 
loop_
_entity_src_gen.entity_id 
_entity_src_gen.pdbx_src_id 
_entity_src_gen.pdbx_alt_source_flag 
_entity_src_gen.pdbx_seq_type 
_entity_src_gen.pdbx_beg_seq_num 
_entity_src_gen.pdbx_end_seq_num 
_entity_src_gen.gene_src_common_name 
_entity_src_gen.gene_src_genus 
_entity_src_gen.pdbx_gene_src_gene 
_entity_src_gen.gene_src_species 
_entity_src_gen.gene_src_strain 
_entity_src_gen.gene_src_tissue 
_entity_src_gen.gene_src_tissue_fraction 
_entity_src_gen.gene_src_details 
_entity_src_gen.pdbx_gene_src_fragment 
_entity_src_gen.pdbx_gene_src_scientific_name 
_entity_src_gen.pdbx_gene_src_ncbi_taxonomy_id 
_entity_src_gen.pdbx_gene_src_variant 
_entity_src_gen.pdbx_gene_src_cell_line 
_entity_src_gen.pdbx_gene_src_atcc 
_entity_src_gen.pdbx_gene_src_organ 
_entity_src_gen.pdbx_gene_src_organelle 
_entity_src_gen.pdbx_gene_src_cell 
_entity_src_gen.pdbx_gene_src_cellular_location 
_entity_src_gen.host_org_common_name 
_entity_src_gen.pdbx_host_org_scientific_name 
_entity_src_gen.pdbx_host_org_ncbi_taxonomy_id 
_entity_src_gen.host_org_genus 
_entity_src_gen.pdbx_host_org_gene 
_entity_src_gen.pdbx_host_org_organ 
_entity_src_gen.host_org_species 
_entity_src_gen.pdbx_host_org_tissue 
_entity_src_gen.pdbx_host_org_tissue_fraction 
_entity_src_gen.pdbx_host_org_strain 
_entity_src_gen.pdbx_host_org_variant 
_entity_src_gen.pdbx_host_org_cell_line 
_entity_src_gen.pdbx_host_org_atcc 
_entity_src_gen.pdbx_host_org_culture_collection 
_entity_src_gen.pdbx_host_org_cell 
_entity_src_gen.pdbx_host_org_organelle 
_entity_src_gen.pdbx_host_org_cellular_location 
_entity_src_gen.pdbx_host_org_vector_type 
_entity_src_gen.pdbx_host_org_vector 
_entity_src_gen.host_org_details 
_entity_src_gen.expression_system_id 
_entity_src_gen.plasmid_name 
_entity_src_gen.plasmid_details 
_entity_src_gen.pdbx_description 
1 1 sample ? ? ? ? Lentivirus GP41 'Human immunodeficiency virus 1' HXB2 ? ? ? ? 'HIV-1 M:B_HXB2R' 11706 ? ? ? ? ? ? 
'VIRAL MEMBRANE' ? 'Escherichia coli' 562 Escherichia GP41 ? ? ? ? ? ? ? ? ? ? ? ? ? ? ? ? ? ? ? 
2 1 sample ? ? ? ? Lentivirus GP41 'Human immunodeficiency virus 1' HXB2 ? ? ? ? 'HIV-1 M:B_HXB2R' 11706 ? ? ? ? ? ? 
'VIRAL MEMBRANE' ? 'Escherichia coli' 562 Escherichia GP41 ? ? ? ? ? ? ? ? ? ? ? ? ? ? ? ? ? ? ? 
# 
loop_
_chem_comp.id 
_chem_comp.type 
_chem_comp.mon_nstd_flag 
_chem_comp.name 
_chem_comp.pdbx_synonyms 
_chem_comp.formula 
_chem_comp.formula_weight 
ACE non-polymer         . 'ACETYL GROUP'  ? 'C2 H4 O'        44.053  
ALA 'L-peptide linking' y ALANINE         ? 'C3 H7 N O2'     89.093  
ARG 'L-peptide linking' y ARGININE        ? 'C6 H15 N4 O2 1' 175.209 
ASN 'L-peptide linking' y ASPARAGINE      ? 'C4 H8 N2 O3'    132.118 
ASP 'L-peptide linking' y 'ASPARTIC ACID' ? 'C4 H7 N O4'     133.103 
GLN 'L-peptide linking' y GLUTAMINE       ? 'C5 H10 N2 O3'   146.144 
GLU 'L-peptide linking' y 'GLUTAMIC ACID' ? 'C5 H9 N O4'     147.129 
GLY 'peptide linking'   y GLYCINE         ? 'C2 H5 N O2'     75.067  
HIS 'L-peptide linking' y HISTIDINE       ? 'C6 H10 N3 O2 1' 156.162 
HOH non-polymer         . WATER           ? 'H2 O'           18.015  
ILE 'L-peptide linking' y ISOLEUCINE      ? 'C6 H13 N O2'    131.173 
LEU 'L-peptide linking' y LEUCINE         ? 'C6 H13 N O2'    131.173 
LYS 'L-peptide linking' y LYSINE          ? 'C6 H15 N2 O2 1' 147.195 
MET 'L-peptide linking' y METHIONINE      ? 'C5 H11 N O2 S'  149.211 
SER 'L-peptide linking' y SERINE          ? 'C3 H7 N O3'     105.093 
THR 'L-peptide linking' y THREONINE       ? 'C4 H9 N O3'     119.119 
TRP 'L-peptide linking' y TRYPTOPHAN      ? 'C11 H12 N2 O2'  204.225 
TYR 'L-peptide linking' y TYROSINE        ? 'C9 H11 N O3'    181.189 
VAL 'L-peptide linking' y VALINE          ? 'C5 H11 N O2'    117.146 
# 
loop_
_pdbx_poly_seq_scheme.asym_id 
_pdbx_poly_seq_scheme.entity_id 
_pdbx_poly_seq_scheme.seq_id 
_pdbx_poly_seq_scheme.mon_id 
_pdbx_poly_seq_scheme.ndb_seq_num 
_pdbx_poly_seq_scheme.pdb_seq_num 
_pdbx_poly_seq_scheme.auth_seq_num 
_pdbx_poly_seq_scheme.pdb_mon_id 
_pdbx_poly_seq_scheme.auth_mon_id 
_pdbx_poly_seq_scheme.pdb_strand_id 
_pdbx_poly_seq_scheme.pdb_ins_code 
_pdbx_poly_seq_scheme.hetero 
A 1 1  ACE 1  545 0   ACE ACE N . n 
A 1 2  SER 2  546 546 SER SER N . n 
A 1 3  GLY 3  547 547 GLY GLY N . n 
A 1 4  ILE 4  548 548 ILE ILE N . n 
A 1 5  VAL 5  549 549 VAL VAL N . n 
A 1 6  GLN 6  550 550 GLN GLN N . n 
A 1 7  GLN 7  551 551 GLN GLN N . n 
A 1 8  GLN 8  552 552 GLN GLN N . n 
A 1 9  ASN 9  553 553 ASN ASN N . n 
A 1 10 ASN 10 554 554 ASN ASN N . n 
A 1 11 LEU 11 555 555 LEU LEU N . n 
A 1 12 LEU 12 556 556 LEU LEU N . n 
A 1 13 ARG 13 557 557 ARG ARG N . n 
A 1 14 ALA 14 558 558 ALA ALA N . n 
A 1 15 ILE 15 559 559 ILE ILE N . n 
A 1 16 GLU 16 560 560 GLU GLU N . n 
A 1 17 ALA 17 561 561 ALA ALA N . n 
A 1 18 GLN 18 562 562 GLN GLN N . n 
A 1 19 GLN 19 563 563 GLN GLN N . n 
A 1 20 HIS 20 564 564 HIS HIS N . n 
A 1 21 LEU 21 565 565 LEU LEU N . n 
A 1 22 LEU 22 566 566 LEU LEU N . n 
A 1 23 GLN 23 567 567 GLN GLN N . n 
A 1 24 LEU 24 568 568 LEU LEU N . n 
A 1 25 THR 25 569 569 THR THR N . n 
A 1 26 VAL 26 570 570 VAL VAL N . n 
A 1 27 TRP 27 571 571 TRP TRP N . n 
A 1 28 GLY 28 572 572 GLY GLY N . n 
A 1 29 ILE 29 573 573 ILE ILE N . n 
A 1 30 LYS 30 574 574 LYS LYS N . n 
A 1 31 GLN 31 575 575 GLN GLN N . n 
A 1 32 LEU 32 576 576 LEU LEU N . n 
A 1 33 GLN 33 577 577 GLN GLN N . n 
A 1 34 ALA 34 578 578 ALA ALA N . n 
A 1 35 ARG 35 579 579 ARG ARG N . n 
A 1 36 ILE 36 580 580 ILE ILE N . n 
A 1 37 LEU 37 581 581 LEU LEU N . n 
B 2 1  ACE 1  627 0   ACE ACE C . n 
B 2 2  TRP 2  628 628 TRP TRP C . n 
B 2 3  MET 3  629 629 MET MET C . n 
B 2 4  GLU 4  630 630 GLU GLU C . n 
B 2 5  TRP 5  631 631 TRP TRP C . n 
B 2 6  ASP 6  632 632 ASP ASP C . n 
B 2 7  ARG 7  633 633 ARG ARG C . n 
B 2 8  GLU 8  634 634 GLU GLU C . n 
B 2 9  ILE 9  635 635 ILE ILE C . n 
B 2 10 ASN 10 636 636 ASN ASN C . n 
B 2 11 ASN 11 637 637 ASN ASN C . n 
B 2 12 TYR 12 638 638 TYR TYR C . n 
B 2 13 THR 13 639 639 THR THR C . n 
B 2 14 SER 14 640 640 SER SER C . n 
B 2 15 LEU 15 641 641 LEU LEU C . n 
B 2 16 ILE 16 642 642 ILE ILE C . n 
B 2 17 HIS 17 643 643 HIS HIS C . n 
B 2 18 SER 18 644 644 SER SER C . n 
B 2 19 LEU 19 645 645 LEU LEU C . n 
B 2 20 ILE 20 646 646 ILE ILE C . n 
B 2 21 GLU 21 647 647 GLU GLU C . n 
B 2 22 GLU 22 648 648 GLU GLU C . n 
B 2 23 SER 23 649 649 SER SER C . n 
B 2 24 GLN 24 650 650 GLN GLN C . n 
B 2 25 ASN 25 651 651 ASN ASN C . n 
B 2 26 GLN 26 652 652 GLN GLN C . n 
B 2 27 GLN 27 653 653 GLN GLN C . n 
B 2 28 GLU 28 654 654 GLU GLU C . n 
B 2 29 LYS 29 655 655 LYS LYS C . n 
B 2 30 ASN 30 656 656 ASN ASN C . n 
B 2 31 GLU 31 657 657 GLU GLU C . n 
B 2 32 GLN 32 658 658 GLN GLN C . n 
B 2 33 GLU 33 659 659 GLU GLU C . n 
B 2 34 LEU 34 660 660 LEU LEU C . n 
B 2 35 LEU 35 661 661 LEU LEU C . n 
# 
loop_
_pdbx_nonpoly_scheme.asym_id 
_pdbx_nonpoly_scheme.entity_id 
_pdbx_nonpoly_scheme.mon_id 
_pdbx_nonpoly_scheme.ndb_seq_num 
_pdbx_nonpoly_scheme.pdb_seq_num 
_pdbx_nonpoly_scheme.auth_seq_num 
_pdbx_nonpoly_scheme.pdb_mon_id 
_pdbx_nonpoly_scheme.auth_mon_id 
_pdbx_nonpoly_scheme.pdb_strand_id 
_pdbx_nonpoly_scheme.pdb_ins_code 
C 3 HOH 1  13 13 HOH HOH N . 
C 3 HOH 2  17 17 HOH HOH N . 
C 3 HOH 3  20 20 HOH HOH N . 
C 3 HOH 4  21 21 HOH HOH N . 
C 3 HOH 5  22 22 HOH HOH N . 
C 3 HOH 6  29 29 HOH HOH N . 
C 3 HOH 7  30 30 HOH HOH N . 
C 3 HOH 8  31 31 HOH HOH N . 
C 3 HOH 9  32 32 HOH HOH N . 
C 3 HOH 10 33 33 HOH HOH N . 
C 3 HOH 11 34 34 HOH HOH N . 
C 3 HOH 12 35 35 HOH HOH N . 
C 3 HOH 13 36 36 HOH HOH N . 
C 3 HOH 14 37 37 HOH HOH N . 
C 3 HOH 15 38 38 HOH HOH N . 
C 3 HOH 16 40 40 HOH HOH N . 
D 3 HOH 1  1  1  HOH HOH C . 
D 3 HOH 2  2  2  HOH HOH C . 
D 3 HOH 3  3  3  HOH HOH C . 
D 3 HOH 4  4  4  HOH HOH C . 
D 3 HOH 5  5  5  HOH HOH C . 
D 3 HOH 6  6  6  HOH HOH C . 
D 3 HOH 7  7  7  HOH HOH C . 
D 3 HOH 8  8  8  HOH HOH C . 
D 3 HOH 9  9  9  HOH HOH C . 
D 3 HOH 10 10 10 HOH HOH C . 
D 3 HOH 11 11 11 HOH HOH C . 
D 3 HOH 12 12 12 HOH HOH C . 
D 3 HOH 13 14 14 HOH HOH C . 
D 3 HOH 14 15 15 HOH HOH C . 
D 3 HOH 15 16 16 HOH HOH C . 
D 3 HOH 16 18 18 HOH HOH C . 
D 3 HOH 17 19 19 HOH HOH C . 
D 3 HOH 18 23 23 HOH HOH C . 
D 3 HOH 19 24 24 HOH HOH C . 
D 3 HOH 20 25 25 HOH HOH C . 
D 3 HOH 21 26 26 HOH HOH C . 
D 3 HOH 22 27 27 HOH HOH C . 
D 3 HOH 23 28 28 HOH HOH C . 
D 3 HOH 24 39 39 HOH HOH C . 
D 3 HOH 25 41 41 HOH HOH C . 
D 3 HOH 26 42 42 HOH HOH C . 
D 3 HOH 27 43 43 HOH HOH C . 
# 
loop_
_software.name 
_software.classification 
_software.version 
_software.citation_id 
_software.pdbx_ordinal 
X-PLOR    'model building' 3.851 ? 1 
X-PLOR    refinement       3.851 ? 2 
DENZO     'data reduction' .     ? 3 
SCALEPACK 'data scaling'   .     ? 4 
X-PLOR    phasing          3.851 ? 5 
# 
_cell.entry_id           1AIK 
_cell.length_a           49.500 
_cell.length_b           49.500 
_cell.length_c           55.300 
_cell.angle_alpha        90.00 
_cell.angle_beta         90.00 
_cell.angle_gamma        120.00 
_cell.Z_PDB              6 
_cell.pdbx_unique_axis   ? 
# 
_symmetry.entry_id                         1AIK 
_symmetry.space_group_name_H-M             'P 3 2 1' 
_symmetry.pdbx_full_space_group_name_H-M   ? 
_symmetry.cell_setting                     ? 
_symmetry.Int_Tables_number                150 
# 
_exptl.entry_id          1AIK 
_exptl.method            'X-RAY DIFFRACTION' 
_exptl.crystals_number   1 
# 
_exptl_crystal.id                    1 
_exptl_crystal.density_meas          ? 
_exptl_crystal.density_Matthews      2.32 
_exptl_crystal.density_percent_sol   46. 
_exptl_crystal.description           
;DATA AT NSLS USED MAD METHODS. DATA COLLECTED ON AN OSMIUM-SOAK CRYSTAL AT WAVELENGTHS 1.1398, 1.1396, 1.1344, AND 1.1406 ANGSTROMS.
;
# 
_exptl_crystal_grow.crystal_id      1 
_exptl_crystal_grow.method          'VAPOR DIFFUSION, SITTING DROP' 
_exptl_crystal_grow.temp            ? 
_exptl_crystal_grow.temp_details    ? 
_exptl_crystal_grow.pH              6.0 
_exptl_crystal_grow.pdbx_pH_range   ? 
_exptl_crystal_grow.pdbx_details    
;A 10 MG/ML STOCK WAS DILUTED 1:1 IN A SITTING DROP WITH 80 MM NH4CL, 20% PEG200, AND 50% ISOPROPANOL, AND THEN ALLOWED TO EQUILIBRATE AGAINST 80 MM NH4CL, 20% PEG200, AND 30% ISOPROPANOL., pH 6.0, vapor diffusion - sitting drop
;
# 
_diffrn.id                     1 
_diffrn.ambient_temp           100 
_diffrn.ambient_temp_details   ? 
_diffrn.crystal_id             1 
# 
_diffrn_detector.diffrn_id              1 
_diffrn_detector.detector               'IMAGE PLATE' 
_diffrn_detector.type                   'RIGAKU RAXIS IIC' 
_diffrn_detector.pdbx_collection_date   1997-03 
_diffrn_detector.details                MIRRORS 
# 
_diffrn_radiation.diffrn_id                        1 
_diffrn_radiation.wavelength_id                    1 
_diffrn_radiation.pdbx_monochromatic_or_laue_m_l   M 
_diffrn_radiation.monochromator                    ? 
_diffrn_radiation.pdbx_diffrn_protocol             ? 
_diffrn_radiation.pdbx_scattering_type             x-ray 
# 
_diffrn_radiation_wavelength.id           1 
_diffrn_radiation_wavelength.wavelength   1.5418 
_diffrn_radiation_wavelength.wt           1.0 
# 
_diffrn_source.diffrn_id                   1 
_diffrn_source.source                      'ROTATING ANODE' 
_diffrn_source.type                        'RIGAKU RUH2R' 
_diffrn_source.pdbx_synchrotron_site       ? 
_diffrn_source.pdbx_synchrotron_beamline   ? 
_diffrn_source.pdbx_wavelength             1.5418 
_diffrn_source.pdbx_wavelength_list        ? 
# 
_reflns.entry_id                     1AIK 
_reflns.observed_criterion_sigma_I   1.5 
_reflns.observed_criterion_sigma_F   ? 
_reflns.d_resolution_low             20.0 
_reflns.d_resolution_high            2.0 
_reflns.number_obs                   5287 
_reflns.number_all                   ? 
_reflns.percent_possible_obs         96.5 
_reflns.pdbx_Rmerge_I_obs            ? 
_reflns.pdbx_Rsym_value              0.0540000 
_reflns.pdbx_netI_over_sigmaI        18.4 
_reflns.B_iso_Wilson_estimate        ? 
_reflns.pdbx_redundancy              ? 
_reflns.pdbx_ordinal                 1 
_reflns.pdbx_diffrn_id               1 
# 
_reflns_shell.d_res_high             2.00 
_reflns_shell.d_res_low              2.07 
_reflns_shell.percent_possible_all   98.9 
_reflns_shell.Rmerge_I_obs           ? 
_reflns_shell.pdbx_Rsym_value        0.2630000 
_reflns_shell.meanI_over_sigI_obs    5.4 
_reflns_shell.pdbx_redundancy        ? 
_reflns_shell.pdbx_ordinal           1 
_reflns_shell.pdbx_diffrn_id         1 
# 
_refine.entry_id                                 1AIK 
_refine.ls_number_reflns_obs                     5683 
_refine.ls_number_reflns_all                     ? 
_refine.pdbx_ls_sigma_I                          ? 
_refine.pdbx_ls_sigma_F                          2.0 
_refine.pdbx_data_cutoff_high_absF               100000000. 
_refine.pdbx_data_cutoff_low_absF                ? 
_refine.pdbx_data_cutoff_high_rms_absF           ? 
_refine.ls_d_res_low                             12.0 
_refine.ls_d_res_high                            2.0 
_refine.ls_percent_reflns_obs                    96.5 
_refine.ls_R_factor_obs                          0.2380000 
_refine.ls_R_factor_all                          ? 
_refine.ls_R_factor_R_work                       0.2380000 
_refine.ls_R_factor_R_free                       0.2660000 
_refine.ls_R_factor_R_free_error                 ? 
_refine.ls_R_factor_R_free_error_details         ? 
_refine.ls_percent_reflns_R_free                 7.12 
_refine.ls_number_reflns_R_free                  371 
_refine.ls_number_parameters                     ? 
_refine.ls_number_restraints                     ? 
_refine.occupancy_min                            ? 
_refine.occupancy_max                            ? 
_refine.B_iso_mean                               ? 
_refine.aniso_B[1][1]                            ? 
_refine.aniso_B[2][2]                            ? 
_refine.aniso_B[3][3]                            ? 
_refine.aniso_B[1][2]                            ? 
_refine.aniso_B[1][3]                            ? 
_refine.aniso_B[2][3]                            ? 
_refine.solvent_model_details                    ? 
_refine.solvent_model_param_ksol                 ? 
_refine.solvent_model_param_bsol                 ? 
_refine.pdbx_ls_cross_valid_method               THROUGHOUT 
_refine.details                                  ? 
_refine.pdbx_starting_model                      ? 
_refine.pdbx_method_to_determine_struct          MAD 
_refine.pdbx_isotropic_thermal_model             ? 
_refine.pdbx_stereochemistry_target_values       ? 
_refine.pdbx_stereochem_target_val_spec_case     ? 
_refine.pdbx_R_Free_selection_details            RANDOM 
_refine.pdbx_overall_ESU_R                       ? 
_refine.pdbx_overall_ESU_R_Free                  ? 
_refine.overall_SU_ML                            ? 
_refine.overall_SU_B                             ? 
_refine.pdbx_refine_id                           'X-RAY DIFFRACTION' 
_refine.pdbx_diffrn_id                           1 
_refine.pdbx_TLS_residual_ADP_flag               ? 
_refine.correlation_coeff_Fo_to_Fc               ? 
_refine.correlation_coeff_Fo_to_Fc_free          ? 
_refine.pdbx_solvent_vdw_probe_radii             ? 
_refine.pdbx_solvent_ion_probe_radii             ? 
_refine.pdbx_solvent_shrinkage_radii             ? 
_refine.pdbx_overall_phase_error                 ? 
_refine.overall_SU_R_Cruickshank_DPI             ? 
_refine.pdbx_overall_SU_R_free_Cruickshank_DPI   ? 
_refine.pdbx_overall_SU_R_Blow_DPI               ? 
_refine.pdbx_overall_SU_R_free_Blow_DPI          ? 
# 
_refine_hist.pdbx_refine_id                   'X-RAY DIFFRACTION' 
_refine_hist.cycle_id                         LAST 
_refine_hist.pdbx_number_atoms_protein        594 
_refine_hist.pdbx_number_atoms_nucleic_acid   0 
_refine_hist.pdbx_number_atoms_ligand         0 
_refine_hist.number_atoms_solvent             43 
_refine_hist.number_atoms_total               637 
_refine_hist.d_res_high                       2.0 
_refine_hist.d_res_low                        12.0 
# 
loop_
_refine_ls_restr.type 
_refine_ls_restr.dev_ideal 
_refine_ls_restr.dev_ideal_target 
_refine_ls_restr.weight 
_refine_ls_restr.number 
_refine_ls_restr.pdbx_refine_id 
_refine_ls_restr.pdbx_restraint_function 
x_bond_d                0.014 ? ? ? 'X-RAY DIFFRACTION' ? 
x_bond_d_na             ?     ? ? ? 'X-RAY DIFFRACTION' ? 
x_bond_d_prot           ?     ? ? ? 'X-RAY DIFFRACTION' ? 
x_angle_d               ?     ? ? ? 'X-RAY DIFFRACTION' ? 
x_angle_d_na            ?     ? ? ? 'X-RAY DIFFRACTION' ? 
x_angle_d_prot          ?     ? ? ? 'X-RAY DIFFRACTION' ? 
x_angle_deg             2.742 ? ? ? 'X-RAY DIFFRACTION' ? 
x_angle_deg_na          ?     ? ? ? 'X-RAY DIFFRACTION' ? 
x_angle_deg_prot        ?     ? ? ? 'X-RAY DIFFRACTION' ? 
x_dihedral_angle_d      ?     ? ? ? 'X-RAY DIFFRACTION' ? 
x_dihedral_angle_d_na   ?     ? ? ? 'X-RAY DIFFRACTION' ? 
x_dihedral_angle_d_prot ?     ? ? ? 'X-RAY DIFFRACTION' ? 
x_improper_angle_d      ?     ? ? ? 'X-RAY DIFFRACTION' ? 
x_improper_angle_d_na   ?     ? ? ? 'X-RAY DIFFRACTION' ? 
x_improper_angle_d_prot ?     ? ? ? 'X-RAY DIFFRACTION' ? 
x_mcbond_it             ?     ? ? ? 'X-RAY DIFFRACTION' ? 
x_mcangle_it            ?     ? ? ? 'X-RAY DIFFRACTION' ? 
x_scbond_it             ?     ? ? ? 'X-RAY DIFFRACTION' ? 
x_scangle_it            ?     ? ? ? 'X-RAY DIFFRACTION' ? 
# 
_struct.entry_id                  1AIK 
_struct.title                     'HIV GP41 CORE STRUCTURE' 
_struct.pdbx_model_details        ? 
_struct.pdbx_CASP_flag            ? 
_struct.pdbx_model_type_details   ? 
# 
_struct_keywords.entry_id        1AIK 
_struct_keywords.pdbx_keywords   'VIRAL PROTEIN' 
_struct_keywords.text            'HIV, GP41, ENVELOPE GLYCOPROTEIN, RETROVIRUS, Viral protein' 
# 
loop_
_struct_asym.id 
_struct_asym.pdbx_blank_PDB_chainid_flag 
_struct_asym.pdbx_modified 
_struct_asym.entity_id 
_struct_asym.details 
A N N 1 ? 
B N N 2 ? 
C N N 3 ? 
D N N 3 ? 
# 
loop_
_struct_ref.id 
_struct_ref.db_name 
_struct_ref.db_code 
_struct_ref.entity_id 
_struct_ref.pdbx_db_accession 
_struct_ref.pdbx_align_begin 
_struct_ref.pdbx_seq_one_letter_code 
_struct_ref.pdbx_db_isoform 
1 UNP ENV_HV1H2 1 P04578 1 
;MRVKEKYQHLWRWGWKWGIMLLGILMICSATENLWVTVYYGVPVWKEATTTLFCASDAKAYDTEVHNVCATHACVPTDPN
PQEVILVNVTENFDMWKNDMVEQMHEDIISLWDQSLKPCVKLTPLCVNLKCTDLKNDTNTNSSNGRMIMEKGEIKNCSFN
ISTSIRNKVQKEYAFFYKLDIRPIDNTTYRLISCNTSVITQACPKVSFEPIPIHYCAPAGFAILKCNDKTFNGTGPCTNV
STVQCTHGIRPVVSTQLLLNGSLAEEEGVIRSANFTDNAKTIIVQLNTSVEINCTRPNNNTRKSIRIQRGPGRAFVTIGK
IGNMRQAHCNISRAKWMSTLKQIASKLREQFGNNKTVIFKQSSGGDPEIVTHSFNCGGEFFYCNSTQLFNSTWFNSTWST
EGSNNTEGSDTITLPCRIKQFINMWQEVGKAMYAPPISGQIRCSSNITGLLLTRDGGKNTNESEVFRPGGGDMRDNWRSE
LYKYKVVKIETLGVAPTKAKRRVVQREKRAVGIGALFLGFLGAAGSTMGAASMTLTVQARQLLSGIVQQQNNLLRAIEAQ
QHLLQLTVWGIKQLQARILAVERYLKDQQLLGIWGCSGKLICTTAVPWNASWSNKSLEQFWNNMTWMEWDREINNYTSLI
HSLIDESQNQQEKNEQELLELDKWASLWNWFNITNWLWYIKIFIMIVGGLVGLRIVFAVLSIVNRVRQGYSPLSFQTHLP
NRGGPDRPEGIEEEGGERDRDRSVRLVNGSLALIWDDLRSLCLFSYHRLRDLLLIVTRIVELLGRRGWEALKYWWNLLQY
WSQELKNSAVSLLNATAIAVAEGTDRVIEVVQGAYRAIRHIPRRIRQGLERIL
;
? 
2 UNP ENV_HV1H2 2 P04578 1 
;MRVKEKYQHLWRWGWRWGTMLLGMLMICSATEKLWVTVYFGVPVWKEATTTLFCASDAKAYDTEVHNVWATHACVPTDPN
PQEVVLVNVTENFNMWKNDMVEQMHEDIISLWDQSLKPCVKLTPLCVSLKCTDLKNDTNTNSSSGRMIMEKGEIKNCSFN
ISTSKRGKVQKEYAFFYKLDIIPIDNDTTSYTLTSCNTSVITQACPKVSFEPIPIHYCAPAGFAILKCNNKTFNGTGPCT
NVSTVQCTHGIRPVVSTQLLLNGSLAEEEVVIRSVNFTDNAKTIIVQLDTSVEINCTRPNNNTRKKIRIQRGPGRAFVTI
GKIGNMRQAHCNISRAKWNATLKQIDSKLREQFGNNKTIIFKQSSGGDPEIVTHSFNCGGEFFYCNSTQLFNSTWSTKGS
NNTEGSDTITLPCRIKQIINMWQEVGKAMYAPPISGQIRCSSNITGLLLTRDGGNSNNESEIFRPGGGDMRDNWRSELYK
YKVVKIEPLGVAPTKAKRRVVQREKRAVGIGALFLGFLGAAGSTMGAASMTLTVQARQLLSGIVQQQNNLLRAIEGQQHL
LQLTVWGIKQLQARILAVERYLKDQQLLGIWGCSGKLICTTAVPWNASWSNKSLEQIWNNMTWMEWDREINNYTSLIHSL
IEESQNQQEKNEQELLELDKWASLWNWFNITNWLWYIKLFIMIVGGLVGLRIVFAVLSIVNRVRQGYSPLSFQTHLPNPR
GPDRPEGIEEEGGERDRDRSIRLVNGSLALIWDDLRSLCLFSYHRLRDLLLIVTRIVELLGRRGWEALKYWWNLLQYWSQ
ELKNSAVNLLNATAIAVAEGTDRVIELVQAAYRAIRHIPRRIRQGLERILL
;
? 
# 
loop_
_struct_ref_seq.align_id 
_struct_ref_seq.ref_id 
_struct_ref_seq.pdbx_PDB_id_code 
_struct_ref_seq.pdbx_strand_id 
_struct_ref_seq.seq_align_beg 
_struct_ref_seq.pdbx_seq_align_beg_ins_code 
_struct_ref_seq.seq_align_end 
_struct_ref_seq.pdbx_seq_align_end_ins_code 
_struct_ref_seq.pdbx_db_accession 
_struct_ref_seq.db_align_beg 
_struct_ref_seq.pdbx_db_align_beg_ins_code 
_struct_ref_seq.db_align_end 
_struct_ref_seq.pdbx_db_align_end_ins_code 
_struct_ref_seq.pdbx_auth_seq_align_beg 
_struct_ref_seq.pdbx_auth_seq_align_end 
1 1 1AIK N 2 ? 37 ? P04578 544 ? 579 ? 546 581 
2 2 1AIK C 2 ? 35 ? P04578 623 ? 656 ? 628 661 
# 
_pdbx_struct_assembly.id                   1 
_pdbx_struct_assembly.details              author_and_software_defined_assembly 
_pdbx_struct_assembly.method_details       PISA,PQS 
_pdbx_struct_assembly.oligomeric_details   hexameric 
_pdbx_struct_assembly.oligomeric_count     6 
# 
loop_
_pdbx_struct_assembly_prop.biol_id 
_pdbx_struct_assembly_prop.type 
_pdbx_struct_assembly_prop.value 
_pdbx_struct_assembly_prop.details 
1 'ABSA (A^2)' 12190 ? 
1 MORE         -98   ? 
1 'SSA (A^2)'  10400 ? 
# 
_pdbx_struct_assembly_gen.assembly_id       1 
_pdbx_struct_assembly_gen.oper_expression   1,2,3 
_pdbx_struct_assembly_gen.asym_id_list      A,B,C,D 
# 
loop_
_pdbx_struct_oper_list.id 
_pdbx_struct_oper_list.type 
_pdbx_struct_oper_list.name 
_pdbx_struct_oper_list.symmetry_operation 
_pdbx_struct_oper_list.matrix[1][1] 
_pdbx_struct_oper_list.matrix[1][2] 
_pdbx_struct_oper_list.matrix[1][3] 
_pdbx_struct_oper_list.vector[1] 
_pdbx_struct_oper_list.matrix[2][1] 
_pdbx_struct_oper_list.matrix[2][2] 
_pdbx_struct_oper_list.matrix[2][3] 
_pdbx_struct_oper_list.vector[2] 
_pdbx_struct_oper_list.matrix[3][1] 
_pdbx_struct_oper_list.matrix[3][2] 
_pdbx_struct_oper_list.matrix[3][3] 
_pdbx_struct_oper_list.vector[3] 
1 'identity operation'         1_555 x,y,z         1.0000000000 0.0000000000  0.0000000000 0.0000000000  0.0000000000  1.0000000000  0.0000000000  0.0000000000  0.0000000000 0.0000000000  1.0000000000  0.0000000000  
2 'crystal symmetry operation' 2_655 -y+1,x-y,z    0.9925702662 0.0988674647  0.0709189049 -0.7849370590 -0.0122443121 -0.4987431797 0.8666633242  8.6932799505  0.1210551257 -0.8610925997 -0.4938270865 8.2829334222  
3 'crystal symmetry operation' 3_665 -x+y+1,-x+1,z 0.9925702662 -0.0122443121 0.1210551257 -0.1171431283 0.0988674647  -0.4987431797 -0.8610925997 11.5456914949 0.0709189049 0.8666633242  -0.4938270865 -3.3881431435 
# 
_struct_biol.id   1 
# 
loop_
_struct_conf.conf_type_id 
_struct_conf.id 
_struct_conf.pdbx_PDB_helix_id 
_struct_conf.beg_label_comp_id 
_struct_conf.beg_label_asym_id 
_struct_conf.beg_label_seq_id 
_struct_conf.pdbx_beg_PDB_ins_code 
_struct_conf.end_label_comp_id 
_struct_conf.end_label_asym_id 
_struct_conf.end_label_seq_id 
_struct_conf.pdbx_end_PDB_ins_code 
_struct_conf.beg_auth_comp_id 
_struct_conf.beg_auth_asym_id 
_struct_conf.beg_auth_seq_id 
_struct_conf.end_auth_comp_id 
_struct_conf.end_auth_asym_id 
_struct_conf.end_auth_seq_id 
_struct_conf.pdbx_PDB_helix_class 
_struct_conf.details 
_struct_conf.pdbx_PDB_helix_length 
HELX_P HELX_P1 1 GLY A 3 ? ALA A 34 ? GLY N 547 ALA N 578 1 ? 32 
HELX_P HELX_P2 2 MET B 3 ? GLU B 33 ? MET C 629 GLU C 659 1 ? 31 
# 
_struct_conf_type.id          HELX_P 
_struct_conf_type.criteria    ? 
_struct_conf_type.reference   ? 
# 
loop_
_struct_conn.id 
_struct_conn.conn_type_id 
_struct_conn.pdbx_leaving_atom_flag 
_struct_conn.pdbx_PDB_id 
_struct_conn.ptnr1_label_asym_id 
_struct_conn.ptnr1_label_comp_id 
_struct_conn.ptnr1_label_seq_id 
_struct_conn.ptnr1_label_atom_id 
_struct_conn.pdbx_ptnr1_label_alt_id 
_struct_conn.pdbx_ptnr1_PDB_ins_code 
_struct_conn.pdbx_ptnr1_standard_comp_id 
_struct_conn.ptnr1_symmetry 
_struct_conn.ptnr2_label_asym_id 
_struct_conn.ptnr2_label_comp_id 
_struct_conn.ptnr2_label_seq_id 
_struct_conn.ptnr2_label_atom_id 
_struct_conn.pdbx_ptnr2_label_alt_id 
_struct_conn.pdbx_ptnr2_PDB_ins_code 
_struct_conn.ptnr1_auth_asym_id 
_struct_conn.ptnr1_auth_comp_id 
_struct_conn.ptnr1_auth_seq_id 
_struct_conn.ptnr2_auth_asym_id 
_struct_conn.ptnr2_auth_comp_id 
_struct_conn.ptnr2_auth_seq_id 
_struct_conn.ptnr2_symmetry 
_struct_conn.pdbx_ptnr3_label_atom_id 
_struct_conn.pdbx_ptnr3_label_seq_id 
_struct_conn.pdbx_ptnr3_label_comp_id 
_struct_conn.pdbx_ptnr3_label_asym_id 
_struct_conn.pdbx_ptnr3_label_alt_id 
_struct_conn.pdbx_ptnr3_PDB_ins_code 
_struct_conn.details 
_struct_conn.pdbx_dist_value 
_struct_conn.pdbx_value_order 
_struct_conn.pdbx_role 
covale1 covale both ? A ACE 1 C ? ? ? 1_555 A SER 2 N ? ? N ACE 545 N SER 546 1_555 ? ? ? ? ? ? ? 1.330 ? ? 
covale2 covale both ? B ACE 1 C ? ? ? 1_555 B TRP 2 N ? ? C ACE 627 C TRP 628 1_555 ? ? ? ? ? ? ? 1.328 ? ? 
# 
_struct_conn_type.id          covale 
_struct_conn_type.criteria    ? 
_struct_conn_type.reference   ? 
# 
loop_
_pdbx_modification_feature.ordinal 
_pdbx_modification_feature.label_comp_id 
_pdbx_modification_feature.label_asym_id 
_pdbx_modification_feature.label_seq_id 
_pdbx_modification_feature.label_alt_id 
_pdbx_modification_feature.modified_residue_label_comp_id 
_pdbx_modification_feature.modified_residue_label_asym_id 
_pdbx_modification_feature.modified_residue_label_seq_id 
_pdbx_modification_feature.modified_residue_label_alt_id 
_pdbx_modification_feature.auth_comp_id 
_pdbx_modification_feature.auth_asym_id 
_pdbx_modification_feature.auth_seq_id 
_pdbx_modification_feature.PDB_ins_code 
_pdbx_modification_feature.symmetry 
_pdbx_modification_feature.modified_residue_auth_comp_id 
_pdbx_modification_feature.modified_residue_auth_asym_id 
_pdbx_modification_feature.modified_residue_auth_seq_id 
_pdbx_modification_feature.modified_residue_PDB_ins_code 
_pdbx_modification_feature.modified_residue_symmetry 
_pdbx_modification_feature.comp_id_linking_atom 
_pdbx_modification_feature.modified_residue_id_linking_atom 
_pdbx_modification_feature.modified_residue_id 
_pdbx_modification_feature.ref_pcm_id 
_pdbx_modification_feature.ref_comp_id 
_pdbx_modification_feature.type 
_pdbx_modification_feature.category 
1 ACE A 1 ? SER A 2 ? ACE N 545 ? 1_555 SER N 546 ? 1_555 . . SER 6  ACE None 'Terminal acetylation' 
2 ACE B 1 ? TRP B 2 ? ACE C 627 ? 1_555 TRP C 628 ? 1_555 . . TRP 16 ACE None 'Terminal acetylation' 
# 
_pdbx_entry_details.entry_id                   1AIK 
_pdbx_entry_details.compound_details           ? 
_pdbx_entry_details.source_details             ? 
_pdbx_entry_details.nonpolymer_details         ? 
_pdbx_entry_details.sequence_details           ? 
_pdbx_entry_details.has_ligand_of_interest     ? 
_pdbx_entry_details.has_protein_modification   Y 
# 
loop_
_pdbx_validate_rmsd_bond.id 
_pdbx_validate_rmsd_bond.PDB_model_num 
_pdbx_validate_rmsd_bond.auth_atom_id_1 
_pdbx_validate_rmsd_bond.auth_asym_id_1 
_pdbx_validate_rmsd_bond.auth_comp_id_1 
_pdbx_validate_rmsd_bond.auth_seq_id_1 
_pdbx_validate_rmsd_bond.PDB_ins_code_1 
_pdbx_validate_rmsd_bond.label_alt_id_1 
_pdbx_validate_rmsd_bond.auth_atom_id_2 
_pdbx_validate_rmsd_bond.auth_asym_id_2 
_pdbx_validate_rmsd_bond.auth_comp_id_2 
_pdbx_validate_rmsd_bond.auth_seq_id_2 
_pdbx_validate_rmsd_bond.PDB_ins_code_2 
_pdbx_validate_rmsd_bond.label_alt_id_2 
_pdbx_validate_rmsd_bond.bond_value 
_pdbx_validate_rmsd_bond.bond_target_value 
_pdbx_validate_rmsd_bond.bond_deviation 
_pdbx_validate_rmsd_bond.bond_standard_deviation 
_pdbx_validate_rmsd_bond.linker_flag 
1 1 NE2 N HIS 564 ? ? CD2 N HIS 564 ? ? 1.291 1.373 -0.082 0.011 N 
2 1 NE2 C HIS 643 ? ? CD2 C HIS 643 ? ? 1.288 1.373 -0.085 0.011 N 
3 1 CB  C SER 644 ? ? OG  C SER 644 ? ? 1.501 1.418 0.083  0.013 N 
# 
loop_
_pdbx_validate_rmsd_angle.id 
_pdbx_validate_rmsd_angle.PDB_model_num 
_pdbx_validate_rmsd_angle.auth_atom_id_1 
_pdbx_validate_rmsd_angle.auth_asym_id_1 
_pdbx_validate_rmsd_angle.auth_comp_id_1 
_pdbx_validate_rmsd_angle.auth_seq_id_1 
_pdbx_validate_rmsd_angle.PDB_ins_code_1 
_pdbx_validate_rmsd_angle.label_alt_id_1 
_pdbx_validate_rmsd_angle.auth_atom_id_2 
_pdbx_validate_rmsd_angle.auth_asym_id_2 
_pdbx_validate_rmsd_angle.auth_comp_id_2 
_pdbx_validate_rmsd_angle.auth_seq_id_2 
_pdbx_validate_rmsd_angle.PDB_ins_code_2 
_pdbx_validate_rmsd_angle.label_alt_id_2 
_pdbx_validate_rmsd_angle.auth_atom_id_3 
_pdbx_validate_rmsd_angle.auth_asym_id_3 
_pdbx_validate_rmsd_angle.auth_comp_id_3 
_pdbx_validate_rmsd_angle.auth_seq_id_3 
_pdbx_validate_rmsd_angle.PDB_ins_code_3 
_pdbx_validate_rmsd_angle.label_alt_id_3 
_pdbx_validate_rmsd_angle.angle_value 
_pdbx_validate_rmsd_angle.angle_target_value 
_pdbx_validate_rmsd_angle.angle_deviation 
_pdbx_validate_rmsd_angle.angle_standard_deviation 
_pdbx_validate_rmsd_angle.linker_flag 
1 1 CD1 N TRP 571 ? ? CG  N TRP 571 ? ? CD2 N TRP 571 ? ? 112.14 106.30 5.84  0.80 N 
2 1 CE2 N TRP 571 ? ? CD2 N TRP 571 ? ? CG  N TRP 571 ? ? 101.47 107.30 -5.83 0.80 N 
3 1 CG  N TRP 571 ? ? CD2 N TRP 571 ? ? CE3 N TRP 571 ? ? 139.94 133.90 6.04  0.90 N 
4 1 NE  N ARG 579 ? ? CZ  N ARG 579 ? ? NH2 N ARG 579 ? ? 123.84 120.30 3.54  0.50 N 
5 1 CD1 C TRP 628 ? ? CG  C TRP 628 ? ? CD2 C TRP 628 ? ? 113.13 106.30 6.83  0.80 N 
6 1 CE2 C TRP 628 ? ? CD2 C TRP 628 ? ? CG  C TRP 628 ? ? 101.63 107.30 -5.67 0.80 N 
7 1 CD1 C TRP 631 ? ? CG  C TRP 631 ? ? CD2 C TRP 631 ? ? 113.70 106.30 7.40  0.80 N 
8 1 CG  C TRP 631 ? ? CD1 C TRP 631 ? ? NE1 C TRP 631 ? ? 103.98 110.10 -6.12 1.00 N 
9 1 CE2 C TRP 631 ? ? CD2 C TRP 631 ? ? CG  C TRP 631 ? ? 101.48 107.30 -5.82 0.80 N 
# 
loop_
_chem_comp_atom.comp_id 
_chem_comp_atom.atom_id 
_chem_comp_atom.type_symbol 
_chem_comp_atom.pdbx_aromatic_flag 
_chem_comp_atom.pdbx_stereo_config 
_chem_comp_atom.pdbx_ordinal 
ACE C    C N N 1   
ACE O    O N N 2   
ACE CH3  C N N 3   
ACE H    H N N 4   
ACE H1   H N N 5   
ACE H2   H N N 6   
ACE H3   H N N 7   
ALA N    N N N 8   
ALA CA   C N S 9   
ALA C    C N N 10  
ALA O    O N N 11  
ALA CB   C N N 12  
ALA OXT  O N N 13  
ALA H    H N N 14  
ALA H2   H N N 15  
ALA HA   H N N 16  
ALA HB1  H N N 17  
ALA HB2  H N N 18  
ALA HB3  H N N 19  
ALA HXT  H N N 20  
ARG N    N N N 21  
ARG CA   C N S 22  
ARG C    C N N 23  
ARG O    O N N 24  
ARG CB   C N N 25  
ARG CG   C N N 26  
ARG CD   C N N 27  
ARG NE   N N N 28  
ARG CZ   C N N 29  
ARG NH1  N N N 30  
ARG NH2  N N N 31  
ARG OXT  O N N 32  
ARG H    H N N 33  
ARG H2   H N N 34  
ARG HA   H N N 35  
ARG HB2  H N N 36  
ARG HB3  H N N 37  
ARG HG2  H N N 38  
ARG HG3  H N N 39  
ARG HD2  H N N 40  
ARG HD3  H N N 41  
ARG HE   H N N 42  
ARG HH11 H N N 43  
ARG HH12 H N N 44  
ARG HH21 H N N 45  
ARG HH22 H N N 46  
ARG HXT  H N N 47  
ASN N    N N N 48  
ASN CA   C N S 49  
ASN C    C N N 50  
ASN O    O N N 51  
ASN CB   C N N 52  
ASN CG   C N N 53  
ASN OD1  O N N 54  
ASN ND2  N N N 55  
ASN OXT  O N N 56  
ASN H    H N N 57  
ASN H2   H N N 58  
ASN HA   H N N 59  
ASN HB2  H N N 60  
ASN HB3  H N N 61  
ASN HD21 H N N 62  
ASN HD22 H N N 63  
ASN HXT  H N N 64  
ASP N    N N N 65  
ASP CA   C N S 66  
ASP C    C N N 67  
ASP O    O N N 68  
ASP CB   C N N 69  
ASP CG   C N N 70  
ASP OD1  O N N 71  
ASP OD2  O N N 72  
ASP OXT  O N N 73  
ASP H    H N N 74  
ASP H2   H N N 75  
ASP HA   H N N 76  
ASP HB2  H N N 77  
ASP HB3  H N N 78  
ASP HD2  H N N 79  
ASP HXT  H N N 80  
GLN N    N N N 81  
GLN CA   C N S 82  
GLN C    C N N 83  
GLN O    O N N 84  
GLN CB   C N N 85  
GLN CG   C N N 86  
GLN CD   C N N 87  
GLN OE1  O N N 88  
GLN NE2  N N N 89  
GLN OXT  O N N 90  
GLN H    H N N 91  
GLN H2   H N N 92  
GLN HA   H N N 93  
GLN HB2  H N N 94  
GLN HB3  H N N 95  
GLN HG2  H N N 96  
GLN HG3  H N N 97  
GLN HE21 H N N 98  
GLN HE22 H N N 99  
GLN HXT  H N N 100 
GLU N    N N N 101 
GLU CA   C N S 102 
GLU C    C N N 103 
GLU O    O N N 104 
GLU CB   C N N 105 
GLU CG   C N N 106 
GLU CD   C N N 107 
GLU OE1  O N N 108 
GLU OE2  O N N 109 
GLU OXT  O N N 110 
GLU H    H N N 111 
GLU H2   H N N 112 
GLU HA   H N N 113 
GLU HB2  H N N 114 
GLU HB3  H N N 115 
GLU HG2  H N N 116 
GLU HG3  H N N 117 
GLU HE2  H N N 118 
GLU HXT  H N N 119 
GLY N    N N N 120 
GLY CA   C N N 121 
GLY C    C N N 122 
GLY O    O N N 123 
GLY OXT  O N N 124 
GLY H    H N N 125 
GLY H2   H N N 126 
GLY HA2  H N N 127 
GLY HA3  H N N 128 
GLY HXT  H N N 129 
HIS N    N N N 130 
HIS CA   C N S 131 
HIS C    C N N 132 
HIS O    O N N 133 
HIS CB   C N N 134 
HIS CG   C Y N 135 
HIS ND1  N Y N 136 
HIS CD2  C Y N 137 
HIS CE1  C Y N 138 
HIS NE2  N Y N 139 
HIS OXT  O N N 140 
HIS H    H N N 141 
HIS H2   H N N 142 
HIS HA   H N N 143 
HIS HB2  H N N 144 
HIS HB3  H N N 145 
HIS HD1  H N N 146 
HIS HD2  H N N 147 
HIS HE1  H N N 148 
HIS HE2  H N N 149 
HIS HXT  H N N 150 
HOH O    O N N 151 
HOH H1   H N N 152 
HOH H2   H N N 153 
ILE N    N N N 154 
ILE CA   C N S 155 
ILE C    C N N 156 
ILE O    O N N 157 
ILE CB   C N S 158 
ILE CG1  C N N 159 
ILE CG2  C N N 160 
ILE CD1  C N N 161 
ILE OXT  O N N 162 
ILE H    H N N 163 
ILE H2   H N N 164 
ILE HA   H N N 165 
ILE HB   H N N 166 
ILE HG12 H N N 167 
ILE HG13 H N N 168 
ILE HG21 H N N 169 
ILE HG22 H N N 170 
ILE HG23 H N N 171 
ILE HD11 H N N 172 
ILE HD12 H N N 173 
ILE HD13 H N N 174 
ILE HXT  H N N 175 
LEU N    N N N 176 
LEU CA   C N S 177 
LEU C    C N N 178 
LEU O    O N N 179 
LEU CB   C N N 180 
LEU CG   C N N 181 
LEU CD1  C N N 182 
LEU CD2  C N N 183 
LEU OXT  O N N 184 
LEU H    H N N 185 
LEU H2   H N N 186 
LEU HA   H N N 187 
LEU HB2  H N N 188 
LEU HB3  H N N 189 
LEU HG   H N N 190 
LEU HD11 H N N 191 
LEU HD12 H N N 192 
LEU HD13 H N N 193 
LEU HD21 H N N 194 
LEU HD22 H N N 195 
LEU HD23 H N N 196 
LEU HXT  H N N 197 
LYS N    N N N 198 
LYS CA   C N S 199 
LYS C    C N N 200 
LYS O    O N N 201 
LYS CB   C N N 202 
LYS CG   C N N 203 
LYS CD   C N N 204 
LYS CE   C N N 205 
LYS NZ   N N N 206 
LYS OXT  O N N 207 
LYS H    H N N 208 
LYS H2   H N N 209 
LYS HA   H N N 210 
LYS HB2  H N N 211 
LYS HB3  H N N 212 
LYS HG2  H N N 213 
LYS HG3  H N N 214 
LYS HD2  H N N 215 
LYS HD3  H N N 216 
LYS HE2  H N N 217 
LYS HE3  H N N 218 
LYS HZ1  H N N 219 
LYS HZ2  H N N 220 
LYS HZ3  H N N 221 
LYS HXT  H N N 222 
MET N    N N N 223 
MET CA   C N S 224 
MET C    C N N 225 
MET O    O N N 226 
MET CB   C N N 227 
MET CG   C N N 228 
MET SD   S N N 229 
MET CE   C N N 230 
MET OXT  O N N 231 
MET H    H N N 232 
MET H2   H N N 233 
MET HA   H N N 234 
MET HB2  H N N 235 
MET HB3  H N N 236 
MET HG2  H N N 237 
MET HG3  H N N 238 
MET HE1  H N N 239 
MET HE2  H N N 240 
MET HE3  H N N 241 
MET HXT  H N N 242 
SER N    N N N 243 
SER CA   C N S 244 
SER C    C N N 245 
SER O    O N N 246 
SER CB   C N N 247 
SER OG   O N N 248 
SER OXT  O N N 249 
SER H    H N N 250 
SER H2   H N N 251 
SER HA   H N N 252 
SER HB2  H N N 253 
SER HB3  H N N 254 
SER HG   H N N 255 
SER HXT  H N N 256 
THR N    N N N 257 
THR CA   C N S 258 
THR C    C N N 259 
THR O    O N N 260 
THR CB   C N R 261 
THR OG1  O N N 262 
THR CG2  C N N 263 
THR OXT  O N N 264 
THR H    H N N 265 
THR H2   H N N 266 
THR HA   H N N 267 
THR HB   H N N 268 
THR HG1  H N N 269 
THR HG21 H N N 270 
THR HG22 H N N 271 
THR HG23 H N N 272 
THR HXT  H N N 273 
TRP N    N N N 274 
TRP CA   C N S 275 
TRP C    C N N 276 
TRP O    O N N 277 
TRP CB   C N N 278 
TRP CG   C Y N 279 
TRP CD1  C Y N 280 
TRP CD2  C Y N 281 
TRP NE1  N Y N 282 
TRP CE2  C Y N 283 
TRP CE3  C Y N 284 
TRP CZ2  C Y N 285 
TRP CZ3  C Y N 286 
TRP CH2  C Y N 287 
TRP OXT  O N N 288 
TRP H    H N N 289 
TRP H2   H N N 290 
TRP HA   H N N 291 
TRP HB2  H N N 292 
TRP HB3  H N N 293 
TRP HD1  H N N 294 
TRP HE1  H N N 295 
TRP HE3  H N N 296 
TRP HZ2  H N N 297 
TRP HZ3  H N N 298 
TRP HH2  H N N 299 
TRP HXT  H N N 300 
TYR N    N N N 301 
TYR CA   C N S 302 
TYR C    C N N 303 
TYR O    O N N 304 
TYR CB   C N N 305 
TYR CG   C Y N 306 
TYR CD1  C Y N 307 
TYR CD2  C Y N 308 
TYR CE1  C Y N 309 
TYR CE2  C Y N 310 
TYR CZ   C Y N 311 
TYR OH   O N N 312 
TYR OXT  O N N 313 
TYR H    H N N 314 
TYR H2   H N N 315 
TYR HA   H N N 316 
TYR HB2  H N N 317 
TYR HB3  H N N 318 
TYR HD1  H N N 319 
TYR HD2  H N N 320 
TYR HE1  H N N 321 
TYR HE2  H N N 322 
TYR HH   H N N 323 
TYR HXT  H N N 324 
VAL N    N N N 325 
VAL CA   C N S 326 
VAL C    C N N 327 
VAL O    O N N 328 
VAL CB   C N N 329 
VAL CG1  C N N 330 
VAL CG2  C N N 331 
VAL OXT  O N N 332 
VAL H    H N N 333 
VAL H2   H N N 334 
VAL HA   H N N 335 
VAL HB   H N N 336 
VAL HG11 H N N 337 
VAL HG12 H N N 338 
VAL HG13 H N N 339 
VAL HG21 H N N 340 
VAL HG22 H N N 341 
VAL HG23 H N N 342 
VAL HXT  H N N 343 
# 
loop_
_chem_comp_bond.comp_id 
_chem_comp_bond.atom_id_1 
_chem_comp_bond.atom_id_2 
_chem_comp_bond.value_order 
_chem_comp_bond.pdbx_aromatic_flag 
_chem_comp_bond.pdbx_stereo_config 
_chem_comp_bond.pdbx_ordinal 
ACE C   O    doub N N 1   
ACE C   CH3  sing N N 2   
ACE C   H    sing N N 3   
ACE CH3 H1   sing N N 4   
ACE CH3 H2   sing N N 5   
ACE CH3 H3   sing N N 6   
ALA N   CA   sing N N 7   
ALA N   H    sing N N 8   
ALA N   H2   sing N N 9   
ALA CA  C    sing N N 10  
ALA CA  CB   sing N N 11  
ALA CA  HA   sing N N 12  
ALA C   O    doub N N 13  
ALA C   OXT  sing N N 14  
ALA CB  HB1  sing N N 15  
ALA CB  HB2  sing N N 16  
ALA CB  HB3  sing N N 17  
ALA OXT HXT  sing N N 18  
ARG N   CA   sing N N 19  
ARG N   H    sing N N 20  
ARG N   H2   sing N N 21  
ARG CA  C    sing N N 22  
ARG CA  CB   sing N N 23  
ARG CA  HA   sing N N 24  
ARG C   O    doub N N 25  
ARG C   OXT  sing N N 26  
ARG CB  CG   sing N N 27  
ARG CB  HB2  sing N N 28  
ARG CB  HB3  sing N N 29  
ARG CG  CD   sing N N 30  
ARG CG  HG2  sing N N 31  
ARG CG  HG3  sing N N 32  
ARG CD  NE   sing N N 33  
ARG CD  HD2  sing N N 34  
ARG CD  HD3  sing N N 35  
ARG NE  CZ   sing N N 36  
ARG NE  HE   sing N N 37  
ARG CZ  NH1  sing N N 38  
ARG CZ  NH2  doub N N 39  
ARG NH1 HH11 sing N N 40  
ARG NH1 HH12 sing N N 41  
ARG NH2 HH21 sing N N 42  
ARG NH2 HH22 sing N N 43  
ARG OXT HXT  sing N N 44  
ASN N   CA   sing N N 45  
ASN N   H    sing N N 46  
ASN N   H2   sing N N 47  
ASN CA  C    sing N N 48  
ASN CA  CB   sing N N 49  
ASN CA  HA   sing N N 50  
ASN C   O    doub N N 51  
ASN C   OXT  sing N N 52  
ASN CB  CG   sing N N 53  
ASN CB  HB2  sing N N 54  
ASN CB  HB3  sing N N 55  
ASN CG  OD1  doub N N 56  
ASN CG  ND2  sing N N 57  
ASN ND2 HD21 sing N N 58  
ASN ND2 HD22 sing N N 59  
ASN OXT HXT  sing N N 60  
ASP N   CA   sing N N 61  
ASP N   H    sing N N 62  
ASP N   H2   sing N N 63  
ASP CA  C    sing N N 64  
ASP CA  CB   sing N N 65  
ASP CA  HA   sing N N 66  
ASP C   O    doub N N 67  
ASP C   OXT  sing N N 68  
ASP CB  CG   sing N N 69  
ASP CB  HB2  sing N N 70  
ASP CB  HB3  sing N N 71  
ASP CG  OD1  doub N N 72  
ASP CG  OD2  sing N N 73  
ASP OD2 HD2  sing N N 74  
ASP OXT HXT  sing N N 75  
GLN N   CA   sing N N 76  
GLN N   H    sing N N 77  
GLN N   H2   sing N N 78  
GLN CA  C    sing N N 79  
GLN CA  CB   sing N N 80  
GLN CA  HA   sing N N 81  
GLN C   O    doub N N 82  
GLN C   OXT  sing N N 83  
GLN CB  CG   sing N N 84  
GLN CB  HB2  sing N N 85  
GLN CB  HB3  sing N N 86  
GLN CG  CD   sing N N 87  
GLN CG  HG2  sing N N 88  
GLN CG  HG3  sing N N 89  
GLN CD  OE1  doub N N 90  
GLN CD  NE2  sing N N 91  
GLN NE2 HE21 sing N N 92  
GLN NE2 HE22 sing N N 93  
GLN OXT HXT  sing N N 94  
GLU N   CA   sing N N 95  
GLU N   H    sing N N 96  
GLU N   H2   sing N N 97  
GLU CA  C    sing N N 98  
GLU CA  CB   sing N N 99  
GLU CA  HA   sing N N 100 
GLU C   O    doub N N 101 
GLU C   OXT  sing N N 102 
GLU CB  CG   sing N N 103 
GLU CB  HB2  sing N N 104 
GLU CB  HB3  sing N N 105 
GLU CG  CD   sing N N 106 
GLU CG  HG2  sing N N 107 
GLU CG  HG3  sing N N 108 
GLU CD  OE1  doub N N 109 
GLU CD  OE2  sing N N 110 
GLU OE2 HE2  sing N N 111 
GLU OXT HXT  sing N N 112 
GLY N   CA   sing N N 113 
GLY N   H    sing N N 114 
GLY N   H2   sing N N 115 
GLY CA  C    sing N N 116 
GLY CA  HA2  sing N N 117 
GLY CA  HA3  sing N N 118 
GLY C   O    doub N N 119 
GLY C   OXT  sing N N 120 
GLY OXT HXT  sing N N 121 
HIS N   CA   sing N N 122 
HIS N   H    sing N N 123 
HIS N   H2   sing N N 124 
HIS CA  C    sing N N 125 
HIS CA  CB   sing N N 126 
HIS CA  HA   sing N N 127 
HIS C   O    doub N N 128 
HIS C   OXT  sing N N 129 
HIS CB  CG   sing N N 130 
HIS CB  HB2  sing N N 131 
HIS CB  HB3  sing N N 132 
HIS CG  ND1  sing Y N 133 
HIS CG  CD2  doub Y N 134 
HIS ND1 CE1  doub Y N 135 
HIS ND1 HD1  sing N N 136 
HIS CD2 NE2  sing Y N 137 
HIS CD2 HD2  sing N N 138 
HIS CE1 NE2  sing Y N 139 
HIS CE1 HE1  sing N N 140 
HIS NE2 HE2  sing N N 141 
HIS OXT HXT  sing N N 142 
HOH O   H1   sing N N 143 
HOH O   H2   sing N N 144 
ILE N   CA   sing N N 145 
ILE N   H    sing N N 146 
ILE N   H2   sing N N 147 
ILE CA  C    sing N N 148 
ILE CA  CB   sing N N 149 
ILE CA  HA   sing N N 150 
ILE C   O    doub N N 151 
ILE C   OXT  sing N N 152 
ILE CB  CG1  sing N N 153 
ILE CB  CG2  sing N N 154 
ILE CB  HB   sing N N 155 
ILE CG1 CD1  sing N N 156 
ILE CG1 HG12 sing N N 157 
ILE CG1 HG13 sing N N 158 
ILE CG2 HG21 sing N N 159 
ILE CG2 HG22 sing N N 160 
ILE CG2 HG23 sing N N 161 
ILE CD1 HD11 sing N N 162 
ILE CD1 HD12 sing N N 163 
ILE CD1 HD13 sing N N 164 
ILE OXT HXT  sing N N 165 
LEU N   CA   sing N N 166 
LEU N   H    sing N N 167 
LEU N   H2   sing N N 168 
LEU CA  C    sing N N 169 
LEU CA  CB   sing N N 170 
LEU CA  HA   sing N N 171 
LEU C   O    doub N N 172 
LEU C   OXT  sing N N 173 
LEU CB  CG   sing N N 174 
LEU CB  HB2  sing N N 175 
LEU CB  HB3  sing N N 176 
LEU CG  CD1  sing N N 177 
LEU CG  CD2  sing N N 178 
LEU CG  HG   sing N N 179 
LEU CD1 HD11 sing N N 180 
LEU CD1 HD12 sing N N 181 
LEU CD1 HD13 sing N N 182 
LEU CD2 HD21 sing N N 183 
LEU CD2 HD22 sing N N 184 
LEU CD2 HD23 sing N N 185 
LEU OXT HXT  sing N N 186 
LYS N   CA   sing N N 187 
LYS N   H    sing N N 188 
LYS N   H2   sing N N 189 
LYS CA  C    sing N N 190 
LYS CA  CB   sing N N 191 
LYS CA  HA   sing N N 192 
LYS C   O    doub N N 193 
LYS C   OXT  sing N N 194 
LYS CB  CG   sing N N 195 
LYS CB  HB2  sing N N 196 
LYS CB  HB3  sing N N 197 
LYS CG  CD   sing N N 198 
LYS CG  HG2  sing N N 199 
LYS CG  HG3  sing N N 200 
LYS CD  CE   sing N N 201 
LYS CD  HD2  sing N N 202 
LYS CD  HD3  sing N N 203 
LYS CE  NZ   sing N N 204 
LYS CE  HE2  sing N N 205 
LYS CE  HE3  sing N N 206 
LYS NZ  HZ1  sing N N 207 
LYS NZ  HZ2  sing N N 208 
LYS NZ  HZ3  sing N N 209 
LYS OXT HXT  sing N N 210 
MET N   CA   sing N N 211 
MET N   H    sing N N 212 
MET N   H2   sing N N 213 
MET CA  C    sing N N 214 
MET CA  CB   sing N N 215 
MET CA  HA   sing N N 216 
MET C   O    doub N N 217 
MET C   OXT  sing N N 218 
MET CB  CG   sing N N 219 
MET CB  HB2  sing N N 220 
MET CB  HB3  sing N N 221 
MET CG  SD   sing N N 222 
MET CG  HG2  sing N N 223 
MET CG  HG3  sing N N 224 
MET SD  CE   sing N N 225 
MET CE  HE1  sing N N 226 
MET CE  HE2  sing N N 227 
MET CE  HE3  sing N N 228 
MET OXT HXT  sing N N 229 
SER N   CA   sing N N 230 
SER N   H    sing N N 231 
SER N   H2   sing N N 232 
SER CA  C    sing N N 233 
SER CA  CB   sing N N 234 
SER CA  HA   sing N N 235 
SER C   O    doub N N 236 
SER C   OXT  sing N N 237 
SER CB  OG   sing N N 238 
SER CB  HB2  sing N N 239 
SER CB  HB3  sing N N 240 
SER OG  HG   sing N N 241 
SER OXT HXT  sing N N 242 
THR N   CA   sing N N 243 
THR N   H    sing N N 244 
THR N   H2   sing N N 245 
THR CA  C    sing N N 246 
THR CA  CB   sing N N 247 
THR CA  HA   sing N N 248 
THR C   O    doub N N 249 
THR C   OXT  sing N N 250 
THR CB  OG1  sing N N 251 
THR CB  CG2  sing N N 252 
THR CB  HB   sing N N 253 
THR OG1 HG1  sing N N 254 
THR CG2 HG21 sing N N 255 
THR CG2 HG22 sing N N 256 
THR CG2 HG23 sing N N 257 
THR OXT HXT  sing N N 258 
TRP N   CA   sing N N 259 
TRP N   H    sing N N 260 
TRP N   H2   sing N N 261 
TRP CA  C    sing N N 262 
TRP CA  CB   sing N N 263 
TRP CA  HA   sing N N 264 
TRP C   O    doub N N 265 
TRP C   OXT  sing N N 266 
TRP CB  CG   sing N N 267 
TRP CB  HB2  sing N N 268 
TRP CB  HB3  sing N N 269 
TRP CG  CD1  doub Y N 270 
TRP CG  CD2  sing Y N 271 
TRP CD1 NE1  sing Y N 272 
TRP CD1 HD1  sing N N 273 
TRP CD2 CE2  doub Y N 274 
TRP CD2 CE3  sing Y N 275 
TRP NE1 CE2  sing Y N 276 
TRP NE1 HE1  sing N N 277 
TRP CE2 CZ2  sing Y N 278 
TRP CE3 CZ3  doub Y N 279 
TRP CE3 HE3  sing N N 280 
TRP CZ2 CH2  doub Y N 281 
TRP CZ2 HZ2  sing N N 282 
TRP CZ3 CH2  sing Y N 283 
TRP CZ3 HZ3  sing N N 284 
TRP CH2 HH2  sing N N 285 
TRP OXT HXT  sing N N 286 
TYR N   CA   sing N N 287 
TYR N   H    sing N N 288 
TYR N   H2   sing N N 289 
TYR CA  C    sing N N 290 
TYR CA  CB   sing N N 291 
TYR CA  HA   sing N N 292 
TYR C   O    doub N N 293 
TYR C   OXT  sing N N 294 
TYR CB  CG   sing N N 295 
TYR CB  HB2  sing N N 296 
TYR CB  HB3  sing N N 297 
TYR CG  CD1  doub Y N 298 
TYR CG  CD2  sing Y N 299 
TYR CD1 CE1  sing Y N 300 
TYR CD1 HD1  sing N N 301 
TYR CD2 CE2  doub Y N 302 
TYR CD2 HD2  sing N N 303 
TYR CE1 CZ   doub Y N 304 
TYR CE1 HE1  sing N N 305 
TYR CE2 CZ   sing Y N 306 
TYR CE2 HE2  sing N N 307 
TYR CZ  OH   sing N N 308 
TYR OH  HH   sing N N 309 
TYR OXT HXT  sing N N 310 
VAL N   CA   sing N N 311 
VAL N   H    sing N N 312 
VAL N   H2   sing N N 313 
VAL CA  C    sing N N 314 
VAL CA  CB   sing N N 315 
VAL CA  HA   sing N N 316 
VAL C   O    doub N N 317 
VAL C   OXT  sing N N 318 
VAL CB  CG1  sing N N 319 
VAL CB  CG2  sing N N 320 
VAL CB  HB   sing N N 321 
VAL CG1 HG11 sing N N 322 
VAL CG1 HG12 sing N N 323 
VAL CG1 HG13 sing N N 324 
VAL CG2 HG21 sing N N 325 
VAL CG2 HG22 sing N N 326 
VAL CG2 HG23 sing N N 327 
VAL OXT HXT  sing N N 328 
# 
_atom_sites.entry_id                    1AIK 
_atom_sites.fract_transf_matrix[1][1]   -0.00040936 
_atom_sites.fract_transf_matrix[1][2]   0.02297783 
_atom_sites.fract_transf_matrix[1][3]   -0.00400267 
_atom_sites.fract_transf_matrix[2][1]   0.00117217 
_atom_sites.fract_transf_matrix[2][2]   0.00805399 
_atom_sites.fract_transf_matrix[2][3]   -0.02186111 
_atom_sites.fract_transf_matrix[3][1]   -0.01803816 
_atom_sites.fract_transf_matrix[3][2]   -0.00052343 
_atom_sites.fract_transf_matrix[3][3]   -0.00116003 
_atom_sites.fract_transf_vector[1]      0.518063 
_atom_sites.fract_transf_vector[2]      0.315015 
_atom_sites.fract_transf_vector[3]      0.093853 
# 
loop_
_atom_type.symbol 
C 
H 
N 
O 
S 
# 
loop_
_atom_site.group_PDB 
_atom_site.id 
_atom_site.type_symbol 
_atom_site.label_atom_id 
_atom_site.label_alt_id 
_atom_site.label_comp_id 
_atom_site.label_asym_id 
_atom_site.label_entity_id 
_atom_site.label_seq_id 
_atom_site.pdbx_PDB_ins_code 
_atom_site.Cartn_x 
_atom_site.Cartn_y 
_atom_site.Cartn_z 
_atom_site.occupancy 
_atom_site.B_iso_or_equiv 
_atom_site.pdbx_formal_charge 
_atom_site.auth_seq_id 
_atom_site.auth_comp_id 
_atom_site.auth_asym_id 
_atom_site.auth_atom_id 
_atom_site.pdbx_PDB_model_num 
HETATM 1   C C    . ACE A 1 1  ? 22.577  2.200   1.204   1.00 56.26 ? 545 ACE N C    1 
HETATM 2   O O    . ACE A 1 1  ? 21.415  2.533   0.934   1.00 56.37 ? 545 ACE N O    1 
HETATM 3   C CH3  . ACE A 1 1  ? 23.570  3.149   1.847   1.00 56.01 ? 545 ACE N CH3  1 
ATOM   4   N N    . SER A 1 2  ? 22.980  0.943   1.036   1.00 56.49 ? 546 SER N N    1 
ATOM   5   C CA   . SER A 1 2  ? 22.170  0.036   0.255   1.00 56.15 ? 546 SER N CA   1 
ATOM   6   C C    . SER A 1 2  ? 20.846  -0.233  0.897   1.00 56.24 ? 546 SER N C    1 
ATOM   7   O O    . SER A 1 2  ? 19.848  -0.210  0.186   1.00 57.67 ? 546 SER N O    1 
ATOM   8   C CB   . SER A 1 2  ? 22.828  -1.290  0.036   1.00 56.05 ? 546 SER N CB   1 
ATOM   9   O OG   . SER A 1 2  ? 23.056  -1.775  1.318   1.00 57.84 ? 546 SER N OG   1 
ATOM   10  H H    . SER A 1 2  ? 23.784  0.660   1.522   1.00 0.00  ? 546 SER N H    1 
ATOM   11  H HG   . SER A 1 2  ? 23.752  -1.418  1.871   1.00 0.00  ? 546 SER N HG   1 
ATOM   12  N N    . GLY A 1 3  ? 20.835  -0.430  2.227   1.00 55.59 ? 547 GLY N N    1 
ATOM   13  C CA   . GLY A 1 3  ? 19.638  -0.755  3.005   1.00 53.04 ? 547 GLY N CA   1 
ATOM   14  C C    . GLY A 1 3  ? 18.631  0.373   2.973   1.00 51.70 ? 547 GLY N C    1 
ATOM   15  O O    . GLY A 1 3  ? 17.430  0.156   2.953   1.00 50.76 ? 547 GLY N O    1 
ATOM   16  H H    . GLY A 1 3  ? 21.697  -0.318  2.710   1.00 0.00  ? 547 GLY N H    1 
ATOM   17  N N    . ILE A 1 4  ? 19.149  1.593   2.920   1.00 51.57 ? 548 ILE N N    1 
ATOM   18  C CA   . ILE A 1 4  ? 18.401  2.837   2.767   1.00 52.14 ? 548 ILE N CA   1 
ATOM   19  C C    . ILE A 1 4  ? 17.756  2.953   1.387   1.00 51.31 ? 548 ILE N C    1 
ATOM   20  O O    . ILE A 1 4  ? 16.573  3.278   1.276   1.00 50.83 ? 548 ILE N O    1 
ATOM   21  C CB   . ILE A 1 4  ? 19.365  4.016   3.010   1.00 54.22 ? 548 ILE N CB   1 
ATOM   22  C CG1  . ILE A 1 4  ? 19.926  3.976   4.446   1.00 54.58 ? 548 ILE N CG1  1 
ATOM   23  C CG2  . ILE A 1 4  ? 18.627  5.320   2.745   1.00 55.25 ? 548 ILE N CG2  1 
ATOM   24  C CD1  . ILE A 1 4  ? 21.031  5.021   4.680   1.00 56.29 ? 548 ILE N CD1  1 
ATOM   25  H H    . ILE A 1 4  ? 20.117  1.661   3.006   1.00 0.00  ? 548 ILE N H    1 
ATOM   26  N N    . VAL A 1 5  ? 18.529  2.708   0.338   1.00 50.93 ? 549 VAL N N    1 
ATOM   27  C CA   . VAL A 1 5  ? 18.010  2.651   -1.031  1.00 50.79 ? 549 VAL N CA   1 
ATOM   28  C C    . VAL A 1 5  ? 16.989  1.521   -1.167  1.00 50.36 ? 549 VAL N C    1 
ATOM   29  O O    . VAL A 1 5  ? 15.973  1.663   -1.832  1.00 51.60 ? 549 VAL N O    1 
ATOM   30  C CB   . VAL A 1 5  ? 19.140  2.392   -2.032  1.00 52.28 ? 549 VAL N CB   1 
ATOM   31  C CG1  . VAL A 1 5  ? 18.620  2.205   -3.453  1.00 54.97 ? 549 VAL N CG1  1 
ATOM   32  C CG2  . VAL A 1 5  ? 20.046  3.596   -2.024  1.00 51.05 ? 549 VAL N CG2  1 
ATOM   33  H H    . VAL A 1 5  ? 19.492  2.589   0.498   1.00 0.00  ? 549 VAL N H    1 
ATOM   34  N N    . GLN A 1 6  ? 17.258  0.405   -0.553  1.00 49.13 ? 550 GLN N N    1 
ATOM   35  C CA   . GLN A 1 6  ? 16.391  -0.749  -0.468  1.00 49.23 ? 550 GLN N CA   1 
ATOM   36  C C    . GLN A 1 6  ? 15.083  -0.371  0.255   1.00 48.50 ? 550 GLN N C    1 
ATOM   37  O O    . GLN A 1 6  ? 13.994  -0.589  -0.247  1.00 47.94 ? 550 GLN N O    1 
ATOM   38  C CB   . GLN A 1 6  ? 17.075  -1.791  0.369   1.00 52.96 ? 550 GLN N CB   1 
ATOM   39  C CG   . GLN A 1 6  ? 17.264  -3.190  -0.218  1.00 60.75 ? 550 GLN N CG   1 
ATOM   40  C CD   . GLN A 1 6  ? 15.970  -3.686  -0.755  1.00 65.31 ? 550 GLN N CD   1 
ATOM   41  O OE1  . GLN A 1 6  ? 15.752  -3.577  -1.946  1.00 71.73 ? 550 GLN N OE1  1 
ATOM   42  N NE2  . GLN A 1 6  ? 15.102  -4.271  0.041   1.00 67.42 ? 550 GLN N NE2  1 
ATOM   43  H H    . GLN A 1 6  ? 18.144  0.357   -0.094  1.00 0.00  ? 550 GLN N H    1 
ATOM   44  H HE21 . GLN A 1 6  ? 14.274  -4.619  -0.356  1.00 0.00  ? 550 GLN N HE21 1 
ATOM   45  H HE22 . GLN A 1 6  ? 15.311  -4.412  1.003   1.00 0.00  ? 550 GLN N HE22 1 
ATOM   46  N N    . GLN A 1 7  ? 15.142  0.269   1.439   1.00 47.87 ? 551 GLN N N    1 
ATOM   47  C CA   . GLN A 1 7  ? 14.001  0.729   2.232   1.00 47.02 ? 551 GLN N CA   1 
ATOM   48  C C    . GLN A 1 7  ? 13.172  1.736   1.440   1.00 45.81 ? 551 GLN N C    1 
ATOM   49  O O    . GLN A 1 7  ? 11.947  1.681   1.442   1.00 46.09 ? 551 GLN N O    1 
ATOM   50  C CB   . GLN A 1 7  ? 14.542  1.342   3.543   1.00 45.66 ? 551 GLN N CB   1 
ATOM   51  C CG   . GLN A 1 7  ? 13.590  1.960   4.619   1.00 41.50 ? 551 GLN N CG   1 
ATOM   52  C CD   . GLN A 1 7  ? 12.575  1.036   5.234   1.00 39.83 ? 551 GLN N CD   1 
ATOM   53  O OE1  . GLN A 1 7  ? 12.056  0.142   4.575   1.00 42.03 ? 551 GLN N OE1  1 
ATOM   54  N NE2  . GLN A 1 7  ? 12.238  1.171   6.502   1.00 34.15 ? 551 GLN N NE2  1 
ATOM   55  H H    . GLN A 1 7  ? 16.029  0.459   1.795   1.00 0.00  ? 551 GLN N H    1 
ATOM   56  H HE21 . GLN A 1 7  ? 11.567  0.575   6.901   1.00 0.00  ? 551 GLN N HE21 1 
ATOM   57  H HE22 . GLN A 1 7  ? 12.705  1.868   7.024   1.00 0.00  ? 551 GLN N HE22 1 
ATOM   58  N N    . GLN A 1 8  ? 13.828  2.629   0.706   1.00 45.32 ? 552 GLN N N    1 
ATOM   59  C CA   . GLN A 1 8  ? 13.169  3.618   -0.157  1.00 44.72 ? 552 GLN N CA   1 
ATOM   60  C C    . GLN A 1 8  ? 12.310  2.989   -1.239  1.00 43.57 ? 552 GLN N C    1 
ATOM   61  O O    . GLN A 1 8  ? 11.225  3.446   -1.573  1.00 41.76 ? 552 GLN N O    1 
ATOM   62  C CB   . GLN A 1 8  ? 14.224  4.527   -0.811  1.00 46.04 ? 552 GLN N CB   1 
ATOM   63  C CG   . GLN A 1 8  ? 14.484  5.655   0.181   1.00 50.92 ? 552 GLN N CG   1 
ATOM   64  C CD   . GLN A 1 8  ? 15.536  6.662   -0.215  1.00 54.67 ? 552 GLN N CD   1 
ATOM   65  O OE1  . GLN A 1 8  ? 16.374  6.377   -1.063  1.00 59.31 ? 552 GLN N OE1  1 
ATOM   66  N NE2  . GLN A 1 8  ? 15.554  7.860   0.352   1.00 56.36 ? 552 GLN N NE2  1 
ATOM   67  H H    . GLN A 1 8  ? 14.810  2.604   0.753   1.00 0.00  ? 552 GLN N H    1 
ATOM   68  H HE21 . GLN A 1 8  ? 16.260  8.462   0.035   1.00 0.00  ? 552 GLN N HE21 1 
ATOM   69  H HE22 . GLN A 1 8  ? 14.919  8.115   1.034   1.00 0.00  ? 552 GLN N HE22 1 
ATOM   70  N N    . ASN A 1 9  ? 12.814  1.889   -1.762  1.00 43.26 ? 553 ASN N N    1 
ATOM   71  C CA   . ASN A 1 9  ? 12.091  1.104   -2.732  1.00 43.57 ? 553 ASN N CA   1 
ATOM   72  C C    . ASN A 1 9  ? 10.891  0.482   -2.086  1.00 42.82 ? 553 ASN N C    1 
ATOM   73  O O    . ASN A 1 9  ? 9.803   0.489   -2.650  1.00 43.18 ? 553 ASN N O    1 
ATOM   74  C CB   . ASN A 1 9  ? 12.944  -0.029  -3.301  1.00 46.51 ? 553 ASN N CB   1 
ATOM   75  C CG   . ASN A 1 9  ? 12.332  -0.624  -4.545  1.00 51.48 ? 553 ASN N CG   1 
ATOM   76  O OD1  . ASN A 1 9  ? 11.216  -0.354  -4.975  1.00 59.01 ? 553 ASN N OD1  1 
ATOM   77  N ND2  . ASN A 1 9  ? 13.013  -1.500  -5.228  1.00 57.62 ? 553 ASN N ND2  1 
ATOM   78  H H    . ASN A 1 9  ? 13.746  1.627   -1.540  1.00 0.00  ? 553 ASN N H    1 
ATOM   79  H HD21 . ASN A 1 9  ? 12.563  -1.975  -5.956  1.00 0.00  ? 553 ASN N HD21 1 
ATOM   80  H HD22 . ASN A 1 9  ? 13.903  -1.770  -4.897  1.00 0.00  ? 553 ASN N HD22 1 
ATOM   81  N N    . ASN A 1 10 ? 11.081  0.004   -0.875  1.00 42.25 ? 554 ASN N N    1 
ATOM   82  C CA   . ASN A 1 10 ? 9.978   -0.613  -0.145  1.00 43.15 ? 554 ASN N CA   1 
ATOM   83  C C    . ASN A 1 10 ? 8.902   0.424   0.203   1.00 42.63 ? 554 ASN N C    1 
ATOM   84  O O    . ASN A 1 10 ? 7.709   0.151   0.054   1.00 42.65 ? 554 ASN N O    1 
ATOM   85  C CB   . ASN A 1 10 ? 10.511  -1.261  1.130   1.00 44.49 ? 554 ASN N CB   1 
ATOM   86  C CG   . ASN A 1 10 ? 11.475  -2.361  0.796   1.00 48.97 ? 554 ASN N CG   1 
ATOM   87  O OD1  . ASN A 1 10 ? 11.240  -3.190  -0.070  1.00 51.91 ? 554 ASN N OD1  1 
ATOM   88  N ND2  . ASN A 1 10 ? 12.661  -2.361  1.391   1.00 52.70 ? 554 ASN N ND2  1 
ATOM   89  H H    . ASN A 1 10 ? 11.985  0.048   -0.480  1.00 0.00  ? 554 ASN N H    1 
ATOM   90  H HD21 . ASN A 1 10 ? 13.292  -3.123  1.249   1.00 0.00  ? 554 ASN N HD21 1 
ATOM   91  H HD22 . ASN A 1 10 ? 12.808  -1.722  2.100   1.00 0.00  ? 554 ASN N HD22 1 
ATOM   92  N N    . LEU A 1 11 ? 9.308   1.653   0.543   1.00 41.19 ? 555 LEU N N    1 
ATOM   93  C CA   . LEU A 1 11 ? 8.388   2.712   0.851   1.00 39.88 ? 555 LEU N CA   1 
ATOM   94  C C    . LEU A 1 11 ? 7.642   3.133   -0.396  1.00 40.16 ? 555 LEU N C    1 
ATOM   95  O O    . LEU A 1 11 ? 6.410   3.179   -0.380  1.00 40.42 ? 555 LEU N O    1 
ATOM   96  C CB   . LEU A 1 11 ? 9.123   3.914   1.419   1.00 37.85 ? 555 LEU N CB   1 
ATOM   97  C CG   . LEU A 1 11 ? 9.878   3.696   2.724   1.00 38.85 ? 555 LEU N CG   1 
ATOM   98  C CD1  . LEU A 1 11 ? 10.555  4.999   3.177   1.00 39.10 ? 555 LEU N CD1  1 
ATOM   99  C CD2  . LEU A 1 11 ? 8.900   3.144   3.747   1.00 36.44 ? 555 LEU N CD2  1 
ATOM   100 H H    . LEU A 1 11 ? 10.271  1.816   0.583   1.00 0.00  ? 555 LEU N H    1 
ATOM   101 N N    . LEU A 1 12 ? 8.348   3.387   -1.505  1.00 39.83 ? 556 LEU N N    1 
ATOM   102 C CA   . LEU A 1 12 ? 7.768   3.777   -2.776  1.00 39.00 ? 556 LEU N CA   1 
ATOM   103 C C    . LEU A 1 12 ? 6.762   2.762   -3.230  1.00 40.28 ? 556 LEU N C    1 
ATOM   104 O O    . LEU A 1 12 ? 5.674   3.129   -3.650  1.00 40.24 ? 556 LEU N O    1 
ATOM   105 C CB   . LEU A 1 12 ? 8.849   3.916   -3.836  1.00 37.52 ? 556 LEU N CB   1 
ATOM   106 C CG   . LEU A 1 12 ? 8.397   4.448   -5.191  1.00 35.51 ? 556 LEU N CG   1 
ATOM   107 C CD1  . LEU A 1 12 ? 7.958   5.857   -5.023  1.00 38.30 ? 556 LEU N CD1  1 
ATOM   108 C CD2  . LEU A 1 12 ? 9.534   4.401   -6.190  1.00 35.56 ? 556 LEU N CD2  1 
ATOM   109 H H    . LEU A 1 12 ? 9.326   3.352   -1.429  1.00 0.00  ? 556 LEU N H    1 
ATOM   110 N N    . ARG A 1 13 ? 7.054   1.484   -3.117  1.00 41.01 ? 557 ARG N N    1 
ATOM   111 C CA   . ARG A 1 13 ? 6.103   0.472   -3.536  1.00 42.31 ? 557 ARG N CA   1 
ATOM   112 C C    . ARG A 1 13 ? 4.889   0.527   -2.627  1.00 42.26 ? 557 ARG N C    1 
ATOM   113 O O    . ARG A 1 13 ? 3.763   0.437   -3.090  1.00 42.69 ? 557 ARG N O    1 
ATOM   114 C CB   . ARG A 1 13 ? 6.814   -0.912  -3.497  1.00 45.42 ? 557 ARG N CB   1 
ATOM   115 C CG   . ARG A 1 13 ? 7.659   -1.162  -4.762  1.00 50.30 ? 557 ARG N CG   1 
ATOM   116 C CD   . ARG A 1 13 ? 8.197   -2.601  -4.839  1.00 57.56 ? 557 ARG N CD   1 
ATOM   117 N NE   . ARG A 1 13 ? 9.301   -2.948  -3.917  1.00 64.22 ? 557 ARG N NE   1 
ATOM   118 C CZ   . ARG A 1 13 ? 9.463   -4.154  -3.292  1.00 63.91 ? 557 ARG N CZ   1 
ATOM   119 N NH1  . ARG A 1 13 ? 8.594   -5.160  -3.459  1.00 64.47 ? 557 ARG N NH1  1 
ATOM   120 N NH2  . ARG A 1 13 ? 10.541  -4.404  -2.511  1.00 59.98 ? 557 ARG N NH2  1 
ATOM   121 H H    . ARG A 1 13 ? 7.961   1.220   -2.804  1.00 0.00  ? 557 ARG N H    1 
ATOM   122 H HE   . ARG A 1 13 ? 9.984   -2.257  -3.755  1.00 0.00  ? 557 ARG N HE   1 
ATOM   123 H HH11 . ARG A 1 13 ? 7.781   -5.043  -4.032  1.00 0.00  ? 557 ARG N HH11 1 
ATOM   124 H HH12 . ARG A 1 13 ? 8.718   -6.024  -2.957  1.00 0.00  ? 557 ARG N HH12 1 
ATOM   125 H HH21 . ARG A 1 13 ? 11.257  -3.713  -2.377  1.00 0.00  ? 557 ARG N HH21 1 
ATOM   126 H HH22 . ARG A 1 13 ? 10.636  -5.291  -2.043  1.00 0.00  ? 557 ARG N HH22 1 
ATOM   127 N N    . ALA A 1 14 ? 5.073   0.833   -1.351  1.00 41.57 ? 558 ALA N N    1 
ATOM   128 C CA   . ALA A 1 14 ? 3.973   0.933   -0.408  1.00 41.10 ? 558 ALA N CA   1 
ATOM   129 C C    . ALA A 1 14 ? 3.041   2.075   -0.734  1.00 40.54 ? 558 ALA N C    1 
ATOM   130 O O    . ALA A 1 14 ? 1.826   1.903   -0.722  1.00 39.05 ? 558 ALA N O    1 
ATOM   131 C CB   . ALA A 1 14 ? 4.518   1.137   0.987   1.00 41.90 ? 558 ALA N CB   1 
ATOM   132 H H    . ALA A 1 14 ? 5.988   1.044   -1.044  1.00 0.00  ? 558 ALA N H    1 
ATOM   133 N N    . ILE A 1 15 ? 3.610   3.214   -1.137  1.00 41.09 ? 559 ILE N N    1 
ATOM   134 C CA   . ILE A 1 15 ? 2.854   4.411   -1.561  1.00 40.49 ? 559 ILE N CA   1 
ATOM   135 C C    . ILE A 1 15 ? 2.091   4.105   -2.861  1.00 41.59 ? 559 ILE N C    1 
ATOM   136 O O    . ILE A 1 15 ? 0.924   4.479   -3.040  1.00 41.89 ? 559 ILE N O    1 
ATOM   137 C CB   . ILE A 1 15 ? 3.836   5.634   -1.779  1.00 37.40 ? 559 ILE N CB   1 
ATOM   138 C CG1  . ILE A 1 15 ? 4.498   6.011   -0.445  1.00 35.03 ? 559 ILE N CG1  1 
ATOM   139 C CG2  . ILE A 1 15 ? 3.090   6.826   -2.344  1.00 36.22 ? 559 ILE N CG2  1 
ATOM   140 C CD1  . ILE A 1 15 ? 5.671   6.999   -0.552  1.00 29.22 ? 559 ILE N CD1  1 
ATOM   141 H H    . ILE A 1 15 ? 4.598   3.249   -1.185  1.00 0.00  ? 559 ILE N H    1 
ATOM   142 N N    . GLU A 1 16 ? 2.709   3.396   -3.803  1.00 41.05 ? 560 GLU N N    1 
ATOM   143 C CA   . GLU A 1 16 ? 2.051   3.105   -5.049  1.00 41.53 ? 560 GLU N CA   1 
ATOM   144 C C    . GLU A 1 16 ? 0.907   2.164   -4.777  1.00 41.42 ? 560 GLU N C    1 
ATOM   145 O O    . GLU A 1 16 ? -0.194  2.314   -5.332  1.00 42.58 ? 560 GLU N O    1 
ATOM   146 C CB   . GLU A 1 16 ? 3.008   2.465   -6.010  1.00 42.94 ? 560 GLU N CB   1 
ATOM   147 C CG   . GLU A 1 16 ? 4.176   3.338   -6.455  1.00 49.98 ? 560 GLU N CG   1 
ATOM   148 C CD   . GLU A 1 16 ? 5.198   2.685   -7.408  1.00 56.47 ? 560 GLU N CD   1 
ATOM   149 O OE1  . GLU A 1 16 ? 5.034   1.519   -7.788  1.00 58.21 ? 560 GLU N OE1  1 
ATOM   150 O OE2  . GLU A 1 16 ? 6.173   3.349   -7.775  1.00 56.22 ? 560 GLU N OE2  1 
ATOM   151 H H    . GLU A 1 16 ? 3.648   3.118   -3.657  1.00 0.00  ? 560 GLU N H    1 
ATOM   152 N N    . ALA A 1 17 ? 1.095   1.214   -3.871  1.00 41.55 ? 561 ALA N N    1 
ATOM   153 C CA   . ALA A 1 17 ? 0.047   0.268   -3.528  1.00 41.77 ? 561 ALA N CA   1 
ATOM   154 C C    . ALA A 1 17 ? -1.099  1.031   -2.881  1.00 42.70 ? 561 ALA N C    1 
ATOM   155 O O    . ALA A 1 17 ? -2.274  0.867   -3.240  1.00 42.40 ? 561 ALA N O    1 
ATOM   156 C CB   . ALA A 1 17 ? 0.581   -0.766  -2.563  1.00 39.29 ? 561 ALA N CB   1 
ATOM   157 H H    . ALA A 1 17 ? 1.981   1.122   -3.456  1.00 0.00  ? 561 ALA N H    1 
ATOM   158 N N    . GLN A 1 18 ? -0.752  1.995   -2.049  1.00 43.26 ? 562 GLN N N    1 
ATOM   159 C CA   . GLN A 1 18 ? -1.791  2.753   -1.388  1.00 43.97 ? 562 GLN N CA   1 
ATOM   160 C C    . GLN A 1 18 ? -2.544  3.659   -2.325  1.00 43.53 ? 562 GLN N C    1 
ATOM   161 O O    . GLN A 1 18 ? -3.731  3.928   -2.118  1.00 43.63 ? 562 GLN N O    1 
ATOM   162 C CB   . GLN A 1 18 ? -1.218  3.609   -0.289  1.00 45.81 ? 562 GLN N CB   1 
ATOM   163 C CG   . GLN A 1 18 ? -0.800  2.700   0.828   1.00 48.45 ? 562 GLN N CG   1 
ATOM   164 C CD   . GLN A 1 18 ? -0.314  3.529   1.955   1.00 52.27 ? 562 GLN N CD   1 
ATOM   165 O OE1  . GLN A 1 18 ? 0.368   4.536   1.775   1.00 54.50 ? 562 GLN N OE1  1 
ATOM   166 N NE2  . GLN A 1 18 ? -0.657  3.063   3.136   1.00 54.42 ? 562 GLN N NE2  1 
ATOM   167 H H    . GLN A 1 18 ? 0.204   2.202   -1.865  1.00 0.00  ? 562 GLN N H    1 
ATOM   168 H HE21 . GLN A 1 18 ? -0.340  3.578   3.901   1.00 0.00  ? 562 GLN N HE21 1 
ATOM   169 H HE22 . GLN A 1 18 ? -1.185  2.240   3.169   1.00 0.00  ? 562 GLN N HE22 1 
ATOM   170 N N    . GLN A 1 19 ? -1.840  4.118   -3.353  1.00 42.95 ? 563 GLN N N    1 
ATOM   171 C CA   . GLN A 1 19 ? -2.440  4.932   -4.355  1.00 43.75 ? 563 GLN N CA   1 
ATOM   172 C C    . GLN A 1 19 ? -3.500  4.123   -5.049  1.00 44.90 ? 563 GLN N C    1 
ATOM   173 O O    . GLN A 1 19 ? -4.580  4.640   -5.303  1.00 45.57 ? 563 GLN N O    1 
ATOM   174 C CB   . GLN A 1 19 ? -1.403  5.406   -5.360  1.00 41.93 ? 563 GLN N CB   1 
ATOM   175 C CG   . GLN A 1 19 ? -1.996  6.438   -6.317  1.00 41.15 ? 563 GLN N CG   1 
ATOM   176 C CD   . GLN A 1 19 ? -2.689  7.607   -5.618  1.00 42.08 ? 563 GLN N CD   1 
ATOM   177 O OE1  . GLN A 1 19 ? -2.341  7.993   -4.499  1.00 48.51 ? 563 GLN N OE1  1 
ATOM   178 N NE2  . GLN A 1 19 ? -3.703  8.232   -6.196  1.00 39.35 ? 563 GLN N NE2  1 
ATOM   179 H H    . GLN A 1 19 ? -0.874  3.978   -3.347  1.00 0.00  ? 563 GLN N H    1 
ATOM   180 H HE21 . GLN A 1 19 ? -4.084  8.985   -5.688  1.00 0.00  ? 563 GLN N HE21 1 
ATOM   181 H HE22 . GLN A 1 19 ? -4.049  7.949   -7.051  1.00 0.00  ? 563 GLN N HE22 1 
ATOM   182 N N    . HIS A 1 20 ? -3.270  2.854   -5.376  1.00 46.08 ? 564 HIS N N    1 
ATOM   183 C CA   . HIS A 1 20 ? -4.326  2.022   -5.972  1.00 47.34 ? 564 HIS N CA   1 
ATOM   184 C C    . HIS A 1 20 ? -5.536  1.876   -5.093  1.00 46.35 ? 564 HIS N C    1 
ATOM   185 O O    . HIS A 1 20 ? -6.645  2.033   -5.583  1.00 45.28 ? 564 HIS N O    1 
ATOM   186 C CB   . HIS A 1 20 ? -3.809  0.660   -6.257  1.00 52.29 ? 564 HIS N CB   1 
ATOM   187 C CG   . HIS A 1 20 ? -2.755  0.703   -7.350  1.00 58.12 ? 564 HIS N CG   1 
ATOM   188 N ND1  . HIS A 1 20 ? -1.993  -0.286  -7.735  1.00 63.16 ? 564 HIS N ND1  1 
ATOM   189 C CD2  . HIS A 1 20 ? -2.397  1.790   -8.126  1.00 61.99 ? 564 HIS N CD2  1 
ATOM   190 C CE1  . HIS A 1 20 ? -1.204  0.104   -8.674  1.00 62.90 ? 564 HIS N CE1  1 
ATOM   191 N NE2  . HIS A 1 20 ? -1.459  1.357   -8.900  1.00 62.40 ? 564 HIS N NE2  1 
ATOM   192 H H    . HIS A 1 20 ? -2.332  2.554   -5.316  1.00 0.00  ? 564 HIS N H    1 
ATOM   193 H HD1  . HIS A 1 20 ? -2.057  -1.166  -7.395  1.00 0.00  ? 564 HIS N HD1  1 
ATOM   194 H HE2  . HIS A 1 20 ? -0.914  1.895   -9.512  1.00 0.00  ? 564 HIS N HE2  1 
ATOM   195 N N    . LEU A 1 21 ? -5.277  1.654   -3.811  1.00 46.30 ? 565 LEU N N    1 
ATOM   196 C CA   . LEU A 1 21 ? -6.319  1.636   -2.814  1.00 47.50 ? 565 LEU N CA   1 
ATOM   197 C C    . LEU A 1 21 ? -7.095  2.961   -2.775  1.00 47.96 ? 565 LEU N C    1 
ATOM   198 O O    . LEU A 1 21 ? -8.343  2.977   -2.754  1.00 47.27 ? 565 LEU N O    1 
ATOM   199 C CB   . LEU A 1 21 ? -5.754  1.398   -1.419  1.00 48.98 ? 565 LEU N CB   1 
ATOM   200 C CG   . LEU A 1 21 ? -5.586  0.030   -0.751  1.00 50.24 ? 565 LEU N CG   1 
ATOM   201 C CD1  . LEU A 1 21 ? -5.756  0.234   0.764   1.00 49.28 ? 565 LEU N CD1  1 
ATOM   202 C CD2  . LEU A 1 21 ? -6.639  -0.970  -1.229  1.00 52.14 ? 565 LEU N CD2  1 
ATOM   203 H H    . LEU A 1 21 ? -4.342  1.573   -3.532  1.00 0.00  ? 565 LEU N H    1 
ATOM   204 N N    . LEU A 1 22 ? -6.384  4.098   -2.838  1.00 47.51 ? 566 LEU N N    1 
ATOM   205 C CA   . LEU A 1 22 ? -7.028  5.407   -2.881  1.00 48.90 ? 566 LEU N CA   1 
ATOM   206 C C    . LEU A 1 22 ? -7.961  5.542   -4.073  1.00 48.39 ? 566 LEU N C    1 
ATOM   207 O O    . LEU A 1 22 ? -9.100  5.980   -3.913  1.00 47.61 ? 566 LEU N O    1 
ATOM   208 C CB   . LEU A 1 22 ? -5.972  6.565   -2.917  1.00 50.19 ? 566 LEU N CB   1 
ATOM   209 C CG   . LEU A 1 22 ? -5.448  7.090   -1.584  1.00 50.83 ? 566 LEU N CG   1 
ATOM   210 C CD1  . LEU A 1 22 ? -4.085  7.800   -1.745  1.00 45.73 ? 566 LEU N CD1  1 
ATOM   211 C CD2  . LEU A 1 22 ? -6.572  7.956   -0.989  1.00 50.85 ? 566 LEU N CD2  1 
ATOM   212 H H    . LEU A 1 22 ? -5.411  4.049   -2.890  1.00 0.00  ? 566 LEU N H    1 
ATOM   213 N N    . GLN A 1 23 ? -7.541  5.078   -5.248  1.00 48.03 ? 567 GLN N N    1 
ATOM   214 C CA   . GLN A 1 23 ? -8.358  5.110   -6.454  1.00 48.69 ? 567 GLN N CA   1 
ATOM   215 C C    . GLN A 1 23 ? -9.591  4.240   -6.337  1.00 48.44 ? 567 GLN N C    1 
ATOM   216 O O    . GLN A 1 23 ? -10.702 4.603   -6.746  1.00 48.89 ? 567 GLN N O    1 
ATOM   217 C CB   . GLN A 1 23 ? -7.541  4.643   -7.681  1.00 49.47 ? 567 GLN N CB   1 
ATOM   218 C CG   . GLN A 1 23 ? -6.377  5.575   -8.044  1.00 56.49 ? 567 GLN N CG   1 
ATOM   219 C CD   . GLN A 1 23 ? -6.781  7.035   -8.214  1.00 63.24 ? 567 GLN N CD   1 
ATOM   220 O OE1  . GLN A 1 23 ? -7.949  7.396   -8.117  1.00 66.99 ? 567 GLN N OE1  1 
ATOM   221 N NE2  . GLN A 1 23 ? -5.905  7.992   -8.491  1.00 68.66 ? 567 GLN N NE2  1 
ATOM   222 H H    . GLN A 1 23 ? -6.628  4.706   -5.305  1.00 0.00  ? 567 GLN N H    1 
ATOM   223 H HE21 . GLN A 1 23 ? -6.364  8.875   -8.594  1.00 0.00  ? 567 GLN N HE21 1 
ATOM   224 H HE22 . GLN A 1 23 ? -4.969  7.860   -8.605  1.00 0.00  ? 567 GLN N HE22 1 
ATOM   225 N N    . LEU A 1 24 ? -9.435  3.118   -5.611  1.00 48.05 ? 568 LEU N N    1 
ATOM   226 C CA   . LEU A 1 24 ? -10.524 2.178   -5.527  1.00 47.97 ? 568 LEU N CA   1 
ATOM   227 C C    . LEU A 1 24 ? -11.580 2.747   -4.620  1.00 47.65 ? 568 LEU N C    1 
ATOM   228 O O    . LEU A 1 24 ? -12.768 2.715   -4.969  1.00 48.06 ? 568 LEU N O    1 
ATOM   229 C CB   . LEU A 1 24 ? -10.007 0.841   -5.044  1.00 47.11 ? 568 LEU N CB   1 
ATOM   230 C CG   . LEU A 1 24 ? -8.912  0.190   -5.900  1.00 52.05 ? 568 LEU N CG   1 
ATOM   231 C CD1  . LEU A 1 24 ? -8.490  -1.136  -5.318  1.00 49.38 ? 568 LEU N CD1  1 
ATOM   232 C CD2  . LEU A 1 24 ? -9.408  0.050   -7.329  1.00 53.06 ? 568 LEU N CD2  1 
ATOM   233 H H    . LEU A 1 24 ? -8.617  3.008   -5.078  1.00 0.00  ? 568 LEU N H    1 
ATOM   234 N N    . THR A 1 25 ? -11.184 3.354   -3.505  1.00 47.68 ? 569 THR N N    1 
ATOM   235 C CA   . THR A 1 25 ? -12.134 3.993   -2.596  1.00 46.82 ? 569 THR N CA   1 
ATOM   236 C C    . THR A 1 25 ? -12.830 5.151   -3.302  1.00 46.78 ? 569 THR N C    1 
ATOM   237 O O    . THR A 1 25 ? -14.035 5.291   -3.133  1.00 46.53 ? 569 THR N O    1 
ATOM   238 C CB   . THR A 1 25 ? -11.398 4.512   -1.298  1.00 48.47 ? 569 THR N CB   1 
ATOM   239 O OG1  . THR A 1 25 ? -10.397 5.455   -1.694  1.00 50.39 ? 569 THR N OG1  1 
ATOM   240 C CG2  . THR A 1 25 ? -10.790 3.361   -0.482  1.00 45.02 ? 569 THR N CG2  1 
ATOM   241 H H    . THR A 1 25 ? -10.232 3.342   -3.269  1.00 0.00  ? 569 THR N H    1 
ATOM   242 H HG1  . THR A 1 25 ? -9.751  5.082   -2.291  1.00 0.00  ? 569 THR N HG1  1 
ATOM   243 N N    . VAL A 1 26 ? -12.155 5.921   -4.176  1.00 46.51 ? 570 VAL N N    1 
ATOM   244 C CA   . VAL A 1 26 ? -12.787 7.026   -4.899  1.00 46.07 ? 570 VAL N CA   1 
ATOM   245 C C    . VAL A 1 26 ? -13.828 6.469   -5.869  1.00 46.10 ? 570 VAL N C    1 
ATOM   246 O O    . VAL A 1 26 ? -14.934 7.015   -5.991  1.00 46.19 ? 570 VAL N O    1 
ATOM   247 C CB   . VAL A 1 26 ? -11.767 7.842   -5.713  1.00 46.87 ? 570 VAL N CB   1 
ATOM   248 C CG1  . VAL A 1 26 ? -12.449 8.957   -6.516  1.00 43.56 ? 570 VAL N CG1  1 
ATOM   249 C CG2  . VAL A 1 26 ? -10.781 8.468   -4.735  1.00 47.58 ? 570 VAL N CG2  1 
ATOM   250 H H    . VAL A 1 26 ? -11.203 5.723   -4.376  1.00 0.00  ? 570 VAL N H    1 
ATOM   251 N N    . TRP A 1 27 ? -13.480 5.380   -6.551  1.00 44.96 ? 571 TRP N N    1 
ATOM   252 C CA   . TRP A 1 27 ? -14.423 4.724   -7.409  1.00 45.54 ? 571 TRP N CA   1 
ATOM   253 C C    . TRP A 1 27 ? -15.631 4.308   -6.563  1.00 45.70 ? 571 TRP N C    1 
ATOM   254 O O    . TRP A 1 27 ? -16.767 4.481   -7.029  1.00 46.48 ? 571 TRP N O    1 
ATOM   255 C CB   . TRP A 1 27 ? -13.850 3.470   -8.046  1.00 45.68 ? 571 TRP N CB   1 
ATOM   256 C CG   . TRP A 1 27 ? -14.894 2.668   -8.858  1.00 47.31 ? 571 TRP N CG   1 
ATOM   257 C CD1  . TRP A 1 27 ? -15.057 2.939   -10.187 1.00 47.86 ? 571 TRP N CD1  1 
ATOM   258 C CD2  . TRP A 1 27 ? -15.758 1.656   -8.416  1.00 48.92 ? 571 TRP N CD2  1 
ATOM   259 N NE1  . TRP A 1 27 ? -15.998 2.120   -10.594 1.00 47.92 ? 571 TRP N NE1  1 
ATOM   260 C CE2  . TRP A 1 27 ? -16.449 1.345   -9.593  1.00 47.99 ? 571 TRP N CE2  1 
ATOM   261 C CE3  . TRP A 1 27 ? -16.087 0.956   -7.234  1.00 48.37 ? 571 TRP N CE3  1 
ATOM   262 C CZ2  . TRP A 1 27 ? -17.436 0.352   -9.607  1.00 46.81 ? 571 TRP N CZ2  1 
ATOM   263 C CZ3  . TRP A 1 27 ? -17.084 -0.028  -7.237  1.00 46.38 ? 571 TRP N CZ3  1 
ATOM   264 C CH2  . TRP A 1 27 ? -17.755 -0.329  -8.426  1.00 47.44 ? 571 TRP N CH2  1 
ATOM   265 H H    . TRP A 1 27 ? -12.573 5.039   -6.416  1.00 0.00  ? 571 TRP N H    1 
ATOM   266 H HE1  . TRP A 1 27 ? -16.332 2.062   -11.530 1.00 0.00  ? 571 TRP N HE1  1 
ATOM   267 N N    . GLY A 1 28 ? -15.459 3.810   -5.328  1.00 45.29 ? 572 GLY N N    1 
ATOM   268 C CA   . GLY A 1 28 ? -16.552 3.353   -4.486  1.00 44.49 ? 572 GLY N CA   1 
ATOM   269 C C    . GLY A 1 28 ? -17.439 4.517   -4.115  1.00 44.03 ? 572 GLY N C    1 
ATOM   270 O O    . GLY A 1 28 ? -18.660 4.463   -4.262  1.00 43.66 ? 572 GLY N O    1 
ATOM   271 H H    . GLY A 1 28 ? -14.557 3.853   -4.944  1.00 0.00  ? 572 GLY N H    1 
ATOM   272 N N    . ILE A 1 29 ? -16.805 5.632   -3.753  1.00 44.11 ? 573 ILE N N    1 
ATOM   273 C CA   . ILE A 1 29 ? -17.501 6.859   -3.375  1.00 44.64 ? 573 ILE N CA   1 
ATOM   274 C C    . ILE A 1 29 ? -18.306 7.416   -4.542  1.00 45.83 ? 573 ILE N C    1 
ATOM   275 O O    . ILE A 1 29 ? -19.468 7.745   -4.375  1.00 46.58 ? 573 ILE N O    1 
ATOM   276 C CB   . ILE A 1 29 ? -16.516 7.958   -2.920  1.00 44.82 ? 573 ILE N CB   1 
ATOM   277 C CG1  . ILE A 1 29 ? -15.768 7.513   -1.685  1.00 43.85 ? 573 ILE N CG1  1 
ATOM   278 C CG2  . ILE A 1 29 ? -17.277 9.261   -2.635  1.00 44.82 ? 573 ILE N CG2  1 
ATOM   279 C CD1  . ILE A 1 29 ? -14.587 8.442   -1.384  1.00 44.87 ? 573 ILE N CD1  1 
ATOM   280 H H    . ILE A 1 29 ? -15.823 5.633   -3.815  1.00 0.00  ? 573 ILE N H    1 
ATOM   281 N N    . LYS A 1 30 ? -17.749 7.553   -5.734  1.00 46.57 ? 574 LYS N N    1 
ATOM   282 C CA   . LYS A 1 30 ? -18.466 8.104   -6.877  1.00 47.39 ? 574 LYS N CA   1 
ATOM   283 C C    . LYS A 1 30 ? -19.628 7.197   -7.263  1.00 47.64 ? 574 LYS N C    1 
ATOM   284 O O    . LYS A 1 30 ? -20.699 7.666   -7.587  1.00 47.42 ? 574 LYS N O    1 
ATOM   285 C CB   . LYS A 1 30 ? -17.518 8.249   -8.076  1.00 47.81 ? 574 LYS N CB   1 
ATOM   286 C CG   . LYS A 1 30 ? -16.390 9.238   -7.856  1.00 47.81 ? 574 LYS N CG   1 
ATOM   287 C CD   . LYS A 1 30 ? -15.650 9.462   -9.190  1.00 49.66 ? 574 LYS N CD   1 
ATOM   288 C CE   . LYS A 1 30 ? -14.450 10.400  -8.981  1.00 57.06 ? 574 LYS N CE   1 
ATOM   289 N NZ   . LYS A 1 30 ? -13.668 10.673  -10.162 1.00 51.95 ? 574 LYS N NZ   1 
ATOM   290 H H    . LYS A 1 30 ? -16.823 7.224   -5.848  1.00 0.00  ? 574 LYS N H    1 
ATOM   291 H HZ1  . LYS A 1 30 ? -13.299 9.777   -10.548 1.00 0.00  ? 574 LYS N HZ1  1 
ATOM   292 H HZ2  . LYS A 1 30 ? -14.289 11.156  -10.830 1.00 0.00  ? 574 LYS N HZ2  1 
ATOM   293 H HZ3  . LYS A 1 30 ? -12.859 11.285  -9.903  1.00 0.00  ? 574 LYS N HZ3  1 
ATOM   294 N N    . GLN A 1 31 ? -19.465 5.889   -7.194  1.00 47.76 ? 575 GLN N N    1 
ATOM   295 C CA   . GLN A 1 31 ? -20.536 4.948   -7.447  1.00 49.56 ? 575 GLN N CA   1 
ATOM   296 C C    . GLN A 1 31 ? -21.697 5.152   -6.492  1.00 50.70 ? 575 GLN N C    1 
ATOM   297 O O    . GLN A 1 31 ? -22.866 5.236   -6.868  1.00 50.85 ? 575 GLN N O    1 
ATOM   298 C CB   . GLN A 1 31 ? -20.117 3.546   -7.216  1.00 51.27 ? 575 GLN N CB   1 
ATOM   299 C CG   . GLN A 1 31 ? -19.225 2.930   -8.282  1.00 53.77 ? 575 GLN N CG   1 
ATOM   300 C CD   . GLN A 1 31 ? -19.914 2.783   -9.611  1.00 56.45 ? 575 GLN N CD   1 
ATOM   301 O OE1  . GLN A 1 31 ? -20.951 2.155   -9.808  1.00 59.04 ? 575 GLN N OE1  1 
ATOM   302 N NE2  . GLN A 1 31 ? -19.298 3.353   -10.610 1.00 57.29 ? 575 GLN N NE2  1 
ATOM   303 H H    . GLN A 1 31 ? -18.591 5.549   -6.889  1.00 0.00  ? 575 GLN N H    1 
ATOM   304 H HE21 . GLN A 1 31 ? -19.728 3.235   -11.486 1.00 0.00  ? 575 GLN N HE21 1 
ATOM   305 H HE22 . GLN A 1 31 ? -18.449 3.827   -10.472 1.00 0.00  ? 575 GLN N HE22 1 
ATOM   306 N N    . LEU A 1 32 ? -21.385 5.264   -5.206  1.00 52.27 ? 576 LEU N N    1 
ATOM   307 C CA   . LEU A 1 32 ? -22.454 5.446   -4.237  1.00 54.14 ? 576 LEU N CA   1 
ATOM   308 C C    . LEU A 1 32 ? -23.061 6.825   -4.370  1.00 55.59 ? 576 LEU N C    1 
ATOM   309 O O    . LEU A 1 32 ? -24.272 6.978   -4.240  1.00 55.72 ? 576 LEU N O    1 
ATOM   310 C CB   . LEU A 1 32 ? -21.953 5.250   -2.803  1.00 51.84 ? 576 LEU N CB   1 
ATOM   311 C CG   . LEU A 1 32 ? -21.369 3.876   -2.472  1.00 52.59 ? 576 LEU N CG   1 
ATOM   312 C CD1  . LEU A 1 32 ? -20.908 3.851   -1.027  1.00 50.01 ? 576 LEU N CD1  1 
ATOM   313 C CD2  . LEU A 1 32 ? -22.408 2.811   -2.755  1.00 51.10 ? 576 LEU N CD2  1 
ATOM   314 H H    . LEU A 1 32 ? -20.439 5.233   -4.930  1.00 0.00  ? 576 LEU N H    1 
ATOM   315 N N    . GLN A 1 33 ? -22.265 7.842   -4.691  1.00 57.40 ? 577 GLN N N    1 
ATOM   316 C CA   . GLN A 1 33 ? -22.748 9.196   -4.880  1.00 59.81 ? 577 GLN N CA   1 
ATOM   317 C C    . GLN A 1 33 ? -23.663 9.326   -6.093  1.00 62.47 ? 577 GLN N C    1 
ATOM   318 O O    . GLN A 1 33 ? -24.628 10.086  -6.034  1.00 62.30 ? 577 GLN N O    1 
ATOM   319 C CB   . GLN A 1 33 ? -21.566 10.145  -5.011  1.00 57.05 ? 577 GLN N CB   1 
ATOM   320 C CG   . GLN A 1 33 ? -22.064 11.562  -5.015  1.00 58.22 ? 577 GLN N CG   1 
ATOM   321 C CD   . GLN A 1 33 ? -22.137 12.192  -6.401  1.00 60.01 ? 577 GLN N CD   1 
ATOM   322 O OE1  . GLN A 1 33 ? -22.080 11.530  -7.431  1.00 60.52 ? 577 GLN N OE1  1 
ATOM   323 N NE2  . GLN A 1 33 ? -22.203 13.506  -6.490  1.00 61.54 ? 577 GLN N NE2  1 
ATOM   324 H H    . GLN A 1 33 ? -21.310 7.663   -4.754  1.00 0.00  ? 577 GLN N H    1 
ATOM   325 H HE21 . GLN A 1 33 ? -22.221 13.853  -7.401  1.00 0.00  ? 577 GLN N HE21 1 
ATOM   326 H HE22 . GLN A 1 33 ? -22.242 14.037  -5.677  1.00 0.00  ? 577 GLN N HE22 1 
ATOM   327 N N    . ALA A 1 34 ? -23.432 8.569   -7.162  1.00 65.04 ? 578 ALA N N    1 
ATOM   328 C CA   . ALA A 1 34 ? -24.232 8.677   -8.364  1.00 67.52 ? 578 ALA N CA   1 
ATOM   329 C C    . ALA A 1 34 ? -25.657 8.273   -8.079  1.00 69.93 ? 578 ALA N C    1 
ATOM   330 O O    . ALA A 1 34 ? -26.596 8.748   -8.705  1.00 70.22 ? 578 ALA N O    1 
ATOM   331 C CB   . ALA A 1 34 ? -23.695 7.760   -9.440  1.00 66.26 ? 578 ALA N CB   1 
ATOM   332 H H    . ALA A 1 34 ? -22.654 7.966   -7.142  1.00 0.00  ? 578 ALA N H    1 
ATOM   333 N N    . ARG A 1 35 ? -25.827 7.376   -7.100  1.00 72.80 ? 579 ARG N N    1 
ATOM   334 C CA   . ARG A 1 35 ? -27.132 6.834   -6.758  1.00 76.15 ? 579 ARG N CA   1 
ATOM   335 C C    . ARG A 1 35 ? -27.852 7.458   -5.596  1.00 77.71 ? 579 ARG N C    1 
ATOM   336 O O    . ARG A 1 35 ? -28.965 7.110   -5.215  1.00 78.20 ? 579 ARG N O    1 
ATOM   337 C CB   . ARG A 1 35 ? -26.981 5.327   -6.515  1.00 77.38 ? 579 ARG N CB   1 
ATOM   338 C CG   . ARG A 1 35 ? -26.367 4.577   -7.692  1.00 80.38 ? 579 ARG N CG   1 
ATOM   339 C CD   . ARG A 1 35 ? -26.213 3.090   -7.435  1.00 84.49 ? 579 ARG N CD   1 
ATOM   340 N NE   . ARG A 1 35 ? -25.541 2.415   -8.552  1.00 88.84 ? 579 ARG N NE   1 
ATOM   341 C CZ   . ARG A 1 35 ? -24.826 1.280   -8.417  1.00 91.52 ? 579 ARG N CZ   1 
ATOM   342 N NH1  . ARG A 1 35 ? -24.679 0.698   -7.254  1.00 94.12 ? 579 ARG N NH1  1 
ATOM   343 N NH2  . ARG A 1 35 ? -24.215 0.664   -9.428  1.00 90.71 ? 579 ARG N NH2  1 
ATOM   344 H H    . ARG A 1 35 ? -25.025 7.040   -6.654  1.00 0.00  ? 579 ARG N H    1 
ATOM   345 H HE   . ARG A 1 35 ? -25.614 2.813   -9.444  1.00 0.00  ? 579 ARG N HE   1 
ATOM   346 H HH11 . ARG A 1 35 ? -25.114 1.064   -6.425  1.00 0.00  ? 579 ARG N HH11 1 
ATOM   347 H HH12 . ARG A 1 35 ? -24.158 -0.158  -7.191  1.00 0.00  ? 579 ARG N HH12 1 
ATOM   348 H HH21 . ARG A 1 35 ? -24.250 1.045   -10.350 1.00 0.00  ? 579 ARG N HH21 1 
ATOM   349 H HH22 . ARG A 1 35 ? -23.697 -0.178  -9.252  1.00 0.00  ? 579 ARG N HH22 1 
ATOM   350 N N    . ILE A 1 36 ? -27.172 8.406   -4.985  1.00 79.12 ? 580 ILE N N    1 
ATOM   351 C CA   . ILE A 1 36 ? -27.576 9.088   -3.751  1.00 81.05 ? 580 ILE N CA   1 
ATOM   352 C C    . ILE A 1 36 ? -27.225 10.513  -4.054  1.00 82.42 ? 580 ILE N C    1 
ATOM   353 O O    . ILE A 1 36 ? -26.653 11.160  -3.201  1.00 83.59 ? 580 ILE N O    1 
ATOM   354 C CB   . ILE A 1 36 ? -26.741 8.489   -2.573  1.00 80.80 ? 580 ILE N CB   1 
ATOM   355 C CG1  . ILE A 1 36 ? -27.373 7.205   -2.220  1.00 84.04 ? 580 ILE N CG1  1 
ATOM   356 C CG2  . ILE A 1 36 ? -26.712 9.308   -1.295  1.00 78.88 ? 580 ILE N CG2  1 
ATOM   357 C CD1  . ILE A 1 36 ? -26.154 6.430   -1.900  1.00 86.00 ? 580 ILE N CD1  1 
ATOM   358 H H    . ILE A 1 36 ? -26.328 8.690   -5.398  1.00 0.00  ? 580 ILE N H    1 
ATOM   359 N N    . LEU A 1 37 ? -27.415 10.990  -5.275  1.00 83.28 ? 581 LEU N N    1 
ATOM   360 C CA   . LEU A 1 37 ? -27.221 12.402  -5.642  1.00 83.95 ? 581 LEU N CA   1 
ATOM   361 C C    . LEU A 1 37 ? -27.454 12.627  -7.137  1.00 84.95 ? 581 LEU N C    1 
ATOM   362 O O    . LEU A 1 37 ? -28.311 11.896  -7.651  1.00 88.48 ? 581 LEU N O    1 
ATOM   363 C CB   . LEU A 1 37 ? -25.833 12.938  -5.237  1.00 82.81 ? 581 LEU N CB   1 
ATOM   364 C CG   . LEU A 1 37 ? -25.945 14.137  -4.265  1.00 80.52 ? 581 LEU N CG   1 
ATOM   365 C CD1  . LEU A 1 37 ? -27.112 14.048  -3.263  1.00 78.52 ? 581 LEU N CD1  1 
ATOM   366 C CD2  . LEU A 1 37 ? -24.598 14.210  -3.619  1.00 80.15 ? 581 LEU N CD2  1 
ATOM   367 H H    . LEU A 1 37 ? -27.734 10.384  -5.971  1.00 0.00  ? 581 LEU N H    1 
HETATM 368 C C    . ACE B 2 1  ? -18.071 -4.237  -8.995  1.00 59.46 ? 627 ACE C C    1 
HETATM 369 O O    . ACE B 2 1  ? -16.887 -4.459  -8.711  1.00 59.59 ? 627 ACE C O    1 
HETATM 370 C CH3  . ACE B 2 1  ? -18.548 -4.031  -10.436 1.00 59.14 ? 627 ACE C CH3  1 
ATOM   371 N N    . TRP B 2 2  ? -18.970 -4.361  -8.026  1.00 59.45 ? 628 TRP C N    1 
ATOM   372 C CA   . TRP B 2 2  ? -18.552 -4.416  -6.631  1.00 58.85 ? 628 TRP C CA   1 
ATOM   373 C C    . TRP B 2 2  ? -17.763 -5.653  -6.166  1.00 59.28 ? 628 TRP C C    1 
ATOM   374 O O    . TRP B 2 2  ? -16.943 -5.584  -5.243  1.00 59.31 ? 628 TRP C O    1 
ATOM   375 C CB   . TRP B 2 2  ? -19.815 -4.191  -5.794  1.00 56.27 ? 628 TRP C CB   1 
ATOM   376 C CG   . TRP B 2 2  ? -20.120 -2.696  -5.788  1.00 52.28 ? 628 TRP C CG   1 
ATOM   377 C CD1  . TRP B 2 2  ? -21.026 -2.172  -6.666  1.00 52.77 ? 628 TRP C CD1  1 
ATOM   378 C CD2  . TRP B 2 2  ? -19.548 -1.748  -4.970  1.00 52.52 ? 628 TRP C CD2  1 
ATOM   379 N NE1  . TRP B 2 2  ? -21.030 -0.888  -6.411  1.00 53.20 ? 628 TRP C NE1  1 
ATOM   380 C CE2  . TRP B 2 2  ? -20.176 -0.580  -5.410  1.00 53.25 ? 628 TRP C CE2  1 
ATOM   381 C CE3  . TRP B 2 2  ? -18.615 -1.686  -3.936  1.00 49.19 ? 628 TRP C CE3  1 
ATOM   382 C CZ2  . TRP B 2 2  ? -19.866 0.662   -4.824  1.00 50.70 ? 628 TRP C CZ2  1 
ATOM   383 C CZ3  . TRP B 2 2  ? -18.326 -0.448  -3.352  1.00 49.98 ? 628 TRP C CZ3  1 
ATOM   384 C CH2  . TRP B 2 2  ? -18.939 0.721   -3.786  1.00 47.48 ? 628 TRP C CH2  1 
ATOM   385 H H    . TRP B 2 2  ? -19.927 -4.394  -8.240  1.00 0.00  ? 628 TRP C H    1 
ATOM   386 H HE1  . TRP B 2 2  ? -21.625 -0.239  -6.854  1.00 0.00  ? 628 TRP C HE1  1 
ATOM   387 N N    . MET B 2 3  ? -17.871 -6.822  -6.812  1.00 59.74 ? 629 MET C N    1 
ATOM   388 C CA   . MET B 2 3  ? -17.065 -7.955  -6.370  1.00 60.58 ? 629 MET C CA   1 
ATOM   389 C C    . MET B 2 3  ? -15.626 -7.779  -6.830  1.00 59.92 ? 629 MET C C    1 
ATOM   390 O O    . MET B 2 3  ? -14.670 -8.098  -6.111  1.00 59.94 ? 629 MET C O    1 
ATOM   391 C CB   . MET B 2 3  ? -17.633 -9.292  -6.869  1.00 63.71 ? 629 MET C CB   1 
ATOM   392 C CG   . MET B 2 3  ? -18.735 -9.252  -7.954  1.00 68.98 ? 629 MET C CG   1 
ATOM   393 S SD   . MET B 2 3  ? -19.993 -10.546 -7.931  1.00 72.59 ? 629 MET C SD   1 
ATOM   394 C CE   . MET B 2 3  ? -18.833 -11.865 -8.171  1.00 72.83 ? 629 MET C CE   1 
ATOM   395 H H    . MET B 2 3  ? -18.531 -6.886  -7.503  1.00 0.00  ? 629 MET C H    1 
ATOM   396 N N    . GLU B 2 4  ? -15.430 -7.158  -7.994  1.00 59.19 ? 630 GLU C N    1 
ATOM   397 C CA   . GLU B 2 4  ? -14.093 -6.887  -8.463  1.00 59.94 ? 630 GLU C CA   1 
ATOM   398 C C    . GLU B 2 4  ? -13.382 -5.881  -7.578  1.00 59.73 ? 630 GLU C C    1 
ATOM   399 O O    . GLU B 2 4  ? -12.186 -5.997  -7.304  1.00 58.71 ? 630 GLU C O    1 
ATOM   400 C CB   . GLU B 2 4  ? -14.089 -6.350  -9.894  1.00 62.30 ? 630 GLU C CB   1 
ATOM   401 C CG   . GLU B 2 4  ? -12.692 -6.008  -10.421 1.00 66.55 ? 630 GLU C CG   1 
ATOM   402 C CD   . GLU B 2 4  ? -11.580 -7.060  -10.442 1.00 69.57 ? 630 GLU C CD   1 
ATOM   403 O OE1  . GLU B 2 4  ? -11.750 -8.189  -9.970  1.00 71.12 ? 630 GLU C OE1  1 
ATOM   404 O OE2  . GLU B 2 4  ? -10.516 -6.721  -10.954 1.00 71.20 ? 630 GLU C OE2  1 
ATOM   405 H H    . GLU B 2 4  ? -16.192 -6.866  -8.501  1.00 0.00  ? 630 GLU C H    1 
ATOM   406 N N    . TRP B 2 5  ? -14.139 -4.882  -7.135  1.00 60.09 ? 631 TRP C N    1 
ATOM   407 C CA   . TRP B 2 5  ? -13.640 -3.854  -6.258  1.00 60.33 ? 631 TRP C CA   1 
ATOM   408 C C    . TRP B 2 5  ? -13.212 -4.534  -4.968  1.00 61.17 ? 631 TRP C C    1 
ATOM   409 O O    . TRP B 2 5  ? -12.136 -4.309  -4.472  1.00 61.33 ? 631 TRP C O    1 
ATOM   410 C CB   . TRP B 2 5  ? -14.770 -2.831  -6.075  1.00 56.29 ? 631 TRP C CB   1 
ATOM   411 C CG   . TRP B 2 5  ? -14.431 -1.724  -5.059  1.00 54.47 ? 631 TRP C CG   1 
ATOM   412 C CD1  . TRP B 2 5  ? -13.769 -0.593  -5.442  1.00 54.11 ? 631 TRP C CD1  1 
ATOM   413 C CD2  . TRP B 2 5  ? -14.726 -1.764  -3.715  1.00 50.58 ? 631 TRP C CD2  1 
ATOM   414 N NE1  . TRP B 2 5  ? -13.688 0.113   -4.346  1.00 53.39 ? 631 TRP C NE1  1 
ATOM   415 C CE2  . TRP B 2 5  ? -14.240 -0.530  -3.288  1.00 50.81 ? 631 TRP C CE2  1 
ATOM   416 C CE3  . TRP B 2 5  ? -15.372 -2.623  -2.842  1.00 44.66 ? 631 TRP C CE3  1 
ATOM   417 C CZ2  . TRP B 2 5  ? -14.378 -0.142  -1.947  1.00 48.32 ? 631 TRP C CZ2  1 
ATOM   418 C CZ3  . TRP B 2 5  ? -15.496 -2.239  -1.502  1.00 45.04 ? 631 TRP C CZ3  1 
ATOM   419 C CH2  . TRP B 2 5  ? -14.993 -1.017  -1.043  1.00 45.24 ? 631 TRP C CH2  1 
ATOM   420 H H    . TRP B 2 5  ? -15.091 -4.839  -7.396  1.00 0.00  ? 631 TRP C H    1 
ATOM   421 H HE1  . TRP B 2 5  ? -13.283 1.009   -4.325  1.00 0.00  ? 631 TRP C HE1  1 
ATOM   422 N N    . ASP B 2 6  ? -13.962 -5.473  -4.456  1.00 62.54 ? 632 ASP C N    1 
ATOM   423 C CA   . ASP B 2 6  ? -13.616 -6.186  -3.253  1.00 64.59 ? 632 ASP C CA   1 
ATOM   424 C C    . ASP B 2 6  ? -12.300 -6.942  -3.376  1.00 65.43 ? 632 ASP C C    1 
ATOM   425 O O    . ASP B 2 6  ? -11.468 -6.948  -2.465  1.00 65.87 ? 632 ASP C O    1 
ATOM   426 C CB   . ASP B 2 6  ? -14.632 -7.197  -2.961  1.00 66.75 ? 632 ASP C CB   1 
ATOM   427 C CG   . ASP B 2 6  ? -15.302 -6.920  -1.623  1.00 70.81 ? 632 ASP C CG   1 
ATOM   428 O OD1  . ASP B 2 6  ? -14.641 -7.045  -0.575  1.00 73.19 ? 632 ASP C OD1  1 
ATOM   429 O OD2  . ASP B 2 6  ? -16.483 -6.614  -1.725  1.00 73.17 ? 632 ASP C OD2  1 
ATOM   430 H H    . ASP B 2 6  ? -14.785 -5.753  -4.949  1.00 0.00  ? 632 ASP C H    1 
ATOM   431 N N    . ARG B 2 7  ? -12.118 -7.632  -4.503  1.00 65.95 ? 633 ARG C N    1 
ATOM   432 C CA   . ARG B 2 7  ? -10.935 -8.448  -4.710  1.00 66.10 ? 633 ARG C CA   1 
ATOM   433 C C    . ARG B 2 7  ? -9.767  -7.481  -4.908  1.00 64.57 ? 633 ARG C C    1 
ATOM   434 O O    . ARG B 2 7  ? -8.709  -7.692  -4.309  1.00 64.74 ? 633 ARG C O    1 
ATOM   435 C CB   . ARG B 2 7  ? -10.988 -9.332  -5.974  1.00 70.93 ? 633 ARG C CB   1 
ATOM   436 C CG   . ARG B 2 7  ? -11.972 -10.497 -6.173  1.00 77.51 ? 633 ARG C CG   1 
ATOM   437 C CD   . ARG B 2 7  ? -12.133 -10.735 -7.677  1.00 83.59 ? 633 ARG C CD   1 
ATOM   438 N NE   . ARG B 2 7  ? -13.409 -11.396 -7.922  1.00 90.92 ? 633 ARG C NE   1 
ATOM   439 C CZ   . ARG B 2 7  ? -13.632 -12.283 -8.897  1.00 96.53 ? 633 ARG C CZ   1 
ATOM   440 N NH1  . ARG B 2 7  ? -12.671 -12.619 -9.735  1.00 99.82 ? 633 ARG C NH1  1 
ATOM   441 N NH2  . ARG B 2 7  ? -14.784 -12.938 -9.026  1.00 99.12 ? 633 ARG C NH2  1 
ATOM   442 H H    . ARG B 2 7  ? -12.812 -7.560  -5.199  1.00 0.00  ? 633 ARG C H    1 
ATOM   443 H HE   . ARG B 2 7  ? -14.148 -11.193 -7.316  1.00 0.00  ? 633 ARG C HE   1 
ATOM   444 H HH11 . ARG B 2 7  ? -11.784 -12.142 -9.690  1.00 0.00  ? 633 ARG C HH11 1 
ATOM   445 H HH12 . ARG B 2 7  ? -12.863 -13.199 -10.535 1.00 0.00  ? 633 ARG C HH12 1 
ATOM   446 H HH21 . ARG B 2 7  ? -15.514 -12.826 -8.359  1.00 0.00  ? 633 ARG C HH21 1 
ATOM   447 H HH22 . ARG B 2 7  ? -14.902 -13.570 -9.802  1.00 0.00  ? 633 ARG C HH22 1 
ATOM   448 N N    . GLU B 2 8  ? -9.931  -6.395  -5.658  1.00 62.76 ? 634 GLU C N    1 
ATOM   449 C CA   . GLU B 2 8  ? -8.867  -5.450  -5.868  1.00 61.33 ? 634 GLU C CA   1 
ATOM   450 C C    . GLU B 2 8  ? -8.480  -4.760  -4.580  1.00 60.46 ? 634 GLU C C    1 
ATOM   451 O O    . GLU B 2 8  ? -7.296  -4.509  -4.347  1.00 61.42 ? 634 GLU C O    1 
ATOM   452 C CB   . GLU B 2 8  ? -9.264  -4.405  -6.847  1.00 61.32 ? 634 GLU C CB   1 
ATOM   453 C CG   . GLU B 2 8  ? -9.062  -4.991  -8.245  1.00 68.08 ? 634 GLU C CG   1 
ATOM   454 C CD   . GLU B 2 8  ? -8.871  -3.931  -9.317  1.00 74.96 ? 634 GLU C CD   1 
ATOM   455 O OE1  . GLU B 2 8  ? -8.138  -2.959  -9.096  1.00 76.47 ? 634 GLU C OE1  1 
ATOM   456 O OE2  . GLU B 2 8  ? -9.431  -4.097  -10.401 1.00 77.59 ? 634 GLU C OE2  1 
ATOM   457 H H    . GLU B 2 8  ? -10.821 -6.252  -6.062  1.00 0.00  ? 634 GLU C H    1 
ATOM   458 N N    . ILE B 2 9  ? -9.458  -4.548  -3.686  1.00 59.27 ? 635 ILE C N    1 
ATOM   459 C CA   . ILE B 2 9  ? -9.229  -3.949  -2.378  1.00 56.77 ? 635 ILE C CA   1 
ATOM   460 C C    . ILE B 2 9  ? -8.444  -4.932  -1.535  1.00 57.26 ? 635 ILE C C    1 
ATOM   461 O O    . ILE B 2 9  ? -7.575  -4.520  -0.778  1.00 56.53 ? 635 ILE C O    1 
ATOM   462 C CB   . ILE B 2 9  ? -10.578 -3.589  -1.670  1.00 52.95 ? 635 ILE C CB   1 
ATOM   463 C CG1  . ILE B 2 9  ? -11.310 -2.501  -2.399  1.00 47.91 ? 635 ILE C CG1  1 
ATOM   464 C CG2  . ILE B 2 9  ? -10.298 -3.064  -0.270  1.00 52.10 ? 635 ILE C CG2  1 
ATOM   465 C CD1  . ILE B 2 9  ? -10.564 -1.205  -2.565  1.00 50.08 ? 635 ILE C CD1  1 
ATOM   466 H H    . ILE B 2 9  ? -10.379 -4.750  -3.974  1.00 0.00  ? 635 ILE C H    1 
ATOM   467 N N    . ASN B 2 10 ? -8.631  -6.243  -1.640  1.00 58.11 ? 636 ASN C N    1 
ATOM   468 C CA   . ASN B 2 10 ? -7.921  -7.149  -0.754  1.00 58.91 ? 636 ASN C CA   1 
ATOM   469 C C    . ASN B 2 10 ? -6.558  -7.404  -1.313  1.00 59.34 ? 636 ASN C C    1 
ATOM   470 O O    . ASN B 2 10 ? -5.591  -7.465  -0.566  1.00 59.71 ? 636 ASN C O    1 
ATOM   471 C CB   . ASN B 2 10 ? -8.681  -8.458  -0.609  1.00 59.74 ? 636 ASN C CB   1 
ATOM   472 C CG   . ASN B 2 10 ? -10.003 -8.259  0.113   1.00 61.95 ? 636 ASN C CG   1 
ATOM   473 O OD1  . ASN B 2 10 ? -10.114 -7.472  1.055   1.00 65.00 ? 636 ASN C OD1  1 
ATOM   474 N ND2  . ASN B 2 10 ? -11.074 -8.889  -0.340  1.00 60.78 ? 636 ASN C ND2  1 
ATOM   475 H H    . ASN B 2 10 ? -9.303  -6.589  -2.273  1.00 0.00  ? 636 ASN C H    1 
ATOM   476 H HD21 . ASN B 2 10 ? -11.934 -8.677  0.080   1.00 0.00  ? 636 ASN C HD21 1 
ATOM   477 H HD22 . ASN B 2 10 ? -10.987 -9.482  -1.096  1.00 0.00  ? 636 ASN C HD22 1 
ATOM   478 N N    . ASN B 2 11 ? -6.456  -7.446  -2.632  1.00 59.84 ? 637 ASN C N    1 
ATOM   479 C CA   . ASN B 2 11 ? -5.202  -7.646  -3.359  1.00 61.12 ? 637 ASN C CA   1 
ATOM   480 C C    . ASN B 2 11 ? -4.159  -6.594  -3.010  1.00 61.25 ? 637 ASN C C    1 
ATOM   481 O O    . ASN B 2 11 ? -2.977  -6.878  -2.789  1.00 61.53 ? 637 ASN C O    1 
ATOM   482 C CB   . ASN B 2 11 ? -5.321  -7.517  -4.884  1.00 64.01 ? 637 ASN C CB   1 
ATOM   483 C CG   . ASN B 2 11 ? -6.100  -8.632  -5.651  1.00 67.80 ? 637 ASN C CG   1 
ATOM   484 O OD1  . ASN B 2 11 ? -6.329  -9.712  -5.092  1.00 68.43 ? 637 ASN C OD1  1 
ATOM   485 N ND2  . ASN B 2 11 ? -6.496  -8.373  -6.894  1.00 68.62 ? 637 ASN C ND2  1 
ATOM   486 H H    . ASN B 2 11 ? -7.290  -7.352  -3.148  1.00 0.00  ? 637 ASN C H    1 
ATOM   487 H HD21 . ASN B 2 11 ? -6.938  -9.085  -7.357  1.00 0.00  ? 637 ASN C HD21 1 
ATOM   488 H HD22 . ASN B 2 11 ? -6.330  -7.481  -7.265  1.00 0.00  ? 637 ASN C HD22 1 
ATOM   489 N N    . TYR B 2 12 ? -4.573  -5.321  -3.055  1.00 60.30 ? 638 TYR C N    1 
ATOM   490 C CA   . TYR B 2 12 ? -3.692  -4.236  -2.706  1.00 58.95 ? 638 TYR C CA   1 
ATOM   491 C C    . TYR B 2 12 ? -3.473  -4.180  -1.219  1.00 58.12 ? 638 TYR C C    1 
ATOM   492 O O    . TYR B 2 12 ? -2.348  -3.921  -0.806  1.00 58.25 ? 638 TYR C O    1 
ATOM   493 C CB   . TYR B 2 12 ? -4.299  -2.957  -3.265  1.00 58.34 ? 638 TYR C CB   1 
ATOM   494 C CG   . TYR B 2 12 ? -4.103  -2.931  -4.762  1.00 58.76 ? 638 TYR C CG   1 
ATOM   495 C CD1  . TYR B 2 12 ? -2.809  -3.072  -5.252  1.00 59.13 ? 638 TYR C CD1  1 
ATOM   496 C CD2  . TYR B 2 12 ? -5.179  -2.818  -5.651  1.00 59.56 ? 638 TYR C CD2  1 
ATOM   497 C CE1  . TYR B 2 12 ? -2.560  -3.046  -6.608  1.00 58.59 ? 638 TYR C CE1  1 
ATOM   498 C CE2  . TYR B 2 12 ? -4.928  -2.756  -7.037  1.00 60.72 ? 638 TYR C CE2  1 
ATOM   499 C CZ   . TYR B 2 12 ? -3.608  -2.897  -7.491  1.00 59.43 ? 638 TYR C CZ   1 
ATOM   500 O OH   . TYR B 2 12 ? -3.262  -2.702  -8.812  1.00 58.81 ? 638 TYR C OH   1 
ATOM   501 H H    . TYR B 2 12 ? -5.465  -5.095  -3.427  1.00 0.00  ? 638 TYR C H    1 
ATOM   502 H HH   . TYR B 2 12 ? -2.326  -2.697  -8.984  1.00 0.00  ? 638 TYR C HH   1 
ATOM   503 N N    . THR B 2 13 ? -4.461  -4.500  -0.407  1.00 57.10 ? 639 THR C N    1 
ATOM   504 C CA   . THR B 2 13 ? -4.215  -4.551  1.014   1.00 57.84 ? 639 THR C CA   1 
ATOM   505 C C    . THR B 2 13 ? -3.170  -5.603  1.414   1.00 58.82 ? 639 THR C C    1 
ATOM   506 O O    . THR B 2 13 ? -2.365  -5.376  2.346   1.00 58.69 ? 639 THR C O    1 
ATOM   507 C CB   . THR B 2 13 ? -5.479  -4.858  1.758   1.00 57.69 ? 639 THR C CB   1 
ATOM   508 O OG1  . THR B 2 13 ? -6.356  -3.798  1.494   1.00 60.10 ? 639 THR C OG1  1 
ATOM   509 C CG2  . THR B 2 13 ? -5.276  -4.935  3.262   1.00 55.45 ? 639 THR C CG2  1 
ATOM   510 H H    . THR B 2 13 ? -5.325  -4.728  -0.794  1.00 0.00  ? 639 THR C H    1 
ATOM   511 H HG1  . THR B 2 13 ? -6.643  -3.789  0.576   1.00 0.00  ? 639 THR C HG1  1 
ATOM   512 N N    . SER B 2 14 ? -3.175  -6.761  0.742   1.00 59.42 ? 640 SER C N    1 
ATOM   513 C CA   . SER B 2 14 ? -2.186  -7.792  1.024   1.00 60.07 ? 640 SER C CA   1 
ATOM   514 C C    . SER B 2 14 ? -0.795  -7.360  0.568   1.00 58.97 ? 640 SER C C    1 
ATOM   515 O O    . SER B 2 14 ? 0.148   -7.598  1.330   1.00 60.33 ? 640 SER C O    1 
ATOM   516 C CB   . SER B 2 14 ? -2.539  -9.097  0.322   1.00 62.43 ? 640 SER C CB   1 
ATOM   517 O OG   . SER B 2 14 ? -3.783  -9.566  0.825   1.00 69.53 ? 640 SER C OG   1 
ATOM   518 H H    . SER B 2 14 ? -3.862  -6.945  0.062   1.00 0.00  ? 640 SER C H    1 
ATOM   519 H HG   . SER B 2 14 ? -3.722  -9.793  1.748   1.00 0.00  ? 640 SER C HG   1 
ATOM   520 N N    . LEU B 2 15 ? -0.636  -6.716  -0.594  1.00 56.88 ? 641 LEU C N    1 
ATOM   521 C CA   . LEU B 2 15 ? 0.653   -6.229  -1.029  1.00 55.95 ? 641 LEU C CA   1 
ATOM   522 C C    . LEU B 2 15 ? 1.155   -5.144  -0.049  1.00 56.33 ? 641 LEU C C    1 
ATOM   523 O O    . LEU B 2 15 ? 2.335   -5.121  0.322   1.00 55.67 ? 641 LEU C O    1 
ATOM   524 C CB   . LEU B 2 15 ? 0.507   -5.671  -2.462  1.00 53.81 ? 641 LEU C CB   1 
ATOM   525 C CG   . LEU B 2 15 ? 1.787   -5.272  -3.194  1.00 52.82 ? 641 LEU C CG   1 
ATOM   526 C CD1  . LEU B 2 15 ? 2.578   -6.533  -3.548  1.00 52.33 ? 641 LEU C CD1  1 
ATOM   527 C CD2  . LEU B 2 15 ? 1.446   -4.481  -4.448  1.00 50.59 ? 641 LEU C CD2  1 
ATOM   528 H H    . LEU B 2 15 ? -1.424  -6.569  -1.160  1.00 0.00  ? 641 LEU C H    1 
ATOM   529 N N    . ILE B 2 16 ? 0.266   -4.269  0.461   1.00 55.99 ? 642 ILE C N    1 
ATOM   530 C CA   . ILE B 2 16 ? 0.647   -3.192  1.368   1.00 55.40 ? 642 ILE C CA   1 
ATOM   531 C C    . ILE B 2 16 ? 1.018   -3.790  2.687   1.00 55.08 ? 642 ILE C C    1 
ATOM   532 O O    . ILE B 2 16 ? 1.965   -3.353  3.310   1.00 55.36 ? 642 ILE C O    1 
ATOM   533 C CB   . ILE B 2 16 ? -0.497  -2.168  1.591   1.00 54.86 ? 642 ILE C CB   1 
ATOM   534 C CG1  . ILE B 2 16 ? -0.831  -1.458  0.318   1.00 53.06 ? 642 ILE C CG1  1 
ATOM   535 C CG2  . ILE B 2 16 ? -0.038  -1.056  2.518   1.00 57.37 ? 642 ILE C CG2  1 
ATOM   536 C CD1  . ILE B 2 16 ? -2.108  -0.640  0.376   1.00 48.58 ? 642 ILE C CD1  1 
ATOM   537 H H    . ILE B 2 16 ? -0.678  -4.325  0.175   1.00 0.00  ? 642 ILE C H    1 
ATOM   538 N N    . HIS B 2 17 ? 0.342   -4.796  3.160   1.00 55.14 ? 643 HIS C N    1 
ATOM   539 C CA   . HIS B 2 17 ? 0.789   -5.447  4.370   1.00 56.94 ? 643 HIS C CA   1 
ATOM   540 C C    . HIS B 2 17 ? 2.156   -6.056  4.278   1.00 55.82 ? 643 HIS C C    1 
ATOM   541 O O    . HIS B 2 17 ? 2.934   -5.937  5.232   1.00 55.49 ? 643 HIS C O    1 
ATOM   542 C CB   . HIS B 2 17 ? -0.117  -6.546  4.767   1.00 63.78 ? 643 HIS C CB   1 
ATOM   543 C CG   . HIS B 2 17 ? -1.097  -5.889  5.725   1.00 73.07 ? 643 HIS C CG   1 
ATOM   544 N ND1  . HIS B 2 17 ? -1.229  -6.153  7.020   1.00 78.26 ? 643 HIS C ND1  1 
ATOM   545 C CD2  . HIS B 2 17 ? -1.954  -4.888  5.351   1.00 77.77 ? 643 HIS C CD2  1 
ATOM   546 C CE1  . HIS B 2 17 ? -2.136  -5.333  7.440   1.00 81.50 ? 643 HIS C CE1  1 
ATOM   547 N NE2  . HIS B 2 17 ? -2.569  -4.581  6.440   1.00 81.84 ? 643 HIS C NE2  1 
ATOM   548 H H    . HIS B 2 17 ? -0.429  -5.139  2.638   1.00 0.00  ? 643 HIS C H    1 
ATOM   549 H HD1  . HIS B 2 17 ? -0.783  -6.868  7.506   1.00 0.00  ? 643 HIS C HD1  1 
ATOM   550 H HE2  . HIS B 2 17 ? -3.223  -3.856  6.498   1.00 0.00  ? 643 HIS C HE2  1 
ATOM   551 N N    . SER B 2 18 ? 2.427   -6.725  3.159   1.00 55.58 ? 644 SER C N    1 
ATOM   552 C CA   . SER B 2 18 ? 3.742   -7.309  2.972   1.00 54.97 ? 644 SER C CA   1 
ATOM   553 C C    . SER B 2 18 ? 4.798   -6.207  2.897   1.00 53.50 ? 644 SER C C    1 
ATOM   554 O O    . SER B 2 18 ? 5.854   -6.366  3.529   1.00 53.52 ? 644 SER C O    1 
ATOM   555 C CB   . SER B 2 18 ? 3.951   -8.074  1.650   1.00 56.29 ? 644 SER C CB   1 
ATOM   556 O OG   . SER B 2 18 ? 2.819   -8.744  0.926   1.00 59.92 ? 644 SER C OG   1 
ATOM   557 H H    . SER B 2 18 ? 1.710   -6.923  2.506   1.00 0.00  ? 644 SER C H    1 
ATOM   558 H HG   . SER B 2 18 ? 2.412   -9.386  1.510   1.00 0.00  ? 644 SER C HG   1 
ATOM   559 N N    . LEU B 2 19 ? 4.534   -5.080  2.198   1.00 51.33 ? 645 LEU C N    1 
ATOM   560 C CA   . LEU B 2 19 ? 5.539   -4.052  2.076   1.00 48.71 ? 645 LEU C CA   1 
ATOM   561 C C    . LEU B 2 19 ? 5.735   -3.336  3.377   1.00 48.35 ? 645 LEU C C    1 
ATOM   562 O O    . LEU B 2 19 ? 6.878   -3.057  3.712   1.00 49.33 ? 645 LEU C O    1 
ATOM   563 C CB   . LEU B 2 19 ? 5.151   -3.084  0.951   1.00 45.58 ? 645 LEU C CB   1 
ATOM   564 C CG   . LEU B 2 19 ? 5.033   -3.695  -0.450  1.00 39.61 ? 645 LEU C CG   1 
ATOM   565 C CD1  . LEU B 2 19 ? 4.658   -2.633  -1.408  1.00 41.30 ? 645 LEU C CD1  1 
ATOM   566 C CD2  . LEU B 2 19 ? 6.342   -4.292  -0.898  1.00 38.15 ? 645 LEU C CD2  1 
ATOM   567 H H    . LEU B 2 19 ? 3.664   -4.958  1.762   1.00 0.00  ? 645 LEU C H    1 
ATOM   568 N N    . ILE B 2 20 ? 4.690   -3.132  4.188   1.00 48.24 ? 646 ILE C N    1 
ATOM   569 C CA   . ILE B 2 20 ? 4.815   -2.468  5.491   1.00 48.80 ? 646 ILE C CA   1 
ATOM   570 C C    . ILE B 2 20 ? 5.627   -3.380  6.402   1.00 51.17 ? 646 ILE C C    1 
ATOM   571 O O    . ILE B 2 20 ? 6.509   -2.917  7.132   1.00 50.43 ? 646 ILE C O    1 
ATOM   572 C CB   . ILE B 2 20 ? 3.421   -2.180  6.084   1.00 44.77 ? 646 ILE C CB   1 
ATOM   573 C CG1  . ILE B 2 20 ? 2.677   -1.170  5.239   1.00 43.19 ? 646 ILE C CG1  1 
ATOM   574 C CG2  . ILE B 2 20 ? 3.585   -1.578  7.450   1.00 43.97 ? 646 ILE C CG2  1 
ATOM   575 C CD1  . ILE B 2 20 ? 1.234   -0.946  5.701   1.00 39.46 ? 646 ILE C CD1  1 
ATOM   576 H H    . ILE B 2 20 ? 3.804   -3.417  3.880   1.00 0.00  ? 646 ILE C H    1 
ATOM   577 N N    . GLU B 2 21 ? 5.416   -4.690  6.318   1.00 54.35 ? 647 GLU C N    1 
ATOM   578 C CA   . GLU B 2 21 ? 6.156   -5.652  7.124   1.00 56.99 ? 647 GLU C CA   1 
ATOM   579 C C    . GLU B 2 21 ? 7.629   -5.740  6.678   1.00 57.37 ? 647 GLU C C    1 
ATOM   580 O O    . GLU B 2 21 ? 8.559   -5.749  7.498   1.00 58.06 ? 647 GLU C O    1 
ATOM   581 C CB   . GLU B 2 21 ? 5.486   -6.994  6.975   1.00 62.05 ? 647 GLU C CB   1 
ATOM   582 C CG   . GLU B 2 21 ? 5.976   -8.088  7.947   1.00 71.88 ? 647 GLU C CG   1 
ATOM   583 C CD   . GLU B 2 21 ? 5.325   -9.465  7.774   1.00 79.96 ? 647 GLU C CD   1 
ATOM   584 O OE1  . GLU B 2 21 ? 4.460   -9.645  6.901   1.00 83.26 ? 647 GLU C OE1  1 
ATOM   585 O OE2  . GLU B 2 21 ? 5.695   -10.368 8.530   1.00 83.60 ? 647 GLU C OE2  1 
ATOM   586 H H    . GLU B 2 21 ? 4.776   -5.019  5.656   1.00 0.00  ? 647 GLU C H    1 
ATOM   587 N N    . GLU B 2 22 ? 7.906   -5.782  5.372   1.00 57.16 ? 648 GLU C N    1 
ATOM   588 C CA   . GLU B 2 22 ? 9.250   -5.821  4.832   1.00 57.13 ? 648 GLU C CA   1 
ATOM   589 C C    . GLU B 2 22 ? 9.995   -4.572  5.240   1.00 55.73 ? 648 GLU C C    1 
ATOM   590 O O    . GLU B 2 22 ? 11.167  -4.650  5.625   1.00 55.55 ? 648 GLU C O    1 
ATOM   591 C CB   . GLU B 2 22 ? 9.206   -5.858  3.360   1.00 62.05 ? 648 GLU C CB   1 
ATOM   592 C CG   . GLU B 2 22 ? 10.541  -6.113  2.653   1.00 74.11 ? 648 GLU C CG   1 
ATOM   593 C CD   . GLU B 2 22 ? 10.448  -6.124  1.113   1.00 85.94 ? 648 GLU C CD   1 
ATOM   594 O OE1  . GLU B 2 22 ? 9.359   -5.951  0.545   1.00 91.79 ? 648 GLU C OE1  1 
ATOM   595 O OE2  . GLU B 2 22 ? 11.482  -6.309  0.461   1.00 88.20 ? 648 GLU C OE2  1 
ATOM   596 H H    . GLU B 2 22 ? 7.144   -5.774  4.760   1.00 0.00  ? 648 GLU C H    1 
ATOM   597 N N    . SER B 2 23 ? 9.345   -3.417  5.157   1.00 54.84 ? 649 SER C N    1 
ATOM   598 C CA   . SER B 2 23 ? 9.913   -2.154  5.577   1.00 53.47 ? 649 SER C CA   1 
ATOM   599 C C    . SER B 2 23 ? 10.226  -2.079  7.050   1.00 52.80 ? 649 SER C C    1 
ATOM   600 O O    . SER B 2 23 ? 11.269  -1.570  7.432   1.00 53.07 ? 649 SER C O    1 
ATOM   601 C CB   . SER B 2 23 ? 8.964   -1.067  5.210   1.00 52.08 ? 649 SER C CB   1 
ATOM   602 O OG   . SER B 2 23 ? 8.736   -0.942  3.815   1.00 48.93 ? 649 SER C OG   1 
ATOM   603 H H    . SER B 2 23 ? 8.439   -3.401  4.781   1.00 0.00  ? 649 SER C H    1 
ATOM   604 H HG   . SER B 2 23 ? 9.576   -0.701  3.411   1.00 0.00  ? 649 SER C HG   1 
ATOM   605 N N    . GLN B 2 24 ? 9.347   -2.629  7.877   1.00 52.79 ? 650 GLN C N    1 
ATOM   606 C CA   . GLN B 2 24 ? 9.503   -2.764  9.329   1.00 53.64 ? 650 GLN C CA   1 
ATOM   607 C C    . GLN B 2 24 ? 10.771  -3.543  9.653   1.00 53.04 ? 650 GLN C C    1 
ATOM   608 O O    . GLN B 2 24 ? 11.514  -3.151  10.575  1.00 54.05 ? 650 GLN C O    1 
ATOM   609 C CB   . GLN B 2 24 ? 8.309   -3.519  9.945   1.00 56.65 ? 650 GLN C CB   1 
ATOM   610 C CG   . GLN B 2 24 ? 7.280   -2.813  10.835  1.00 62.17 ? 650 GLN C CG   1 
ATOM   611 C CD   . GLN B 2 24 ? 5.936   -3.566  10.999  1.00 66.78 ? 650 GLN C CD   1 
ATOM   612 O OE1  . GLN B 2 24 ? 5.839   -4.750  11.335  1.00 69.78 ? 650 GLN C OE1  1 
ATOM   613 N NE2  . GLN B 2 24 ? 4.789   -2.948  10.767  1.00 67.82 ? 650 GLN C NE2  1 
ATOM   614 H H    . GLN B 2 24 ? 8.485   -2.920  7.494   1.00 0.00  ? 650 GLN C H    1 
ATOM   615 H HE21 . GLN B 2 24 ? 3.995   -3.516  10.880  1.00 0.00  ? 650 GLN C HE21 1 
ATOM   616 H HE22 . GLN B 2 24 ? 4.779   -2.015  10.505  1.00 0.00  ? 650 GLN C HE22 1 
ATOM   617 N N    . ASN B 2 25 ? 11.051  -4.587  8.849   1.00 51.27 ? 651 ASN C N    1 
ATOM   618 C CA   . ASN B 2 25 ? 12.232  -5.425  9.054   1.00 49.91 ? 651 ASN C CA   1 
ATOM   619 C C    . ASN B 2 25 ? 13.490  -4.714  8.595   1.00 48.34 ? 651 ASN C C    1 
ATOM   620 O O    . ASN B 2 25 ? 14.489  -4.624  9.309   1.00 47.51 ? 651 ASN C O    1 
ATOM   621 C CB   . ASN B 2 25 ? 12.129  -6.734  8.292   1.00 49.79 ? 651 ASN C CB   1 
ATOM   622 C CG   . ASN B 2 25 ? 10.992  -7.534  8.858   1.00 53.41 ? 651 ASN C CG   1 
ATOM   623 O OD1  . ASN B 2 25 ? 10.750  -7.528  10.068  1.00 52.64 ? 651 ASN C OD1  1 
ATOM   624 N ND2  . ASN B 2 25 ? 10.216  -8.165  7.971   1.00 59.61 ? 651 ASN C ND2  1 
ATOM   625 H H    . ASN B 2 25 ? 10.443  -4.781  8.105   1.00 0.00  ? 651 ASN C H    1 
ATOM   626 H HD21 . ASN B 2 25 ? 9.405   -8.614  8.313   1.00 0.00  ? 651 ASN C HD21 1 
ATOM   627 H HD22 . ASN B 2 25 ? 10.398  -8.089  7.029   1.00 0.00  ? 651 ASN C HD22 1 
ATOM   628 N N    . GLN B 2 26 ? 13.455  -4.114  7.404   1.00 47.33 ? 652 GLN C N    1 
ATOM   629 C CA   . GLN B 2 26 ? 14.571  -3.350  6.890   1.00 47.23 ? 652 GLN C CA   1 
ATOM   630 C C    . GLN B 2 26 ? 14.791  -2.170  7.802   1.00 47.47 ? 652 GLN C C    1 
ATOM   631 O O    . GLN B 2 26 ? 15.934  -1.820  7.983   1.00 48.04 ? 652 GLN C O    1 
ATOM   632 C CB   . GLN B 2 26 ? 14.235  -2.913  5.521   1.00 45.56 ? 652 GLN C CB   1 
ATOM   633 C CG   . GLN B 2 26 ? 15.305  -2.354  4.574   1.00 47.99 ? 652 GLN C CG   1 
ATOM   634 C CD   . GLN B 2 26 ? 16.424  -3.295  4.184   1.00 51.30 ? 652 GLN C CD   1 
ATOM   635 O OE1  . GLN B 2 26 ? 16.271  -4.175  3.341   1.00 51.42 ? 652 GLN C OE1  1 
ATOM   636 N NE2  . GLN B 2 26 ? 17.625  -3.095  4.702   1.00 47.15 ? 652 GLN C NE2  1 
ATOM   637 H H    . GLN B 2 26 ? 12.653  -4.241  6.860   1.00 0.00  ? 652 GLN C H    1 
ATOM   638 H HE21 . GLN B 2 26 ? 18.361  -3.709  4.437   1.00 0.00  ? 652 GLN C HE21 1 
ATOM   639 H HE22 . GLN B 2 26 ? 17.792  -2.359  5.337   1.00 0.00  ? 652 GLN C HE22 1 
ATOM   640 N N    . GLN B 2 27 ? 13.808  -1.565  8.448   1.00 47.45 ? 653 GLN C N    1 
ATOM   641 C CA   . GLN B 2 27 ? 14.040  -0.473  9.373   1.00 49.03 ? 653 GLN C CA   1 
ATOM   642 C C    . GLN B 2 27 ? 14.900  -0.933  10.535  1.00 51.89 ? 653 GLN C C    1 
ATOM   643 O O    . GLN B 2 27 ? 15.875  -0.254  10.868  1.00 52.35 ? 653 GLN C O    1 
ATOM   644 C CB   . GLN B 2 27 ? 12.740  0.047   9.929   1.00 47.54 ? 653 GLN C CB   1 
ATOM   645 C CG   . GLN B 2 27 ? 12.948  1.391   10.644  1.00 46.28 ? 653 GLN C CG   1 
ATOM   646 C CD   . GLN B 2 27 ? 13.445  2.551   9.772   1.00 45.38 ? 653 GLN C CD   1 
ATOM   647 O OE1  . GLN B 2 27 ? 13.558  2.516   8.556   1.00 45.74 ? 653 GLN C OE1  1 
ATOM   648 N NE2  . GLN B 2 27 ? 13.680  3.747   10.214  1.00 45.80 ? 653 GLN C NE2  1 
ATOM   649 H H    . GLN B 2 27 ? 12.899  -1.892  8.304   1.00 0.00  ? 653 GLN C H    1 
ATOM   650 H HE21 . GLN B 2 27 ? 13.832  4.444   9.529   1.00 0.00  ? 653 GLN C HE21 1 
ATOM   651 H HE22 . GLN B 2 27 ? 13.517  3.979   11.150  1.00 0.00  ? 653 GLN C HE22 1 
ATOM   652 N N    . GLU B 2 28 ? 14.600  -2.115  11.104  1.00 54.43 ? 654 GLU C N    1 
ATOM   653 C CA   . GLU B 2 28 ? 15.407  -2.671  12.190  1.00 55.77 ? 654 GLU C CA   1 
ATOM   654 C C    . GLU B 2 28 ? 16.820  -2.998  11.711  1.00 55.11 ? 654 GLU C C    1 
ATOM   655 O O    . GLU B 2 28 ? 17.802  -2.608  12.359  1.00 55.24 ? 654 GLU C O    1 
ATOM   656 C CB   . GLU B 2 28 ? 14.721  -3.927  12.762  1.00 59.12 ? 654 GLU C CB   1 
ATOM   657 C CG   . GLU B 2 28 ? 13.600  -3.609  13.772  1.00 69.14 ? 654 GLU C CG   1 
ATOM   658 C CD   . GLU B 2 28 ? 12.465  -4.653  13.921  1.00 76.48 ? 654 GLU C CD   1 
ATOM   659 O OE1  . GLU B 2 28 ? 11.658  -4.810  13.002  1.00 77.99 ? 654 GLU C OE1  1 
ATOM   660 O OE2  . GLU B 2 28 ? 12.361  -5.321  14.956  1.00 78.90 ? 654 GLU C OE2  1 
ATOM   661 H H    . GLU B 2 28 ? 13.842  -2.623  10.741  1.00 0.00  ? 654 GLU C H    1 
ATOM   662 N N    . LYS B 2 29 ? 16.974  -3.631  10.540  1.00 54.37 ? 655 LYS C N    1 
ATOM   663 C CA   . LYS B 2 29 ? 18.275  -3.980  9.978   1.00 54.47 ? 655 LYS C CA   1 
ATOM   664 C C    . LYS B 2 29 ? 19.141  -2.752  9.683   1.00 54.88 ? 655 LYS C C    1 
ATOM   665 O O    . LYS B 2 29 ? 20.347  -2.705  9.931   1.00 54.37 ? 655 LYS C O    1 
ATOM   666 C CB   . LYS B 2 29 ? 18.018  -4.791  8.721   1.00 54.89 ? 655 LYS C CB   1 
ATOM   667 C CG   . LYS B 2 29 ? 19.234  -5.560  8.198   1.00 59.61 ? 655 LYS C CG   1 
ATOM   668 C CD   . LYS B 2 29 ? 18.883  -6.543  7.061   1.00 65.23 ? 655 LYS C CD   1 
ATOM   669 C CE   . LYS B 2 29 ? 17.983  -7.746  7.454   1.00 68.13 ? 655 LYS C CE   1 
ATOM   670 N NZ   . LYS B 2 29 ? 17.883  -8.773  6.417   1.00 69.83 ? 655 LYS C NZ   1 
ATOM   671 H H    . LYS B 2 29 ? 16.155  -3.883  10.057  1.00 0.00  ? 655 LYS C H    1 
ATOM   672 H HZ1  . LYS B 2 29 ? 17.486  -8.376  5.541   1.00 0.00  ? 655 LYS C HZ1  1 
ATOM   673 H HZ2  . LYS B 2 29 ? 18.828  -9.160  6.203   1.00 0.00  ? 655 LYS C HZ2  1 
ATOM   674 H HZ3  . LYS B 2 29 ? 17.277  -9.556  6.741   1.00 0.00  ? 655 LYS C HZ3  1 
ATOM   675 N N    . ASN B 2 30 ? 18.537  -1.703  9.148   1.00 56.18 ? 656 ASN C N    1 
ATOM   676 C CA   . ASN B 2 30 ? 19.222  -0.483  8.793   1.00 56.44 ? 656 ASN C CA   1 
ATOM   677 C C    . ASN B 2 30 ? 19.614  0.191   10.060  1.00 57.72 ? 656 ASN C C    1 
ATOM   678 O O    . ASN B 2 30 ? 20.770  0.607   10.110  1.00 58.23 ? 656 ASN C O    1 
ATOM   679 C CB   . ASN B 2 30 ? 18.325  0.460   7.992   1.00 56.38 ? 656 ASN C CB   1 
ATOM   680 C CG   . ASN B 2 30 ? 18.061  -0.078  6.585   1.00 57.60 ? 656 ASN C CG   1 
ATOM   681 O OD1  . ASN B 2 30 ? 18.911  -0.734  5.958   1.00 59.08 ? 656 ASN C OD1  1 
ATOM   682 N ND2  . ASN B 2 30 ? 16.851  0.052   6.051   1.00 57.31 ? 656 ASN C ND2  1 
ATOM   683 H H    . ASN B 2 30 ? 17.589  -1.788  8.894   1.00 0.00  ? 656 ASN C H    1 
ATOM   684 H HD21 . ASN B 2 30 ? 16.634  -0.406  5.223   1.00 0.00  ? 656 ASN C HD21 1 
ATOM   685 H HD22 . ASN B 2 30 ? 16.178  0.502   6.609   1.00 0.00  ? 656 ASN C HD22 1 
ATOM   686 N N    . GLU B 2 31 ? 18.765  0.246   11.101  1.00 58.95 ? 657 GLU C N    1 
ATOM   687 C CA   . GLU B 2 31 ? 19.172  0.822   12.375  1.00 61.26 ? 657 GLU C CA   1 
ATOM   688 C C    . GLU B 2 31 ? 20.321  0.034   12.971  1.00 62.47 ? 657 GLU C C    1 
ATOM   689 O O    . GLU B 2 31 ? 21.282  0.624   13.457  1.00 62.52 ? 657 GLU C O    1 
ATOM   690 C CB   . GLU B 2 31 ? 18.042  0.812   13.346  1.00 62.42 ? 657 GLU C CB   1 
ATOM   691 C CG   . GLU B 2 31 ? 16.866  1.702   12.942  1.00 65.99 ? 657 GLU C CG   1 
ATOM   692 C CD   . GLU B 2 31 ? 15.678  1.675   13.891  1.00 68.51 ? 657 GLU C CD   1 
ATOM   693 O OE1  . GLU B 2 31 ? 15.722  1.021   14.935  1.00 72.44 ? 657 GLU C OE1  1 
ATOM   694 O OE2  . GLU B 2 31 ? 14.695  2.334   13.580  1.00 69.49 ? 657 GLU C OE2  1 
ATOM   695 H H    . GLU B 2 31 ? 17.848  -0.092  11.005  1.00 0.00  ? 657 GLU C H    1 
ATOM   696 N N    . GLN B 2 32 ? 20.302  -1.296  12.888  1.00 63.77 ? 658 GLN C N    1 
ATOM   697 C CA   . GLN B 2 32 ? 21.421  -2.121  13.345  1.00 64.97 ? 658 GLN C CA   1 
ATOM   698 C C    . GLN B 2 32 ? 22.702  -1.782  12.586  1.00 64.88 ? 658 GLN C C    1 
ATOM   699 O O    . GLN B 2 32 ? 23.731  -1.704  13.239  1.00 64.89 ? 658 GLN C O    1 
ATOM   700 C CB   . GLN B 2 32 ? 21.216  -3.613  13.107  1.00 67.79 ? 658 GLN C CB   1 
ATOM   701 C CG   . GLN B 2 32 ? 20.064  -4.375  13.758  1.00 69.56 ? 658 GLN C CG   1 
ATOM   702 C CD   . GLN B 2 32 ? 19.815  -5.758  13.155  1.00 71.90 ? 658 GLN C CD   1 
ATOM   703 O OE1  . GLN B 2 32 ? 20.138  -6.144  12.020  1.00 69.19 ? 658 GLN C OE1  1 
ATOM   704 N NE2  . GLN B 2 32 ? 19.126  -6.525  13.983  1.00 73.46 ? 658 GLN C NE2  1 
ATOM   705 H H    . GLN B 2 32 ? 19.523  -1.758  12.511  1.00 0.00  ? 658 GLN C H    1 
ATOM   706 H HE21 . GLN B 2 32 ? 18.906  -7.425  13.666  1.00 0.00  ? 658 GLN C HE21 1 
ATOM   707 H HE22 . GLN B 2 32 ? 18.846  -6.148  14.840  1.00 0.00  ? 658 GLN C HE22 1 
ATOM   708 N N    . GLU B 2 33 ? 22.656  -1.595  11.267  1.00 64.42 ? 659 GLU C N    1 
ATOM   709 C CA   . GLU B 2 33 ? 23.855  -1.351  10.488  1.00 64.32 ? 659 GLU C CA   1 
ATOM   710 C C    . GLU B 2 33 ? 24.478  0.002   10.746  1.00 62.40 ? 659 GLU C C    1 
ATOM   711 O O    . GLU B 2 33 ? 25.654  0.222   10.489  1.00 61.69 ? 659 GLU C O    1 
ATOM   712 C CB   . GLU B 2 33 ? 23.521  -1.460  9.023   1.00 68.95 ? 659 GLU C CB   1 
ATOM   713 C CG   . GLU B 2 33 ? 24.751  -1.497  8.100   1.00 78.11 ? 659 GLU C CG   1 
ATOM   714 C CD   . GLU B 2 33 ? 24.403  -1.639  6.625   1.00 86.51 ? 659 GLU C CD   1 
ATOM   715 O OE1  . GLU B 2 33 ? 23.215  -1.759  6.301   1.00 90.49 ? 659 GLU C OE1  1 
ATOM   716 O OE2  . GLU B 2 33 ? 25.317  -1.639  5.794   1.00 90.41 ? 659 GLU C OE2  1 
ATOM   717 H H    . GLU B 2 33 ? 21.789  -1.653  10.810  1.00 0.00  ? 659 GLU C H    1 
ATOM   718 N N    . LEU B 2 34 ? 23.628  0.935   11.121  1.00 61.04 ? 660 LEU C N    1 
ATOM   719 C CA   . LEU B 2 34 ? 24.130  2.221   11.516  1.00 60.69 ? 660 LEU C CA   1 
ATOM   720 C C    . LEU B 2 34 ? 24.982  2.171   12.781  1.00 60.42 ? 660 LEU C C    1 
ATOM   721 O O    . LEU B 2 34 ? 25.961  2.911   12.847  1.00 60.27 ? 660 LEU C O    1 
ATOM   722 C CB   . LEU B 2 34 ? 22.927  3.170   11.680  1.00 60.36 ? 660 LEU C CB   1 
ATOM   723 C CG   . LEU B 2 34 ? 23.038  4.479   10.873  1.00 59.86 ? 660 LEU C CG   1 
ATOM   724 C CD1  . LEU B 2 34 ? 23.521  4.225   9.423   1.00 64.42 ? 660 LEU C CD1  1 
ATOM   725 C CD2  . LEU B 2 34 ? 21.712  5.129   10.921  1.00 55.37 ? 660 LEU C CD2  1 
ATOM   726 H H    . LEU B 2 34 ? 22.661  0.770   11.017  1.00 0.00  ? 660 LEU C H    1 
ATOM   727 N N    . LEU B 2 35 ? 24.657  1.313   13.737  1.00 60.33 ? 661 LEU C N    1 
ATOM   728 C CA   . LEU B 2 35 ? 25.398  1.192   14.994  1.00 60.95 ? 661 LEU C CA   1 
ATOM   729 C C    . LEU B 2 35 ? 26.731  0.415   14.957  1.00 61.99 ? 661 LEU C C    1 
ATOM   730 O O    . LEU B 2 35 ? 26.862  -0.569  14.234  1.00 60.13 ? 661 LEU C O    1 
ATOM   731 C CB   . LEU B 2 35 ? 24.470  0.536   16.042  1.00 59.85 ? 661 LEU C CB   1 
ATOM   732 C CG   . LEU B 2 35 ? 23.150  1.205   16.373  1.00 57.97 ? 661 LEU C CG   1 
ATOM   733 C CD1  . LEU B 2 35 ? 22.378  0.419   17.402  1.00 57.79 ? 661 LEU C CD1  1 
ATOM   734 C CD2  . LEU B 2 35 ? 23.448  2.555   16.933  1.00 54.71 ? 661 LEU C CD2  1 
ATOM   735 H H    . LEU B 2 35 ? 23.993  0.607   13.548  1.00 0.00  ? 661 LEU C H    1 
HETATM 736 O O    . HOH C 3 .  ? 3.504   -1.760  -5.477  1.00 57.88 ? 13  HOH N O    1 
HETATM 737 H H1   . HOH C 3 .  ? 3.230   -1.599  -4.573  1.00 0.00  ? 13  HOH N H1   1 
HETATM 738 H H2   . HOH C 3 .  ? 3.118   -2.605  -5.714  1.00 0.00  ? 13  HOH N H2   1 
HETATM 739 O O    . HOH C 3 .  ? 12.231  -2.878  3.625   1.00 65.57 ? 17  HOH N O    1 
HETATM 740 H H1   . HOH C 3 .  ? 12.092  -1.945  3.798   1.00 0.00  ? 17  HOH N H1   1 
HETATM 741 H H2   . HOH C 3 .  ? 11.766  -3.355  4.314   1.00 0.00  ? 17  HOH N H2   1 
HETATM 742 O O    . HOH C 3 .  ? -22.965 -0.900  -12.029 1.00 73.77 ? 20  HOH N O    1 
HETATM 743 H H1   . HOH C 3 .  ? -22.554 -0.161  -11.575 1.00 0.00  ? 20  HOH N H1   1 
HETATM 744 H H2   . HOH C 3 .  ? -23.571 -1.282  -11.414 1.00 0.00  ? 20  HOH N H2   1 
HETATM 745 O O    . HOH C 3 .  ? 13.837  -4.774  2.288   1.00 45.61 ? 21  HOH N O    1 
HETATM 746 H H1   . HOH C 3 .  ? 14.657  -4.605  2.741   1.00 0.00  ? 21  HOH N H1   1 
HETATM 747 H H2   . HOH C 3 .  ? 13.181  -4.282  2.801   1.00 0.00  ? 21  HOH N H2   1 
HETATM 748 O O    . HOH C 3 .  ? 15.981  -6.548  0.952   1.00 56.60 ? 22  HOH N O    1 
HETATM 749 H H1   . HOH C 3 .  ? 15.900  -7.278  0.331   1.00 0.00  ? 22  HOH N H1   1 
HETATM 750 H H2   . HOH C 3 .  ? 16.010  -5.828  0.339   1.00 0.00  ? 22  HOH N H2   1 
HETATM 751 O O    . HOH C 3 .  ? 25.442  0.103   0.462   1.00 59.72 ? 29  HOH N O    1 
HETATM 752 H H1   . HOH C 3 .  ? 24.655  -0.278  0.733   1.00 0.00  ? 29  HOH N H1   1 
HETATM 753 H H2   . HOH C 3 .  ? 25.962  -0.754  0.481   1.00 0.00  ? 29  HOH N H2   1 
HETATM 754 O O    . HOH C 3 .  ? -9.298  8.988   -9.849  1.00 57.74 ? 30  HOH N O    1 
HETATM 755 H H1   . HOH C 3 .  ? -8.883  9.732   -10.292 1.00 0.00  ? 30  HOH N H1   1 
HETATM 756 H H2   . HOH C 3 .  ? -10.206 9.070   -10.121 1.00 0.00  ? 30  HOH N H2   1 
HETATM 757 O O    . HOH C 3 .  ? -11.218 2.568   -9.653  1.00 93.45 ? 31  HOH N O    1 
HETATM 758 H H1   . HOH C 3 .  ? -10.938 2.638   -10.551 1.00 0.00  ? 31  HOH N H1   1 
HETATM 759 H H2   . HOH C 3 .  ? -11.840 1.834   -9.656  1.00 0.00  ? 31  HOH N H2   1 
HETATM 760 O O    . HOH C 3 .  ? -17.494 5.345   -9.841  1.00 63.40 ? 32  HOH N O    1 
HETATM 761 H H1   . HOH C 3 .  ? -18.190 6.003   -9.729  1.00 0.00  ? 32  HOH N H1   1 
HETATM 762 H H2   . HOH C 3 .  ? -17.267 5.087   -8.932  1.00 0.00  ? 32  HOH N H2   1 
HETATM 763 O O    . HOH C 3 .  ? -23.314 11.471  -10.073 1.00 74.83 ? 33  HOH N O    1 
HETATM 764 H H1   . HOH C 3 .  ? -22.873 11.782  -10.845 1.00 0.00  ? 33  HOH N H1   1 
HETATM 765 H H2   . HOH C 3 .  ? -24.191 11.180  -10.336 1.00 0.00  ? 33  HOH N H2   1 
HETATM 766 O O    . HOH C 3 .  ? -19.640 10.919  -9.061  1.00 73.62 ? 34  HOH N O    1 
HETATM 767 H H1   . HOH C 3 .  ? -20.252 11.572  -8.649  1.00 0.00  ? 34  HOH N H1   1 
HETATM 768 H H2   . HOH C 3 .  ? -18.985 11.499  -9.439  1.00 0.00  ? 34  HOH N H2   1 
HETATM 769 O O    . HOH C 3 .  ? 5.125   -4.139  -5.879  1.00 63.54 ? 35  HOH N O    1 
HETATM 770 H H1   . HOH C 3 .  ? 4.891   -3.451  -5.278  1.00 0.00  ? 35  HOH N H1   1 
HETATM 771 H H2   . HOH C 3 .  ? 5.132   -4.965  -5.419  1.00 0.00  ? 35  HOH N H2   1 
HETATM 772 O O    . HOH C 3 .  ? 0.808   -1.386  -6.548  1.00 48.44 ? 36  HOH N O    1 
HETATM 773 H H1   . HOH C 3 .  ? 0.230   -1.953  -7.036  1.00 0.00  ? 36  HOH N H1   1 
HETATM 774 H H2   . HOH C 3 .  ? 0.389   -0.558  -6.358  1.00 0.00  ? 36  HOH N H2   1 
HETATM 775 O O    . HOH C 3 .  ? 8.182   1.426   -8.157  1.00 62.80 ? 37  HOH N O    1 
HETATM 776 H H1   . HOH C 3 .  ? 8.918   0.793   -8.237  1.00 0.00  ? 37  HOH N H1   1 
HETATM 777 H H2   . HOH C 3 .  ? 7.408   0.872   -8.081  1.00 0.00  ? 37  HOH N H2   1 
HETATM 778 O O    . HOH C 3 .  ? 10.834  1.251   -6.858  1.00 82.35 ? 38  HOH N O    1 
HETATM 779 H H1   . HOH C 3 .  ? 10.397  1.274   -5.971  1.00 0.00  ? 38  HOH N H1   1 
HETATM 780 H H2   . HOH C 3 .  ? 11.303  0.426   -6.742  1.00 0.00  ? 38  HOH N H2   1 
HETATM 781 O O    . HOH C 3 .  ? 8.483   -8.197  -1.932  1.00 64.88 ? 40  HOH N O    1 
HETATM 782 H H1   . HOH C 3 .  ? 8.694   -8.931  -2.498  1.00 0.00  ? 40  HOH N H1   1 
HETATM 783 H H2   . HOH C 3 .  ? 9.304   -7.984  -1.474  1.00 0.00  ? 40  HOH N H2   1 
HETATM 784 O O    . HOH D 3 .  ? 23.014  2.254   4.509   1.00 71.66 ? 1   HOH C O    1 
HETATM 785 H H1   . HOH D 3 .  ? 23.379  2.013   5.388   1.00 0.00  ? 1   HOH C H1   1 
HETATM 786 H H2   . HOH D 3 .  ? 22.762  1.411   4.148   1.00 0.00  ? 1   HOH C H2   1 
HETATM 787 O O    . HOH D 3 .  ? 22.520  2.220   7.146   1.00 41.79 ? 2   HOH C O    1 
HETATM 788 H H1   . HOH D 3 .  ? 22.055  1.945   7.945   1.00 0.00  ? 2   HOH C H1   1 
HETATM 789 H H2   . HOH D 3 .  ? 22.478  3.190   7.218   1.00 0.00  ? 2   HOH C H2   1 
HETATM 790 O O    . HOH D 3 .  ? 10.455  -1.112  12.716  1.00 46.90 ? 3   HOH C O    1 
HETATM 791 H H1   . HOH D 3 .  ? 10.735  -1.867  12.179  1.00 0.00  ? 3   HOH C H1   1 
HETATM 792 H H2   . HOH D 3 .  ? 10.232  -0.430  12.056  1.00 0.00  ? 3   HOH C H2   1 
HETATM 793 O O    . HOH D 3 .  ? 12.723  0.298   14.006  1.00 60.62 ? 4   HOH C O    1 
HETATM 794 H H1   . HOH D 3 .  ? 12.635  1.062   13.426  1.00 0.00  ? 4   HOH C H1   1 
HETATM 795 H H2   . HOH D 3 .  ? 11.904  -0.198  13.811  1.00 0.00  ? 4   HOH C H2   1 
HETATM 796 O O    . HOH D 3 .  ? -3.161  -7.805  5.760   1.00 56.12 ? 5   HOH C O    1 
HETATM 797 H H1   . HOH D 3 .  ? -3.346  -8.381  6.507   1.00 0.00  ? 5   HOH C H1   1 
HETATM 798 H H2   . HOH D 3 .  ? -3.354  -8.379  5.005   1.00 0.00  ? 5   HOH C H2   1 
HETATM 799 O O    . HOH D 3 .  ? -20.153 -6.998  -9.323  1.00 49.33 ? 6   HOH C O    1 
HETATM 800 H H1   . HOH D 3 .  ? -19.769 -7.227  -8.488  1.00 0.00  ? 6   HOH C H1   1 
HETATM 801 H H2   . HOH D 3 .  ? -19.455 -6.599  -9.832  1.00 0.00  ? 6   HOH C H2   1 
HETATM 802 O O    . HOH D 3 .  ? -5.694  -7.086  -11.112 1.00 53.95 ? 7   HOH C O    1 
HETATM 803 H H1   . HOH D 3 .  ? -6.350  -7.762  -11.237 1.00 0.00  ? 7   HOH C H1   1 
HETATM 804 H H2   . HOH D 3 .  ? -6.172  -6.283  -10.927 1.00 0.00  ? 7   HOH C H2   1 
HETATM 805 O O    . HOH D 3 .  ? -17.594 -7.375  -10.186 1.00 92.51 ? 8   HOH C O    1 
HETATM 806 H H1   . HOH D 3 .  ? -16.942 -7.483  -9.517  1.00 0.00  ? 8   HOH C H1   1 
HETATM 807 H H2   . HOH D 3 .  ? -17.624 -6.479  -10.469 1.00 0.00  ? 8   HOH C H2   1 
HETATM 808 O O    . HOH D 3 .  ? -11.348 -1.937  -6.308  1.00 91.64 ? 9   HOH C O    1 
HETATM 809 H H1   . HOH D 3 .  ? -11.202 -1.139  -6.767  1.00 0.00  ? 9   HOH C H1   1 
HETATM 810 H H2   . HOH D 3 .  ? -11.420 -2.605  -6.978  1.00 0.00  ? 9   HOH C H2   1 
HETATM 811 O O    . HOH D 3 .  ? -8.895  -9.123  -8.946  1.00 47.78 ? 10  HOH C O    1 
HETATM 812 H H1   . HOH D 3 .  ? -8.034  -8.750  -9.108  1.00 0.00  ? 10  HOH C H1   1 
HETATM 813 H H2   . HOH D 3 .  ? -9.508  -8.580  -9.421  1.00 0.00  ? 10  HOH C H2   1 
HETATM 814 O O    . HOH D 3 .  ? -1.934  -6.115  -7.014  1.00 50.95 ? 11  HOH C O    1 
HETATM 815 H H1   . HOH D 3 .  ? -1.840  -6.779  -6.320  1.00 0.00  ? 11  HOH C H1   1 
HETATM 816 H H2   . HOH D 3 .  ? -2.490  -5.449  -6.660  1.00 0.00  ? 11  HOH C H2   1 
HETATM 817 O O    . HOH D 3 .  ? -2.199  -8.739  -5.737  1.00 53.41 ? 12  HOH C O    1 
HETATM 818 H H1   . HOH D 3 .  ? -3.121  -9.005  -5.658  1.00 0.00  ? 12  HOH C H1   1 
HETATM 819 H H2   . HOH D 3 .  ? -2.037  -8.187  -4.972  1.00 0.00  ? 12  HOH C H2   1 
HETATM 820 O O    . HOH D 3 .  ? 13.940  -7.220  5.618   1.00 65.60 ? 14  HOH C O    1 
HETATM 821 H H1   . HOH D 3 .  ? 14.363  -6.544  5.062   1.00 0.00  ? 14  HOH C H1   1 
HETATM 822 H H2   . HOH D 3 .  ? 13.077  -6.863  5.777   1.00 0.00  ? 14  HOH C H2   1 
HETATM 823 O O    . HOH D 3 .  ? 17.982  -1.267  16.832  1.00 49.07 ? 15  HOH C O    1 
HETATM 824 H H1   . HOH D 3 .  ? 18.394  -1.591  17.634  1.00 0.00  ? 15  HOH C H1   1 
HETATM 825 H H2   . HOH D 3 .  ? 18.233  -1.889  16.147  1.00 0.00  ? 15  HOH C H2   1 
HETATM 826 O O    . HOH D 3 .  ? 16.057  3.064   7.695   1.00 46.71 ? 16  HOH C O    1 
HETATM 827 H H1   . HOH D 3 .  ? 15.317  2.680   8.156   1.00 0.00  ? 16  HOH C H1   1 
HETATM 828 H H2   . HOH D 3 .  ? 15.633  3.690   7.090   1.00 0.00  ? 16  HOH C H2   1 
HETATM 829 O O    . HOH D 3 .  ? -6.681  -10.921 -2.120  1.00 55.74 ? 18  HOH C O    1 
HETATM 830 H H1   . HOH D 3 .  ? -6.318  -10.081 -1.810  1.00 0.00  ? 18  HOH C H1   1 
HETATM 831 H H2   . HOH D 3 .  ? -6.596  -10.849 -3.085  1.00 0.00  ? 18  HOH C H2   1 
HETATM 832 O O    . HOH D 3 .  ? 7.794   -8.393  0.750   1.00 38.62 ? 19  HOH C O    1 
HETATM 833 H H1   . HOH D 3 .  ? 7.648   -9.244  0.344   1.00 0.00  ? 19  HOH C H1   1 
HETATM 834 H H2   . HOH D 3 .  ? 7.091   -8.263  1.370   1.00 0.00  ? 19  HOH C H2   1 
HETATM 835 O O    . HOH D 3 .  ? -8.356  -11.813 -8.778  1.00 59.26 ? 23  HOH C O    1 
HETATM 836 H H1   . HOH D 3 .  ? -8.133  -12.672 -9.118  1.00 0.00  ? 23  HOH C H1   1 
HETATM 837 H H2   . HOH D 3 .  ? -9.061  -11.478 -9.336  1.00 0.00  ? 23  HOH C H2   1 
HETATM 838 O O    . HOH D 3 .  ? -1.671  -10.135 -3.305  1.00 59.36 ? 24  HOH C O    1 
HETATM 839 H H1   . HOH D 3 .  ? -1.258  -10.116 -4.184  1.00 0.00  ? 24  HOH C H1   1 
HETATM 840 H H2   . HOH D 3 .  ? -1.478  -11.012 -2.972  1.00 0.00  ? 24  HOH C H2   1 
HETATM 841 O O    . HOH D 3 .  ? 1.346   -10.301 -0.641  1.00 53.34 ? 25  HOH C O    1 
HETATM 842 H H1   . HOH D 3 .  ? 0.737   -9.671  -0.243  1.00 0.00  ? 25  HOH C H1   1 
HETATM 843 H H2   . HOH D 3 .  ? 2.193   -10.017 -0.286  1.00 0.00  ? 25  HOH C H2   1 
HETATM 844 O O    . HOH D 3 .  ? -1.759  -2.144  8.099   1.00 58.77 ? 26  HOH C O    1 
HETATM 845 H H1   . HOH D 3 .  ? -1.959  -1.791  8.966   1.00 0.00  ? 26  HOH C H1   1 
HETATM 846 H H2   . HOH D 3 .  ? -2.565  -2.556  7.831   1.00 0.00  ? 26  HOH C H2   1 
HETATM 847 O O    . HOH D 3 .  ? 20.355  -4.154  5.128   1.00 71.36 ? 27  HOH C O    1 
HETATM 848 H H1   . HOH D 3 .  ? 20.994  -4.877  5.089   1.00 0.00  ? 27  HOH C H1   1 
HETATM 849 H H2   . HOH D 3 .  ? 20.851  -3.429  5.510   1.00 0.00  ? 27  HOH C H2   1 
HETATM 850 O O    . HOH D 3 .  ? 23.194  -0.518  3.980   1.00 49.62 ? 28  HOH C O    1 
HETATM 851 H H1   . HOH D 3 .  ? 23.924  -0.829  4.540   1.00 0.00  ? 28  HOH C H1   1 
HETATM 852 H H2   . HOH D 3 .  ? 22.443  -0.676  4.597   1.00 0.00  ? 28  HOH C H2   1 
HETATM 853 O O    . HOH D 3 .  ? 11.315  -8.547  4.854   1.00 63.06 ? 39  HOH C O    1 
HETATM 854 H H1   . HOH D 3 .  ? 10.590  -8.478  5.456   1.00 0.00  ? 39  HOH C H1   1 
HETATM 855 H H2   . HOH D 3 .  ? 11.702  -7.679  4.736   1.00 0.00  ? 39  HOH C H2   1 
HETATM 856 O O    . HOH D 3 .  ? -8.759  -6.654  3.602   1.00 65.83 ? 41  HOH C O    1 
HETATM 857 H H1   . HOH D 3 .  ? -8.209  -6.363  4.325   1.00 0.00  ? 41  HOH C H1   1 
HETATM 858 H H2   . HOH D 3 .  ? -8.438  -6.190  2.814   1.00 0.00  ? 41  HOH C H2   1 
HETATM 859 O O    . HOH D 3 .  ? -10.765 -11.541 -1.983  1.00 58.39 ? 42  HOH C O    1 
HETATM 860 H H1   . HOH D 3 .  ? -10.015 -12.021 -2.352  1.00 0.00  ? 42  HOH C H1   1 
HETATM 861 H H2   . HOH D 3 .  ? -10.606 -10.645 -2.256  1.00 0.00  ? 42  HOH C H2   1 
HETATM 862 O O    . HOH D 3 .  ? -18.115 -4.433  -1.157  1.00 73.66 ? 43  HOH C O    1 
HETATM 863 H H1   . HOH D 3 .  ? -17.498 -4.283  -0.433  1.00 0.00  ? 43  HOH C H1   1 
HETATM 864 H H2   . HOH D 3 .  ? -17.767 -5.163  -1.642  1.00 0.00  ? 43  HOH C H2   1 
# 
